data_7L2V
#
_entry.id   7L2V
#
_cell.length_a   1.00
_cell.length_b   1.00
_cell.length_c   1.00
_cell.angle_alpha   90.00
_cell.angle_beta   90.00
_cell.angle_gamma   90.00
#
_symmetry.space_group_name_H-M   'P 1'
#
loop_
_entity.id
_entity.type
_entity.pdbx_description
1 polymer 'Transient receptor potential cation channel subfamily V member 1'
2 non-polymer resiniferatoxin
3 non-polymer 6-deoxy-6-(methylamino)-D-galactitol
4 non-polymer 'SODIUM ION'
#
_entity_poly.entity_id   1
_entity_poly.type   'polypeptide(L)'
_entity_poly.pdbx_seq_one_letter_code
;GAMGSRLYDRRSIFDAVAQSNCQELESLLPFLQRSKKRLTDSEFKDPETGKTCLLKAMLNLHNGQNDTIALLLDVARKTD
SLKQFVNASYTDSYYKGQTALHIAIERRNMTLVTLLVENGADVQAAANGDFFKKTKGRPGFYFGELPLSLAACTNQLAIV
KFLLQNSWQPADISARDSVGNTVLHALVEVADNTVDNTKFVTSMYNEILILGAKLHPTLKLEEITNRKGLTPLALAASSG
KIGVLAYILQREIHEPECRHLSRKFTEWAYGPVHSSLYDLSCIDTCEKNSVLEVIAYSSSETPNRHDMLLVEPLNRLLQD
KWDRFVKRIFYFNFFVYCLYMIIFTAAAYYRPVEGLPPYKLKNTVGDYFRVTGEILSVSGGVYFFFRGIQYFLQRRPSLK
SLFVDSYSEILFFVQSLFMLVSVVLYFSQRKEYVASMVFSLAMGWTNMLYYTRGFQQMGIYAVMIEKMILRDLCRFMFVY
LVFLFGFSTAVVTLIEDGKYNSLYSTCLELFKFTIGMGDLEFTENYDFKAVFIILLLAYVILTYILLLNMLIALMGETVN
KIAQESKNIWKLQRAITILDTEKSFLKCMRKAFRSGKLLQVGFTPDGKDDYRWCFRVDEVNWTTWNTNVGIINEDPG
;
_entity_poly.pdbx_strand_id   A,D,B,C
#
# COMPACT_ATOMS: atom_id res chain seq x y z
N SER A 89 48.04 -16.73 32.74
CA SER A 89 47.03 -16.30 31.78
C SER A 89 46.78 -17.37 30.74
N TYR A 90 45.75 -17.19 29.93
CA TYR A 90 45.54 -18.04 28.78
C TYR A 90 46.61 -17.78 27.73
N THR A 91 47.08 -18.85 27.10
CA THR A 91 48.09 -18.78 26.05
C THR A 91 47.60 -19.35 24.71
N ASP A 92 46.29 -19.47 24.51
CA ASP A 92 45.75 -19.93 23.24
C ASP A 92 45.62 -18.76 22.26
N SER A 93 45.14 -19.04 21.06
CA SER A 93 44.96 -18.01 20.06
C SER A 93 43.72 -17.16 20.27
N TYR A 94 42.80 -17.57 21.15
CA TYR A 94 41.50 -16.94 21.29
C TYR A 94 41.37 -16.05 22.51
N TYR A 95 41.95 -16.46 23.64
CA TYR A 95 41.84 -15.77 24.92
C TYR A 95 43.18 -15.21 25.39
N LYS A 96 44.12 -14.99 24.47
CA LYS A 96 45.49 -14.62 24.82
C LYS A 96 45.56 -13.36 25.67
N GLY A 97 46.20 -13.48 26.84
CA GLY A 97 46.37 -12.38 27.75
C GLY A 97 45.31 -12.23 28.82
N GLN A 98 44.21 -12.97 28.76
CA GLN A 98 43.20 -12.86 29.79
C GLN A 98 43.75 -13.39 31.11
N THR A 99 43.52 -12.64 32.17
CA THR A 99 43.95 -12.99 33.52
C THR A 99 42.77 -12.85 34.48
N ALA A 100 43.03 -13.12 35.76
CA ALA A 100 41.97 -13.20 36.76
C ALA A 100 41.24 -11.87 36.92
N LEU A 101 41.94 -10.76 36.69
CA LEU A 101 41.32 -9.44 36.86
C LEU A 101 40.18 -9.25 35.85
N HIS A 102 40.40 -9.66 34.60
CA HIS A 102 39.35 -9.55 33.60
C HIS A 102 38.15 -10.42 33.96
N ILE A 103 38.41 -11.62 34.48
CA ILE A 103 37.31 -12.51 34.85
C ILE A 103 36.50 -11.91 35.99
N ALA A 104 37.20 -11.34 36.99
CA ALA A 104 36.50 -10.74 38.12
C ALA A 104 35.66 -9.56 37.68
N ILE A 105 36.19 -8.73 36.77
CA ILE A 105 35.44 -7.56 36.34
C ILE A 105 34.22 -7.99 35.54
N GLU A 106 34.40 -9.00 34.67
CA GLU A 106 33.27 -9.51 33.89
C GLU A 106 32.21 -10.09 34.80
N ARG A 107 32.62 -10.79 35.84
CA ARG A 107 31.67 -11.39 36.78
C ARG A 107 31.00 -10.37 37.69
N ARG A 108 31.41 -9.10 37.67
CA ARG A 108 30.90 -8.08 38.59
C ARG A 108 31.16 -8.49 40.04
N ASN A 109 32.41 -8.86 40.31
CA ASN A 109 32.89 -9.19 41.65
C ASN A 109 33.81 -8.05 42.10
N MET A 110 33.22 -7.07 42.79
CA MET A 110 34.01 -5.95 43.28
C MET A 110 35.05 -6.40 44.29
N THR A 111 34.66 -7.33 45.17
CA THR A 111 35.56 -7.78 46.24
C THR A 111 36.78 -8.48 45.66
N LEU A 112 36.57 -9.35 44.68
CA LEU A 112 37.68 -10.07 44.08
C LEU A 112 38.60 -9.12 43.34
N VAL A 113 38.04 -8.11 42.67
CA VAL A 113 38.86 -7.12 41.99
C VAL A 113 39.73 -6.36 42.99
N THR A 114 39.12 -5.94 44.11
CA THR A 114 39.87 -5.21 45.11
C THR A 114 40.99 -6.06 45.68
N LEU A 115 40.72 -7.33 45.93
CA LEU A 115 41.75 -8.23 46.43
C LEU A 115 42.85 -8.43 45.40
N LEU A 116 42.48 -8.64 44.14
CA LEU A 116 43.47 -8.92 43.10
C LEU A 116 44.39 -7.73 42.87
N VAL A 117 43.81 -6.53 42.86
CA VAL A 117 44.64 -5.34 42.78
C VAL A 117 45.50 -5.19 44.02
N GLU A 118 44.94 -5.53 45.18
CA GLU A 118 45.73 -5.52 46.41
C GLU A 118 46.86 -6.53 46.38
N ASN A 119 46.67 -7.66 45.69
CA ASN A 119 47.67 -8.72 45.63
C ASN A 119 48.66 -8.56 44.47
N GLY A 120 48.72 -7.40 43.83
CA GLY A 120 49.73 -7.14 42.82
C GLY A 120 49.35 -7.45 41.39
N ALA A 121 48.04 -7.46 41.08
CA ALA A 121 47.62 -7.67 39.70
C ALA A 121 48.07 -6.53 38.81
N ASP A 122 48.21 -6.81 37.51
CA ASP A 122 48.53 -5.80 36.51
C ASP A 122 47.23 -5.23 35.95
N VAL A 123 46.99 -3.94 36.19
CA VAL A 123 45.77 -3.29 35.71
C VAL A 123 45.86 -2.83 34.26
N GLN A 124 47.00 -3.01 33.59
CA GLN A 124 47.21 -2.56 32.21
C GLN A 124 47.44 -3.71 31.24
N ALA A 125 47.15 -4.95 31.63
CA ALA A 125 47.42 -6.08 30.76
C ALA A 125 46.49 -6.05 29.55
N ALA A 126 47.02 -6.49 28.40
CA ALA A 126 46.30 -6.48 27.14
C ALA A 126 45.81 -7.89 26.83
N ALA A 127 44.48 -8.05 26.82
CA ALA A 127 43.86 -9.32 26.44
C ALA A 127 43.52 -9.22 24.96
N ASN A 128 44.45 -9.68 24.13
CA ASN A 128 44.42 -9.46 22.68
C ASN A 128 44.21 -10.77 21.92
N GLY A 129 43.46 -11.70 22.50
CA GLY A 129 43.14 -12.92 21.79
C GLY A 129 42.08 -12.68 20.73
N ASP A 130 41.94 -13.68 19.85
CA ASP A 130 41.00 -13.54 18.73
C ASP A 130 39.56 -13.42 19.21
N PHE A 131 39.25 -14.00 20.38
CA PHE A 131 37.91 -13.83 20.93
C PHE A 131 37.66 -12.38 21.35
N PHE A 132 38.71 -11.64 21.72
CA PHE A 132 38.59 -10.30 22.27
C PHE A 132 38.94 -9.19 21.29
N LYS A 133 39.23 -9.51 20.03
CA LYS A 133 39.60 -8.53 19.02
C LYS A 133 38.40 -8.23 18.12
N LYS A 134 38.42 -7.04 17.52
CA LYS A 134 37.38 -6.66 16.57
C LYS A 134 37.45 -7.56 15.35
N THR A 135 36.28 -8.04 14.91
CA THR A 135 36.23 -8.95 13.78
C THR A 135 34.82 -8.95 13.22
N LYS A 136 34.70 -9.37 11.96
CA LYS A 136 33.42 -9.45 11.25
C LYS A 136 32.92 -10.88 11.11
N GLY A 137 33.80 -11.80 10.70
CA GLY A 137 33.41 -13.17 10.41
C GLY A 137 33.62 -14.14 11.55
N ARG A 138 33.37 -13.70 12.78
CA ARG A 138 33.49 -14.55 13.94
C ARG A 138 32.80 -13.87 15.12
N PRO A 139 32.11 -14.58 16.01
CA PRO A 139 31.61 -13.92 17.22
C PRO A 139 32.77 -13.61 18.16
N GLY A 140 32.52 -12.63 19.03
CA GLY A 140 33.51 -12.25 20.01
C GLY A 140 32.97 -11.15 20.89
N PHE A 141 33.82 -10.69 21.81
CA PHE A 141 33.50 -9.61 22.73
C PHE A 141 34.71 -8.68 22.73
N TYR A 142 34.72 -7.70 21.84
CA TYR A 142 35.74 -6.68 21.84
C TYR A 142 35.34 -5.59 22.83
N PHE A 143 36.26 -5.29 23.75
CA PHE A 143 36.06 -4.28 24.77
C PHE A 143 37.21 -3.29 24.87
N GLY A 144 38.29 -3.46 24.11
CA GLY A 144 39.48 -2.63 24.21
C GLY A 144 40.66 -3.28 24.91
N GLU A 145 40.56 -4.57 25.25
CA GLU A 145 41.69 -5.41 25.65
C GLU A 145 42.22 -5.13 27.05
N LEU A 146 41.71 -4.07 27.75
CA LEU A 146 42.25 -3.61 29.02
C LEU A 146 41.24 -3.77 30.15
N PRO A 147 41.67 -3.97 31.41
CA PRO A 147 40.67 -4.03 32.50
C PRO A 147 39.84 -2.77 32.67
N LEU A 148 40.45 -1.60 32.46
CA LEU A 148 39.71 -0.35 32.60
C LEU A 148 38.61 -0.26 31.55
N SER A 149 38.93 -0.62 30.31
CA SER A 149 37.93 -0.59 29.26
C SER A 149 36.86 -1.64 29.51
N LEU A 150 37.22 -2.79 30.08
CA LEU A 150 36.22 -3.80 30.39
C LEU A 150 35.24 -3.29 31.44
N ALA A 151 35.77 -2.62 32.47
CA ALA A 151 34.90 -2.04 33.48
C ALA A 151 34.00 -0.98 32.87
N ALA A 152 34.54 -0.19 31.94
CA ALA A 152 33.76 0.84 31.30
C ALA A 152 32.61 0.24 30.48
N CYS A 153 32.91 -0.77 29.67
CA CYS A 153 31.91 -1.37 28.80
C CYS A 153 30.84 -2.12 29.58
N THR A 154 31.17 -2.66 30.75
CA THR A 154 30.25 -3.48 31.52
C THR A 154 29.37 -2.66 32.47
N ASN A 155 29.48 -1.33 32.47
CA ASN A 155 28.67 -0.45 33.31
C ASN A 155 28.91 -0.72 34.79
N GLN A 156 30.18 -0.68 35.19
CA GLN A 156 30.62 -0.88 36.56
C GLN A 156 31.34 0.39 36.99
N LEU A 157 30.59 1.36 37.49
CA LEU A 157 31.16 2.63 37.92
C LEU A 157 32.15 2.45 39.07
N ALA A 158 31.81 1.56 40.01
CA ALA A 158 32.63 1.36 41.20
C ALA A 158 34.02 0.86 40.83
N ILE A 159 34.08 -0.08 39.89
CA ILE A 159 35.38 -0.64 39.51
C ILE A 159 36.21 0.40 38.78
N VAL A 160 35.58 1.22 37.94
CA VAL A 160 36.32 2.24 37.22
C VAL A 160 36.92 3.25 38.19
N LYS A 161 36.10 3.71 39.15
CA LYS A 161 36.60 4.65 40.14
C LYS A 161 37.71 4.04 40.97
N PHE A 162 37.57 2.75 41.31
CA PHE A 162 38.62 2.07 42.05
C PHE A 162 39.90 2.01 41.24
N LEU A 163 39.82 1.54 39.99
CA LEU A 163 41.00 1.31 39.16
C LEU A 163 41.76 2.60 38.93
N LEU A 164 41.05 3.70 38.73
CA LEU A 164 41.74 4.97 38.55
C LEU A 164 42.27 5.51 39.88
N GLN A 165 41.47 5.46 40.93
CA GLN A 165 41.74 6.22 42.15
C GLN A 165 42.47 5.42 43.22
N ASN A 166 42.63 4.12 43.07
CA ASN A 166 43.29 3.33 44.11
C ASN A 166 44.77 3.67 44.19
N SER A 167 45.30 3.64 45.41
CA SER A 167 46.70 3.91 45.64
C SER A 167 47.59 2.69 45.46
N TRP A 168 47.01 1.49 45.44
CA TRP A 168 47.82 0.29 45.21
C TRP A 168 48.43 0.32 43.82
N GLN A 169 47.62 0.54 42.81
CA GLN A 169 48.06 0.51 41.42
C GLN A 169 47.05 1.28 40.57
N PRO A 170 47.21 2.59 40.37
CA PRO A 170 46.22 3.31 39.56
C PRO A 170 46.36 2.96 38.09
N ALA A 171 45.22 2.96 37.40
CA ALA A 171 45.20 2.67 35.98
C ALA A 171 45.57 3.92 35.18
N ASP A 172 46.03 3.69 33.95
CA ASP A 172 46.34 4.78 33.02
C ASP A 172 45.09 5.11 32.21
N ILE A 173 44.48 6.26 32.51
CA ILE A 173 43.24 6.66 31.83
C ILE A 173 43.45 6.91 30.35
N SER A 174 44.69 7.18 29.92
CA SER A 174 45.01 7.42 28.51
C SER A 174 45.52 6.19 27.78
N ALA A 175 45.41 5.01 28.38
CA ALA A 175 45.98 3.81 27.78
C ALA A 175 45.31 3.48 26.45
N ARG A 176 46.13 3.07 25.48
CA ARG A 176 45.70 2.73 24.13
C ARG A 176 46.00 1.27 23.83
N ASP A 177 45.01 0.59 23.27
CA ASP A 177 45.13 -0.83 22.97
C ASP A 177 45.92 -1.02 21.68
N SER A 178 45.94 -2.26 21.17
CA SER A 178 46.66 -2.55 19.94
C SER A 178 46.08 -1.79 18.75
N VAL A 179 44.76 -1.59 18.73
CA VAL A 179 44.13 -0.77 17.70
C VAL A 179 44.33 0.73 17.95
N GLY A 180 44.90 1.10 19.09
CA GLY A 180 45.01 2.49 19.46
C GLY A 180 43.78 3.05 20.14
N ASN A 181 42.74 2.26 20.32
CA ASN A 181 41.53 2.72 20.98
C ASN A 181 41.79 2.94 22.46
N THR A 182 41.27 4.05 22.97
CA THR A 182 41.22 4.33 24.40
C THR A 182 39.89 3.81 24.95
N VAL A 183 39.64 4.08 26.23
CA VAL A 183 38.37 3.69 26.83
C VAL A 183 37.21 4.39 26.14
N LEU A 184 37.41 5.63 25.70
CA LEU A 184 36.34 6.35 25.02
C LEU A 184 36.06 5.74 23.65
N HIS A 185 37.12 5.39 22.92
CA HIS A 185 36.93 4.67 21.67
C HIS A 185 36.23 3.34 21.92
N ALA A 186 36.58 2.66 23.01
CA ALA A 186 35.91 1.41 23.35
C ALA A 186 34.43 1.64 23.66
N LEU A 187 34.11 2.70 24.38
CA LEU A 187 32.71 2.99 24.70
C LEU A 187 31.93 3.28 23.44
N VAL A 188 32.51 4.06 22.53
CA VAL A 188 31.84 4.38 21.29
C VAL A 188 31.66 3.12 20.45
N GLU A 189 32.63 2.21 20.51
CA GLU A 189 32.55 0.98 19.75
C GLU A 189 31.35 0.13 20.16
N VAL A 190 31.09 0.01 21.45
CA VAL A 190 30.04 -0.88 21.94
C VAL A 190 28.67 -0.22 21.94
N ALA A 191 28.54 0.97 21.36
CA ALA A 191 27.22 1.57 21.23
C ALA A 191 26.43 0.86 20.15
N ASP A 192 25.10 0.97 20.22
CA ASP A 192 24.23 0.40 19.20
C ASP A 192 22.95 1.20 18.96
N ASN A 193 22.85 2.44 19.47
CA ASN A 193 21.76 3.36 19.17
C ASN A 193 20.40 2.89 19.68
N THR A 194 20.38 2.06 20.72
CA THR A 194 19.16 1.78 21.47
C THR A 194 19.11 2.64 22.73
N VAL A 195 17.94 2.67 23.36
CA VAL A 195 17.71 3.62 24.45
C VAL A 195 18.58 3.29 25.65
N ASP A 196 18.56 2.03 26.08
CA ASP A 196 19.33 1.65 27.26
C ASP A 196 20.82 1.72 26.98
N ASN A 197 21.24 1.27 25.80
CA ASN A 197 22.63 1.36 25.42
C ASN A 197 23.10 2.81 25.39
N THR A 198 22.26 3.70 24.87
CA THR A 198 22.57 5.11 24.89
C THR A 198 22.73 5.63 26.31
N LYS A 199 21.83 5.23 27.22
CA LYS A 199 21.92 5.69 28.60
C LYS A 199 23.21 5.22 29.26
N PHE A 200 23.54 3.93 29.10
CA PHE A 200 24.76 3.38 29.69
C PHE A 200 25.99 4.10 29.17
N VAL A 201 26.07 4.22 27.85
CA VAL A 201 27.28 4.74 27.23
C VAL A 201 27.43 6.21 27.55
N THR A 202 26.34 6.97 27.50
CA THR A 202 26.39 8.39 27.83
C THR A 202 26.83 8.60 29.27
N SER A 203 26.23 7.85 30.20
CA SER A 203 26.56 8.03 31.61
C SER A 203 28.02 7.71 31.87
N MET A 204 28.49 6.56 31.40
CA MET A 204 29.86 6.14 31.65
C MET A 204 30.85 7.08 30.98
N TYR A 205 30.54 7.53 29.76
CA TYR A 205 31.41 8.45 29.05
C TYR A 205 31.56 9.76 29.82
N ASN A 206 30.43 10.30 30.27
CA ASN A 206 30.48 11.56 31.03
C ASN A 206 31.28 11.40 32.30
N GLU A 207 31.07 10.29 33.01
CA GLU A 207 31.76 10.10 34.28
C GLU A 207 33.26 9.95 34.07
N ILE A 208 33.66 9.22 33.03
CA ILE A 208 35.08 9.08 32.76
C ILE A 208 35.69 10.43 32.43
N LEU A 209 34.96 11.26 31.69
CA LEU A 209 35.51 12.57 31.36
C LEU A 209 35.69 13.43 32.62
N ILE A 210 34.72 13.37 33.54
CA ILE A 210 34.83 14.15 34.77
C ILE A 210 36.03 13.67 35.58
N LEU A 211 36.20 12.35 35.69
CA LEU A 211 37.33 11.80 36.43
C LEU A 211 38.66 12.17 35.78
N GLY A 212 38.69 12.17 34.44
CA GLY A 212 39.91 12.54 33.75
C GLY A 212 40.29 13.98 34.01
N ALA A 213 39.29 14.87 34.01
CA ALA A 213 39.56 16.28 34.29
C ALA A 213 40.07 16.47 35.71
N LYS A 214 39.48 15.75 36.67
CA LYS A 214 39.91 15.93 38.05
C LYS A 214 41.30 15.37 38.27
N LEU A 215 41.56 14.16 37.80
CA LEU A 215 42.83 13.51 38.07
C LEU A 215 43.95 14.10 37.24
N HIS A 216 43.65 14.48 35.99
CA HIS A 216 44.64 14.90 35.01
C HIS A 216 44.11 16.13 34.29
N PRO A 217 44.15 17.30 34.94
CA PRO A 217 43.54 18.50 34.32
C PRO A 217 44.18 18.94 33.03
N THR A 218 45.44 18.55 32.78
CA THR A 218 46.14 18.90 31.55
C THR A 218 45.98 17.86 30.45
N LEU A 219 45.22 16.79 30.68
CA LEU A 219 45.03 15.72 29.71
C LEU A 219 43.73 15.94 28.96
N LYS A 220 43.78 15.88 27.64
CA LYS A 220 42.61 15.98 26.76
C LYS A 220 42.42 14.63 26.07
N LEU A 221 41.55 13.80 26.65
CA LEU A 221 41.34 12.47 26.10
C LEU A 221 40.68 12.52 24.73
N GLU A 222 39.73 13.44 24.54
CA GLU A 222 38.92 13.41 23.33
C GLU A 222 39.73 13.74 22.08
N GLU A 223 40.89 14.38 22.22
CA GLU A 223 41.75 14.64 21.08
C GLU A 223 42.63 13.45 20.73
N ILE A 224 42.64 12.38 21.53
CA ILE A 224 43.49 11.23 21.24
C ILE A 224 42.90 10.48 20.06
N THR A 225 43.75 10.18 19.08
CA THR A 225 43.36 9.43 17.90
C THR A 225 43.87 8.00 17.99
N ASN A 226 43.05 7.07 17.51
CA ASN A 226 43.42 5.66 17.46
C ASN A 226 44.35 5.44 16.26
N ARG A 227 44.63 4.18 15.95
CA ARG A 227 45.56 3.87 14.87
C ARG A 227 45.04 4.35 13.51
N LYS A 228 43.73 4.35 13.32
CA LYS A 228 43.13 4.82 12.08
C LYS A 228 42.99 6.33 12.05
N GLY A 229 43.49 7.06 13.05
CA GLY A 229 43.43 8.50 13.04
C GLY A 229 42.11 9.08 13.46
N LEU A 230 41.25 8.30 14.11
CA LEU A 230 39.92 8.74 14.51
C LEU A 230 39.86 9.07 15.99
N THR A 231 39.30 10.21 16.31
CA THR A 231 38.91 10.55 17.66
C THR A 231 37.60 9.87 17.98
N PRO A 232 37.19 9.84 19.25
CA PRO A 232 35.87 9.26 19.57
C PRO A 232 34.73 9.93 18.85
N LEU A 233 34.83 11.23 18.62
CA LEU A 233 33.80 11.91 17.83
C LEU A 233 33.84 11.44 16.39
N ALA A 234 35.03 11.41 15.79
CA ALA A 234 35.17 10.92 14.43
C ALA A 234 34.80 9.46 14.34
N LEU A 235 35.11 8.68 15.37
CA LEU A 235 34.75 7.26 15.37
C LEU A 235 33.24 7.09 15.39
N ALA A 236 32.55 7.85 16.25
CA ALA A 236 31.09 7.76 16.31
C ALA A 236 30.47 8.21 15.00
N ALA A 237 31.02 9.26 14.39
CA ALA A 237 30.52 9.72 13.11
C ALA A 237 30.71 8.67 12.03
N SER A 238 31.88 8.03 12.00
CA SER A 238 32.15 7.01 11.01
C SER A 238 31.21 5.83 11.17
N SER A 239 31.00 5.38 12.39
CA SER A 239 30.18 4.19 12.62
C SER A 239 28.69 4.47 12.58
N GLY A 240 28.26 5.72 12.62
CA GLY A 240 26.85 6.03 12.62
C GLY A 240 26.19 5.90 13.97
N LYS A 241 26.93 6.12 15.05
CA LYS A 241 26.36 6.07 16.40
C LYS A 241 25.61 7.38 16.63
N ILE A 242 24.34 7.38 16.22
CA ILE A 242 23.55 8.62 16.26
C ILE A 242 23.37 9.11 17.69
N GLY A 243 23.14 8.20 18.63
CA GLY A 243 22.90 8.61 20.00
C GLY A 243 24.14 9.25 20.62
N VAL A 244 25.30 8.71 20.33
CA VAL A 244 26.53 9.24 20.91
C VAL A 244 26.83 10.61 20.33
N LEU A 245 26.57 10.82 19.05
CA LEU A 245 26.71 12.16 18.49
C LEU A 245 25.72 13.13 19.10
N ALA A 246 24.47 12.68 19.28
CA ALA A 246 23.46 13.53 19.90
C ALA A 246 23.89 13.95 21.29
N TYR A 247 24.51 13.04 22.02
CA TYR A 247 25.06 13.40 23.32
C TYR A 247 26.22 14.39 23.17
N ILE A 248 27.20 14.07 22.32
CA ILE A 248 28.46 14.79 22.34
C ILE A 248 28.28 16.22 21.85
N LEU A 249 27.64 16.39 20.69
CA LEU A 249 27.57 17.71 20.07
C LEU A 249 26.78 18.69 20.92
N GLN A 250 25.81 18.21 21.68
CA GLN A 250 24.94 19.03 22.50
C GLN A 250 25.28 18.92 23.98
N ARG A 251 26.52 18.58 24.30
CA ARG A 251 26.90 18.29 25.67
C ARG A 251 27.05 19.57 26.47
N GLU A 252 26.40 19.62 27.64
CA GLU A 252 26.46 20.77 28.53
C GLU A 252 26.58 20.27 29.96
N ILE A 253 27.57 20.78 30.69
CA ILE A 253 27.84 20.40 32.07
C ILE A 253 27.62 21.61 32.94
N HIS A 254 26.65 21.52 33.84
CA HIS A 254 26.35 22.56 34.83
C HIS A 254 27.05 22.21 36.14
N GLU A 255 28.38 22.28 36.09
CA GLU A 255 29.23 21.98 37.23
C GLU A 255 30.45 22.88 37.08
N PRO A 256 30.89 23.58 38.13
CA PRO A 256 32.10 24.39 37.99
C PRO A 256 33.36 23.52 38.02
N GLU A 257 34.45 24.11 37.53
CA GLU A 257 35.79 23.54 37.45
C GLU A 257 35.94 22.47 36.37
N CYS A 258 34.88 22.15 35.62
CA CYS A 258 34.95 21.24 34.48
C CYS A 258 34.08 21.72 33.33
N ARG A 259 33.74 23.01 33.29
CA ARG A 259 32.95 23.53 32.19
C ARG A 259 33.67 23.47 30.86
N HIS A 260 35.00 23.43 30.86
CA HIS A 260 35.75 23.33 29.62
C HIS A 260 35.52 22.01 28.90
N LEU A 261 34.93 21.02 29.55
CA LEU A 261 34.50 19.80 28.89
C LEU A 261 33.18 19.94 28.14
N SER A 262 32.42 21.01 28.38
CA SER A 262 31.16 21.19 27.68
C SER A 262 31.41 21.72 26.27
N ARG A 263 30.47 21.42 25.37
CA ARG A 263 30.47 21.90 24.00
C ARG A 263 29.31 22.85 23.70
N LYS A 264 28.20 22.70 24.39
CA LYS A 264 27.07 23.63 24.28
C LYS A 264 27.14 24.61 25.44
N PHE A 265 26.99 25.88 25.13
CA PHE A 265 27.00 26.96 26.11
C PHE A 265 25.77 27.80 25.87
N THR A 266 24.90 27.92 26.87
CA THR A 266 23.65 28.64 26.72
C THR A 266 23.86 30.09 27.10
N GLU A 267 23.57 30.98 26.15
CA GLU A 267 23.72 32.42 26.38
C GLU A 267 22.49 33.03 27.01
N TRP A 268 21.31 32.68 26.53
CA TRP A 268 20.10 33.17 27.19
C TRP A 268 18.91 32.36 26.73
N ALA A 269 17.78 32.56 27.41
CA ALA A 269 16.55 31.87 27.08
C ALA A 269 15.38 32.80 27.36
N TYR A 270 14.37 32.71 26.49
CA TYR A 270 13.06 33.29 26.69
C TYR A 270 12.06 32.13 26.70
N GLY A 271 10.77 32.46 26.67
CA GLY A 271 9.70 31.49 26.81
C GLY A 271 9.79 30.27 25.92
N PRO A 272 9.68 30.45 24.60
CA PRO A 272 9.93 29.36 23.66
C PRO A 272 11.33 29.35 23.06
N VAL A 273 12.07 30.45 23.13
CA VAL A 273 13.27 30.66 22.34
C VAL A 273 14.48 30.70 23.27
N HIS A 274 15.60 30.15 22.80
CA HIS A 274 16.85 30.30 23.53
C HIS A 274 18.03 30.29 22.57
N SER A 275 19.08 31.01 22.96
CA SER A 275 20.29 31.18 22.16
C SER A 275 21.47 30.60 22.92
N SER A 276 22.25 29.80 22.22
CA SER A 276 23.40 29.09 22.78
C SER A 276 24.55 29.17 21.79
N LEU A 277 25.73 28.80 22.26
CA LEU A 277 26.94 28.68 21.46
C LEU A 277 27.37 27.23 21.39
N TYR A 278 27.89 26.84 20.24
CA TYR A 278 28.37 25.50 19.98
C TYR A 278 29.85 25.53 19.62
N ASP A 279 30.59 24.51 20.06
CA ASP A 279 32.04 24.56 20.05
C ASP A 279 32.61 24.64 18.64
N LEU A 280 32.07 23.84 17.71
CA LEU A 280 32.45 23.83 16.30
C LEU A 280 33.83 23.24 15.99
N SER A 281 34.64 22.93 17.00
CA SER A 281 35.97 22.43 16.71
C SER A 281 35.90 21.02 16.16
N CYS A 282 36.67 20.77 15.10
CA CYS A 282 36.69 19.50 14.39
C CYS A 282 35.33 19.14 13.81
N ILE A 283 34.50 20.13 13.52
CA ILE A 283 33.33 19.96 12.66
C ILE A 283 33.64 20.40 11.24
N ASP A 284 34.16 21.62 11.10
CA ASP A 284 34.51 22.21 9.81
C ASP A 284 35.99 22.18 9.52
N THR A 285 36.81 22.65 10.46
CA THR A 285 38.25 22.72 10.32
C THR A 285 38.85 21.81 11.37
N CYS A 286 39.49 20.74 10.92
CA CYS A 286 40.18 19.78 11.79
C CYS A 286 41.62 19.58 11.36
N GLU A 287 41.88 19.67 10.05
CA GLU A 287 43.11 19.37 9.34
C GLU A 287 43.43 17.88 9.23
N LYS A 288 42.69 17.00 9.93
CA LYS A 288 42.91 15.56 9.83
C LYS A 288 41.70 14.86 9.24
N ASN A 289 40.56 14.91 9.94
CA ASN A 289 39.36 14.21 9.47
C ASN A 289 38.17 14.80 10.23
N SER A 290 37.42 15.68 9.57
CA SER A 290 36.34 16.39 10.23
C SER A 290 35.08 15.54 10.26
N VAL A 291 34.12 15.97 11.07
CA VAL A 291 32.87 15.21 11.21
C VAL A 291 32.10 15.23 9.89
N LEU A 292 32.02 16.39 9.25
CA LEU A 292 31.23 16.49 8.03
C LEU A 292 31.83 15.65 6.90
N GLU A 293 33.16 15.64 6.80
CA GLU A 293 33.80 14.77 5.81
C GLU A 293 33.49 13.32 6.08
N VAL A 294 33.54 12.92 7.35
CA VAL A 294 33.32 11.53 7.71
C VAL A 294 31.89 11.12 7.39
N ILE A 295 30.92 11.99 7.69
CA ILE A 295 29.53 11.65 7.41
C ILE A 295 29.30 11.60 5.90
N ALA A 296 29.79 12.62 5.18
CA ALA A 296 29.50 12.73 3.76
C ALA A 296 30.13 11.61 2.96
N TYR A 297 31.41 11.33 3.20
CA TYR A 297 32.14 10.33 2.44
C TYR A 297 32.04 8.94 3.06
N SER A 298 30.97 8.68 3.81
CA SER A 298 30.73 7.33 4.30
C SER A 298 30.34 6.43 3.15
N SER A 299 30.38 5.13 3.40
CA SER A 299 30.27 4.11 2.36
C SER A 299 28.84 3.71 2.05
N SER A 300 27.84 4.42 2.56
CA SER A 300 26.41 4.16 2.34
C SER A 300 25.88 2.95 3.08
N GLU A 301 26.73 2.21 3.81
CA GLU A 301 26.30 1.14 4.70
C GLU A 301 26.01 1.63 6.11
N THR A 302 26.39 2.85 6.44
CA THR A 302 26.15 3.40 7.76
C THR A 302 24.65 3.49 8.02
N PRO A 303 24.10 2.85 9.07
CA PRO A 303 22.63 2.79 9.19
C PRO A 303 21.92 4.13 9.31
N ASN A 304 22.56 5.12 9.95
CA ASN A 304 21.95 6.41 10.24
C ASN A 304 22.69 7.53 9.52
N ARG A 305 23.14 7.27 8.29
CA ARG A 305 23.85 8.27 7.51
C ARG A 305 23.01 9.51 7.29
N HIS A 306 21.72 9.33 7.04
CA HIS A 306 20.85 10.45 6.76
C HIS A 306 20.43 11.21 8.01
N ASP A 307 20.20 10.50 9.11
CA ASP A 307 19.73 11.15 10.32
C ASP A 307 20.83 11.95 11.01
N MET A 308 22.09 11.60 10.77
CA MET A 308 23.19 12.32 11.41
C MET A 308 23.21 13.78 11.01
N LEU A 309 22.76 14.12 9.81
CA LEU A 309 22.74 15.50 9.38
C LEU A 309 21.59 16.29 9.97
N LEU A 310 20.65 15.66 10.68
CA LEU A 310 19.57 16.35 11.34
C LEU A 310 19.95 16.85 12.74
N VAL A 311 21.09 16.44 13.28
CA VAL A 311 21.51 16.95 14.58
C VAL A 311 21.85 18.42 14.43
N GLU A 312 21.30 19.25 15.32
CA GLU A 312 21.08 20.68 15.11
C GLU A 312 22.29 21.50 14.69
N PRO A 313 23.46 21.39 15.36
CA PRO A 313 24.63 22.16 14.91
C PRO A 313 25.00 21.90 13.46
N LEU A 314 24.95 20.65 13.04
CA LEU A 314 25.31 20.34 11.66
C LEU A 314 24.29 20.90 10.69
N ASN A 315 23.00 20.76 11.01
CA ASN A 315 21.97 21.24 10.12
C ASN A 315 22.04 22.75 9.95
N ARG A 316 22.27 23.47 11.04
CA ARG A 316 22.40 24.91 10.95
C ARG A 316 23.68 25.31 10.22
N LEU A 317 24.77 24.56 10.40
CA LEU A 317 25.98 24.88 9.68
C LEU A 317 25.79 24.74 8.18
N LEU A 318 25.18 23.64 7.76
CA LEU A 318 24.98 23.43 6.33
C LEU A 318 24.03 24.46 5.77
N GLN A 319 22.98 24.81 6.52
CA GLN A 319 22.08 25.85 6.05
C GLN A 319 22.79 27.19 5.92
N ASP A 320 23.63 27.54 6.89
CA ASP A 320 24.33 28.82 6.83
C ASP A 320 25.33 28.83 5.69
N LYS A 321 26.10 27.76 5.54
CA LYS A 321 27.07 27.70 4.46
C LYS A 321 26.38 27.75 3.10
N TRP A 322 25.23 27.08 2.98
CA TRP A 322 24.48 27.11 1.74
C TRP A 322 24.02 28.52 1.43
N ASP A 323 23.35 29.17 2.38
CA ASP A 323 22.82 30.49 2.10
C ASP A 323 23.91 31.54 1.94
N ARG A 324 25.08 31.32 2.52
CA ARG A 324 26.07 32.39 2.57
C ARG A 324 26.72 32.59 1.21
N PHE A 325 27.48 31.60 0.74
CA PHE A 325 28.27 31.74 -0.48
C PHE A 325 28.19 30.53 -1.41
N VAL A 326 27.85 29.35 -0.89
CA VAL A 326 27.93 28.15 -1.71
C VAL A 326 26.83 28.14 -2.76
N LYS A 327 25.65 28.67 -2.42
CA LYS A 327 24.52 28.68 -3.35
C LYS A 327 24.86 29.41 -4.64
N ARG A 328 25.47 30.59 -4.52
CA ARG A 328 25.83 31.34 -5.70
C ARG A 328 26.88 30.63 -6.52
N ILE A 329 27.86 30.01 -5.87
CA ILE A 329 28.91 29.31 -6.62
C ILE A 329 28.32 28.12 -7.36
N PHE A 330 27.39 27.41 -6.73
CA PHE A 330 26.74 26.29 -7.39
C PHE A 330 25.98 26.74 -8.62
N TYR A 331 25.21 27.83 -8.49
CA TYR A 331 24.47 28.31 -9.65
C TYR A 331 25.41 28.78 -10.74
N PHE A 332 26.52 29.41 -10.37
CA PHE A 332 27.49 29.86 -11.35
C PHE A 332 28.09 28.68 -12.11
N ASN A 333 28.43 27.61 -11.39
CA ASN A 333 28.98 26.43 -12.05
C ASN A 333 27.96 25.79 -12.97
N PHE A 334 26.70 25.76 -12.56
CA PHE A 334 25.65 25.23 -13.42
C PHE A 334 25.55 26.04 -14.70
N PHE A 335 25.60 27.36 -14.58
CA PHE A 335 25.54 28.23 -15.75
C PHE A 335 26.72 27.99 -16.68
N VAL A 336 27.92 27.88 -16.12
CA VAL A 336 29.10 27.66 -16.95
C VAL A 336 29.00 26.33 -17.68
N TYR A 337 28.52 25.30 -16.98
CA TYR A 337 28.36 24.01 -17.62
C TYR A 337 27.36 24.08 -18.75
N CYS A 338 26.27 24.83 -18.56
CA CYS A 338 25.31 25.00 -19.65
C CYS A 338 25.94 25.68 -20.85
N LEU A 339 26.74 26.72 -20.63
CA LEU A 339 27.41 27.36 -21.76
C LEU A 339 28.36 26.41 -22.46
N TYR A 340 29.07 25.60 -21.68
CA TYR A 340 29.97 24.62 -22.25
C TYR A 340 29.23 23.65 -23.14
N MET A 341 28.09 23.15 -22.66
CA MET A 341 27.34 22.20 -23.44
C MET A 341 26.77 22.84 -24.69
N ILE A 342 26.35 24.09 -24.62
CA ILE A 342 25.83 24.76 -25.80
C ILE A 342 26.92 24.91 -26.85
N ILE A 343 28.13 25.30 -26.41
CA ILE A 343 29.23 25.44 -27.35
C ILE A 343 29.60 24.11 -27.95
N PHE A 344 29.67 23.06 -27.15
CA PHE A 344 30.00 21.74 -27.68
C PHE A 344 28.95 21.28 -28.68
N THR A 345 27.69 21.52 -28.37
CA THR A 345 26.60 21.12 -29.26
C THR A 345 26.72 21.83 -30.60
N ALA A 346 26.90 23.15 -30.56
CA ALA A 346 27.02 23.92 -31.79
C ALA A 346 28.23 23.50 -32.59
N ALA A 347 29.34 23.20 -31.91
CA ALA A 347 30.54 22.77 -32.61
C ALA A 347 30.33 21.43 -33.30
N ALA A 348 29.73 20.47 -32.60
CA ALA A 348 29.53 19.16 -33.19
C ALA A 348 28.57 19.20 -34.35
N TYR A 349 27.53 20.04 -34.25
CA TYR A 349 26.50 20.08 -35.28
C TYR A 349 27.07 20.49 -36.63
N TYR A 350 27.96 21.47 -36.64
CA TYR A 350 28.52 22.03 -37.87
C TYR A 350 29.87 21.42 -38.24
N ARG A 351 30.08 20.14 -37.95
CA ARG A 351 31.32 19.52 -38.36
C ARG A 351 31.38 19.44 -39.88
N PRO A 352 32.56 19.47 -40.48
CA PRO A 352 32.64 19.25 -41.92
C PRO A 352 32.40 17.79 -42.25
N VAL A 353 31.93 17.56 -43.47
CA VAL A 353 31.60 16.22 -43.97
C VAL A 353 32.66 15.68 -44.93
N GLU A 354 33.81 16.34 -45.04
CA GLU A 354 34.88 15.85 -45.90
C GLU A 354 35.61 14.71 -45.22
N GLY A 355 36.38 13.97 -46.02
CA GLY A 355 37.05 12.79 -45.53
C GLY A 355 38.40 13.11 -44.92
N LEU A 356 38.92 12.12 -44.19
CA LEU A 356 40.29 12.14 -43.67
C LEU A 356 40.59 13.36 -42.82
N PRO A 357 40.15 13.42 -41.55
CA PRO A 357 40.56 14.51 -40.68
C PRO A 357 42.05 14.46 -40.43
N PRO A 358 42.66 15.55 -39.94
CA PRO A 358 42.13 16.86 -39.57
C PRO A 358 41.80 17.70 -40.79
N TYR A 359 41.00 18.74 -40.60
CA TYR A 359 40.54 19.60 -41.69
C TYR A 359 41.21 20.96 -41.61
N LYS A 360 41.65 21.45 -42.76
CA LYS A 360 42.33 22.73 -42.82
C LYS A 360 41.35 23.87 -42.65
N LEU A 361 41.78 24.92 -41.96
CA LEU A 361 40.96 26.09 -41.73
C LEU A 361 40.96 26.98 -42.96
N LYS A 362 39.81 27.61 -43.22
CA LYS A 362 39.65 28.62 -44.24
C LYS A 362 39.57 29.99 -43.57
N ASN A 363 39.92 31.02 -44.35
CA ASN A 363 39.83 32.40 -43.86
C ASN A 363 38.38 32.86 -43.97
N THR A 364 37.56 32.33 -43.07
CA THR A 364 36.17 32.68 -42.98
C THR A 364 35.73 32.56 -41.53
N VAL A 365 34.71 33.33 -41.16
CA VAL A 365 34.28 33.42 -39.77
C VAL A 365 33.80 32.07 -39.27
N GLY A 366 33.16 31.29 -40.15
CA GLY A 366 32.64 29.99 -39.76
C GLY A 366 33.72 29.05 -39.25
N ASP A 367 34.85 28.99 -39.95
CA ASP A 367 35.91 28.09 -39.53
C ASP A 367 36.52 28.53 -38.22
N TYR A 368 36.68 29.83 -38.01
CA TYR A 368 37.26 30.31 -36.76
C TYR A 368 36.36 30.00 -35.58
N PHE A 369 35.06 30.25 -35.72
CA PHE A 369 34.16 29.95 -34.62
C PHE A 369 34.07 28.44 -34.40
N ARG A 370 34.13 27.66 -35.48
CA ARG A 370 34.09 26.20 -35.32
C ARG A 370 35.31 25.69 -34.56
N VAL A 371 36.51 26.14 -34.92
CA VAL A 371 37.69 25.63 -34.25
C VAL A 371 37.77 26.16 -32.83
N THR A 372 37.25 27.37 -32.60
CA THR A 372 37.11 27.86 -31.23
C THR A 372 36.25 26.94 -30.39
N GLY A 373 35.10 26.53 -30.94
CA GLY A 373 34.24 25.60 -30.22
C GLY A 373 34.92 24.26 -29.99
N GLU A 374 35.66 23.77 -30.97
CA GLU A 374 36.38 22.52 -30.79
C GLU A 374 37.40 22.61 -29.67
N ILE A 375 38.12 23.73 -29.62
CA ILE A 375 39.16 23.91 -28.62
C ILE A 375 38.54 23.96 -27.22
N LEU A 376 37.42 24.69 -27.09
CA LEU A 376 36.76 24.74 -25.79
C LEU A 376 36.21 23.39 -25.39
N SER A 377 35.69 22.62 -26.35
CA SER A 377 35.16 21.30 -26.02
C SER A 377 36.26 20.38 -25.50
N VAL A 378 37.41 20.37 -26.18
CA VAL A 378 38.50 19.51 -25.74
C VAL A 378 39.04 19.99 -24.39
N SER A 379 39.07 21.31 -24.19
CA SER A 379 39.47 21.87 -22.91
C SER A 379 38.59 21.35 -21.79
N GLY A 380 37.27 21.38 -21.99
CA GLY A 380 36.37 20.91 -20.96
C GLY A 380 36.53 19.43 -20.69
N GLY A 381 36.72 18.64 -21.75
CA GLY A 381 36.95 17.22 -21.55
C GLY A 381 38.20 16.95 -20.74
N VAL A 382 39.27 17.69 -21.01
CA VAL A 382 40.52 17.51 -20.26
C VAL A 382 40.31 17.89 -18.80
N TYR A 383 39.57 18.98 -18.56
CA TYR A 383 39.29 19.41 -17.19
C TYR A 383 38.58 18.33 -16.42
N PHE A 384 37.50 17.79 -16.99
CA PHE A 384 36.75 16.74 -16.30
C PHE A 384 37.60 15.50 -16.09
N PHE A 385 38.48 15.21 -17.04
CA PHE A 385 39.37 14.05 -16.91
C PHE A 385 40.26 14.18 -15.68
N PHE A 386 40.94 15.32 -15.55
CA PHE A 386 41.84 15.47 -14.41
C PHE A 386 41.08 15.53 -13.11
N ARG A 387 39.90 16.16 -13.11
CA ARG A 387 39.10 16.21 -11.91
C ARG A 387 38.69 14.81 -11.47
N GLY A 388 38.35 13.96 -12.43
CA GLY A 388 37.99 12.60 -12.09
C GLY A 388 39.14 11.82 -11.50
N ILE A 389 40.33 11.97 -12.07
CA ILE A 389 41.48 11.26 -11.51
C ILE A 389 41.77 11.75 -10.10
N GLN A 390 41.65 13.06 -9.87
CA GLN A 390 41.86 13.60 -8.53
C GLN A 390 40.85 13.00 -7.55
N TYR A 391 39.60 12.88 -7.98
CA TYR A 391 38.58 12.29 -7.11
C TYR A 391 38.92 10.85 -6.75
N PHE A 392 39.26 10.04 -7.75
CA PHE A 392 39.50 8.63 -7.48
C PHE A 392 40.73 8.43 -6.61
N LEU A 393 41.80 9.20 -6.88
CA LEU A 393 43.00 9.05 -6.06
C LEU A 393 42.76 9.53 -4.64
N GLN A 394 41.98 10.59 -4.47
CA GLN A 394 41.76 11.10 -3.12
C GLN A 394 40.85 10.19 -2.30
N ARG A 395 39.88 9.54 -2.95
CA ARG A 395 38.98 8.64 -2.24
C ARG A 395 39.50 7.21 -2.17
N ARG A 396 40.09 6.71 -3.25
CA ARG A 396 40.47 5.31 -3.37
C ARG A 396 39.33 4.35 -3.06
N PRO A 397 38.21 4.45 -3.77
CA PRO A 397 37.07 3.57 -3.46
C PRO A 397 37.35 2.13 -3.89
N SER A 398 36.75 1.20 -3.16
CA SER A 398 36.85 -0.20 -3.52
C SER A 398 35.91 -0.52 -4.66
N LEU A 399 36.15 -1.67 -5.29
CA LEU A 399 35.31 -2.10 -6.41
C LEU A 399 33.87 -2.34 -5.97
N LYS A 400 33.69 -2.90 -4.77
CA LYS A 400 32.36 -3.33 -4.34
C LYS A 400 31.40 -2.17 -4.20
N SER A 401 31.90 -1.03 -3.73
CA SER A 401 31.14 0.22 -3.66
C SER A 401 31.60 1.24 -4.69
N LEU A 402 32.28 0.80 -5.75
CA LEU A 402 32.73 1.76 -6.76
C LEU A 402 31.56 2.44 -7.44
N PHE A 403 30.53 1.68 -7.80
CA PHE A 403 29.34 2.23 -8.44
C PHE A 403 28.24 2.58 -7.45
N VAL A 404 28.19 1.92 -6.30
CA VAL A 404 27.14 2.19 -5.33
C VAL A 404 27.25 3.63 -4.85
N ASP A 405 28.48 4.09 -4.64
CA ASP A 405 28.80 5.50 -4.48
C ASP A 405 29.44 5.98 -5.78
N SER A 406 29.76 7.28 -5.84
CA SER A 406 30.58 7.84 -6.90
C SER A 406 29.98 7.67 -8.29
N TYR A 407 28.66 7.58 -8.38
CA TYR A 407 28.00 7.35 -9.66
C TYR A 407 28.23 8.52 -10.61
N SER A 408 27.98 9.74 -10.13
CA SER A 408 28.07 10.91 -10.99
C SER A 408 29.51 11.16 -11.41
N GLU A 409 30.47 10.92 -10.53
CA GLU A 409 31.86 11.11 -10.89
C GLU A 409 32.27 10.14 -11.97
N ILE A 410 31.76 8.91 -11.89
CA ILE A 410 32.04 7.91 -12.92
C ILE A 410 31.49 8.37 -14.25
N LEU A 411 30.28 8.92 -14.27
CA LEU A 411 29.70 9.31 -15.54
C LEU A 411 30.43 10.51 -16.15
N PHE A 412 30.82 11.48 -15.32
CA PHE A 412 31.61 12.60 -15.86
C PHE A 412 32.94 12.10 -16.39
N PHE A 413 33.57 11.18 -15.67
CA PHE A 413 34.85 10.65 -16.12
C PHE A 413 34.71 9.92 -17.44
N VAL A 414 33.62 9.16 -17.60
CA VAL A 414 33.38 8.43 -18.83
C VAL A 414 33.16 9.40 -19.99
N GLN A 415 32.42 10.49 -19.75
CA GLN A 415 32.27 11.52 -20.77
C GLN A 415 33.62 12.05 -21.21
N SER A 416 34.49 12.34 -20.26
CA SER A 416 35.79 12.88 -20.65
C SER A 416 36.62 11.85 -21.39
N LEU A 417 36.50 10.57 -21.04
CA LEU A 417 37.23 9.54 -21.78
C LEU A 417 36.77 9.48 -23.22
N PHE A 418 35.45 9.58 -23.44
CA PHE A 418 34.95 9.58 -24.81
C PHE A 418 35.47 10.78 -25.59
N MET A 419 35.54 11.94 -24.93
CA MET A 419 36.09 13.12 -25.61
C MET A 419 37.55 12.91 -25.99
N LEU A 420 38.34 12.33 -25.10
CA LEU A 420 39.75 12.14 -25.43
C LEU A 420 39.93 11.14 -26.56
N VAL A 421 39.15 10.06 -26.54
CA VAL A 421 39.24 9.08 -27.62
C VAL A 421 38.83 9.71 -28.94
N SER A 422 37.83 10.60 -28.89
CA SER A 422 37.46 11.34 -30.09
C SER A 422 38.62 12.18 -30.59
N VAL A 423 39.35 12.84 -29.70
CA VAL A 423 40.49 13.65 -30.12
C VAL A 423 41.56 12.77 -30.78
N VAL A 424 41.83 11.63 -30.16
CA VAL A 424 42.89 10.74 -30.66
C VAL A 424 42.55 10.25 -32.05
N LEU A 425 41.29 9.85 -32.26
CA LEU A 425 40.89 9.44 -33.59
C LEU A 425 40.89 10.62 -34.57
N TYR A 426 40.58 11.82 -34.08
CA TYR A 426 40.56 12.98 -34.96
C TYR A 426 41.93 13.24 -35.56
N PHE A 427 42.97 13.17 -34.73
CA PHE A 427 44.33 13.39 -35.22
C PHE A 427 44.99 12.14 -35.78
N SER A 428 44.35 10.96 -35.68
CA SER A 428 44.87 9.74 -36.25
C SER A 428 44.39 9.47 -37.68
N GLN A 429 43.69 10.43 -38.30
CA GLN A 429 43.15 10.25 -39.65
C GLN A 429 42.18 9.08 -39.71
N ARG A 430 41.11 9.17 -38.94
CA ARG A 430 40.02 8.21 -38.94
C ARG A 430 38.71 8.98 -38.91
N LYS A 431 37.70 8.44 -39.59
CA LYS A 431 36.37 8.99 -39.49
C LYS A 431 35.73 8.74 -38.12
N GLU A 432 36.14 7.68 -37.44
CA GLU A 432 35.38 7.15 -36.30
C GLU A 432 35.34 8.10 -35.11
N TYR A 433 36.13 9.17 -35.12
CA TYR A 433 36.02 10.19 -34.08
C TYR A 433 34.60 10.71 -33.97
N VAL A 434 33.86 10.76 -35.10
CA VAL A 434 32.48 11.23 -35.08
C VAL A 434 31.67 10.40 -34.09
N ALA A 435 31.83 9.07 -34.16
CA ALA A 435 31.10 8.17 -33.29
C ALA A 435 31.39 8.48 -31.84
N SER A 436 32.68 8.62 -31.50
CA SER A 436 33.05 8.88 -30.11
C SER A 436 32.48 10.19 -29.66
N MET A 437 32.59 11.22 -30.52
CA MET A 437 32.12 12.54 -30.17
C MET A 437 30.64 12.51 -29.87
N VAL A 438 29.90 11.74 -30.66
CA VAL A 438 28.45 11.71 -30.53
C VAL A 438 28.07 11.18 -29.17
N PHE A 439 28.74 10.09 -28.74
CA PHE A 439 28.41 9.50 -27.45
C PHE A 439 28.66 10.49 -26.34
N SER A 440 29.79 11.20 -26.42
CA SER A 440 30.13 12.17 -25.39
C SER A 440 29.08 13.25 -25.31
N LEU A 441 28.63 13.71 -26.48
CA LEU A 441 27.65 14.79 -26.54
C LEU A 441 26.37 14.37 -25.84
N ALA A 442 25.94 13.12 -26.07
CA ALA A 442 24.72 12.66 -25.43
C ALA A 442 24.87 12.63 -23.92
N MET A 443 26.00 12.09 -23.45
CA MET A 443 26.23 12.08 -22.01
C MET A 443 26.36 13.48 -21.50
N GLY A 444 26.92 14.37 -22.32
CA GLY A 444 27.10 15.74 -21.91
C GLY A 444 25.79 16.40 -21.53
N TRP A 445 24.70 16.02 -22.21
CA TRP A 445 23.42 16.57 -21.82
C TRP A 445 22.83 15.82 -20.65
N THR A 446 22.98 14.49 -20.65
CA THR A 446 22.29 13.68 -19.66
C THR A 446 22.85 13.94 -18.27
N ASN A 447 24.16 14.14 -18.18
CA ASN A 447 24.79 14.46 -16.90
C ASN A 447 24.36 15.81 -16.36
N MET A 448 23.67 16.63 -17.15
CA MET A 448 23.02 17.83 -16.62
C MET A 448 22.10 17.51 -15.46
N LEU A 449 21.51 16.31 -15.42
CA LEU A 449 20.65 15.94 -14.31
C LEU A 449 21.39 15.88 -12.98
N TYR A 450 22.72 15.79 -12.98
CA TYR A 450 23.48 15.91 -11.75
C TYR A 450 23.16 17.19 -11.02
N TYR A 451 22.89 18.26 -11.74
CA TYR A 451 22.60 19.53 -11.09
C TYR A 451 21.18 19.63 -10.57
N THR A 452 20.31 18.65 -10.83
CA THR A 452 19.05 18.64 -10.10
C THR A 452 19.22 18.15 -8.68
N ARG A 453 20.29 17.43 -8.37
CA ARG A 453 20.58 17.09 -7.00
C ARG A 453 20.82 18.36 -6.21
N GLY A 454 20.25 18.42 -5.01
CA GLY A 454 20.33 19.59 -4.16
C GLY A 454 19.13 20.51 -4.21
N PHE A 455 18.17 20.25 -5.08
CA PHE A 455 16.88 20.94 -5.10
C PHE A 455 15.89 20.02 -4.43
N GLN A 456 15.05 20.58 -3.55
CA GLN A 456 14.18 19.72 -2.75
C GLN A 456 13.15 19.00 -3.60
N GLN A 457 12.79 19.57 -4.76
CA GLN A 457 11.79 18.97 -5.63
C GLN A 457 12.40 18.02 -6.65
N MET A 458 13.49 18.41 -7.30
CA MET A 458 13.94 17.78 -8.53
C MET A 458 14.98 16.69 -8.34
N GLY A 459 15.75 16.72 -7.26
CA GLY A 459 16.79 15.71 -7.08
C GLY A 459 16.26 14.30 -6.92
N ILE A 460 14.99 14.16 -6.53
CA ILE A 460 14.39 12.85 -6.39
C ILE A 460 14.41 12.10 -7.71
N TYR A 461 14.26 12.81 -8.82
CA TYR A 461 14.30 12.14 -10.12
C TYR A 461 15.68 11.60 -10.44
N ALA A 462 16.72 12.36 -10.10
CA ALA A 462 18.07 11.89 -10.37
C ALA A 462 18.41 10.67 -9.53
N VAL A 463 18.11 10.71 -8.24
CA VAL A 463 18.42 9.55 -7.42
C VAL A 463 17.57 8.35 -7.82
N MET A 464 16.32 8.58 -8.25
CA MET A 464 15.49 7.47 -8.69
C MET A 464 16.09 6.79 -9.90
N ILE A 465 16.56 7.58 -10.87
CA ILE A 465 17.15 6.99 -12.05
C ILE A 465 18.40 6.22 -11.69
N GLU A 466 19.21 6.77 -10.80
CA GLU A 466 20.44 6.09 -10.39
C GLU A 466 20.14 4.75 -9.73
N LYS A 467 19.24 4.74 -8.75
CA LYS A 467 18.95 3.50 -8.05
C LYS A 467 18.34 2.47 -8.98
N MET A 468 17.45 2.90 -9.87
CA MET A 468 16.83 1.95 -10.80
C MET A 468 17.87 1.34 -11.72
N ILE A 469 18.77 2.17 -12.26
CA ILE A 469 19.77 1.65 -13.19
C ILE A 469 20.72 0.72 -12.46
N LEU A 470 21.16 1.10 -11.26
CA LEU A 470 22.18 0.30 -10.60
C LEU A 470 21.63 -1.03 -10.11
N ARG A 471 20.40 -1.05 -9.61
CA ARG A 471 19.85 -2.26 -9.02
C ARG A 471 19.06 -3.09 -10.02
N ASP A 472 17.97 -2.53 -10.54
CA ASP A 472 16.93 -3.40 -11.09
C ASP A 472 17.27 -3.87 -12.48
N LEU A 473 17.70 -2.97 -13.37
CA LEU A 473 18.10 -3.42 -14.69
C LEU A 473 19.33 -4.30 -14.62
N CYS A 474 20.25 -3.98 -13.72
CA CYS A 474 21.48 -4.77 -13.59
C CYS A 474 21.18 -6.20 -13.18
N ARG A 475 20.25 -6.39 -12.24
CA ARG A 475 19.90 -7.75 -11.85
C ARG A 475 19.05 -8.45 -12.90
N PHE A 476 18.11 -7.72 -13.51
CA PHE A 476 17.13 -8.33 -14.38
C PHE A 476 17.69 -8.64 -15.77
N MET A 477 18.84 -8.03 -16.12
CA MET A 477 19.44 -8.29 -17.42
C MET A 477 19.77 -9.76 -17.61
N PHE A 478 20.17 -10.45 -16.54
CA PHE A 478 20.55 -11.86 -16.71
C PHE A 478 19.35 -12.73 -17.06
N VAL A 479 18.23 -12.53 -16.37
CA VAL A 479 17.02 -13.29 -16.65
C VAL A 479 16.56 -13.02 -18.07
N TYR A 480 16.53 -11.74 -18.45
CA TYR A 480 16.06 -11.44 -19.79
C TYR A 480 17.01 -11.98 -20.84
N LEU A 481 18.32 -11.93 -20.59
CA LEU A 481 19.27 -12.47 -21.57
C LEU A 481 19.14 -13.97 -21.70
N VAL A 482 18.82 -14.66 -20.61
CA VAL A 482 18.59 -16.10 -20.70
C VAL A 482 17.42 -16.38 -21.63
N PHE A 483 16.32 -15.67 -21.44
CA PHE A 483 15.16 -15.90 -22.31
C PHE A 483 15.46 -15.51 -23.75
N LEU A 484 16.10 -14.38 -23.95
CA LEU A 484 16.40 -13.90 -25.29
C LEU A 484 17.30 -14.87 -26.02
N PHE A 485 18.36 -15.35 -25.35
CA PHE A 485 19.27 -16.27 -26.00
C PHE A 485 18.60 -17.60 -26.29
N GLY A 486 17.81 -18.11 -25.33
CA GLY A 486 17.16 -19.39 -25.54
C GLY A 486 16.23 -19.41 -26.73
N PHE A 487 15.30 -18.45 -26.76
CA PHE A 487 14.37 -18.45 -27.88
C PHE A 487 15.04 -18.01 -29.17
N SER A 488 16.07 -17.15 -29.09
CA SER A 488 16.81 -16.72 -30.28
C SER A 488 17.48 -17.89 -30.97
N THR A 489 18.25 -18.65 -30.22
CA THR A 489 18.97 -19.75 -30.84
C THR A 489 18.01 -20.86 -31.25
N ALA A 490 16.89 -21.02 -30.53
CA ALA A 490 15.88 -21.96 -31.00
C ALA A 490 15.35 -21.57 -32.37
N VAL A 491 14.98 -20.31 -32.55
CA VAL A 491 14.41 -19.86 -33.80
C VAL A 491 15.43 -19.95 -34.93
N VAL A 492 16.68 -19.56 -34.65
CA VAL A 492 17.70 -19.66 -35.68
C VAL A 492 18.00 -21.11 -36.03
N THR A 493 17.82 -22.03 -35.10
CA THR A 493 17.93 -23.43 -35.48
C THR A 493 16.80 -23.84 -36.39
N LEU A 494 15.59 -23.34 -36.15
CA LEU A 494 14.45 -23.87 -36.88
C LEU A 494 14.44 -23.41 -38.33
N ILE A 495 14.66 -22.13 -38.57
CA ILE A 495 14.49 -21.55 -39.89
C ILE A 495 15.69 -21.89 -40.75
N GLU A 496 15.43 -22.23 -42.02
CA GLU A 496 16.46 -22.53 -43.01
C GLU A 496 16.40 -21.45 -44.08
N ASP A 497 17.34 -20.50 -44.03
CA ASP A 497 17.53 -19.51 -45.09
C ASP A 497 16.28 -18.65 -45.30
N GLY A 498 15.94 -17.91 -44.25
CA GLY A 498 14.93 -16.87 -44.30
C GLY A 498 15.48 -15.61 -43.71
N LYS A 499 14.62 -14.65 -43.36
CA LYS A 499 15.10 -13.43 -42.73
C LYS A 499 15.51 -13.65 -41.28
N TYR A 500 14.90 -14.64 -40.62
CA TYR A 500 15.26 -14.94 -39.24
C TYR A 500 16.54 -15.75 -39.15
N ASN A 501 16.98 -16.40 -40.23
CA ASN A 501 18.16 -17.28 -40.15
C ASN A 501 19.47 -16.52 -39.98
N SER A 502 19.62 -15.82 -38.86
CA SER A 502 20.83 -15.10 -38.48
C SER A 502 20.61 -14.59 -37.07
N LEU A 503 21.57 -14.78 -36.16
CA LEU A 503 21.32 -14.43 -34.76
C LEU A 503 21.10 -12.94 -34.56
N TYR A 504 21.66 -12.10 -35.43
CA TYR A 504 21.58 -10.65 -35.21
C TYR A 504 20.17 -10.14 -35.47
N SER A 505 19.61 -10.50 -36.62
CA SER A 505 18.25 -10.09 -36.92
C SER A 505 17.26 -10.72 -35.96
N THR A 506 17.47 -12.00 -35.63
CA THR A 506 16.56 -12.67 -34.71
C THR A 506 16.58 -12.03 -33.32
N CYS A 507 17.78 -11.70 -32.82
CA CYS A 507 17.86 -11.04 -31.53
C CYS A 507 17.23 -9.67 -31.57
N LEU A 508 17.46 -8.91 -32.65
CA LEU A 508 16.86 -7.58 -32.76
C LEU A 508 15.35 -7.69 -32.78
N GLU A 509 14.81 -8.64 -33.55
CA GLU A 509 13.37 -8.77 -33.66
C GLU A 509 12.75 -9.23 -32.36
N LEU A 510 13.41 -10.15 -31.65
CA LEU A 510 12.86 -10.60 -30.39
C LEU A 510 12.89 -9.50 -29.34
N PHE A 511 13.92 -8.66 -29.37
CA PHE A 511 13.91 -7.49 -28.49
C PHE A 511 12.73 -6.59 -28.82
N LYS A 512 12.49 -6.34 -30.10
CA LYS A 512 11.36 -5.49 -30.49
C LYS A 512 10.03 -6.10 -30.06
N PHE A 513 9.92 -7.43 -30.12
CA PHE A 513 8.73 -8.10 -29.60
C PHE A 513 8.59 -7.90 -28.11
N THR A 514 9.70 -7.85 -27.38
CA THR A 514 9.63 -7.67 -25.92
C THR A 514 9.01 -6.33 -25.54
N ILE A 515 9.35 -5.26 -26.25
CA ILE A 515 8.88 -3.93 -25.88
C ILE A 515 7.54 -3.59 -26.53
N GLY A 516 6.94 -4.53 -27.26
CA GLY A 516 5.68 -4.25 -27.94
C GLY A 516 5.84 -3.48 -29.23
N MET A 517 6.77 -3.87 -30.09
CA MET A 517 7.01 -3.23 -31.38
C MET A 517 7.26 -4.26 -32.47
N GLY A 518 6.55 -5.38 -32.42
CA GLY A 518 6.66 -6.42 -33.42
C GLY A 518 5.69 -6.24 -34.56
N ASP A 519 5.63 -7.26 -35.42
CA ASP A 519 4.72 -7.31 -36.56
C ASP A 519 3.79 -8.52 -36.46
N LEU A 520 4.36 -9.69 -36.16
CA LEU A 520 3.62 -10.95 -36.09
C LEU A 520 2.88 -11.23 -37.41
N GLU A 521 3.55 -10.97 -38.52
CA GLU A 521 2.98 -11.23 -39.84
C GLU A 521 3.37 -12.63 -40.26
N PHE A 522 2.45 -13.58 -40.08
CA PHE A 522 2.69 -14.99 -40.42
C PHE A 522 2.14 -15.30 -41.80
N THR A 523 2.76 -14.68 -42.82
CA THR A 523 2.42 -14.90 -44.23
C THR A 523 3.72 -15.25 -44.92
N GLU A 524 4.08 -16.52 -44.88
CA GLU A 524 5.35 -16.98 -45.42
C GLU A 524 5.17 -18.43 -45.88
N ASN A 525 6.26 -19.01 -46.39
CA ASN A 525 6.22 -20.26 -47.14
C ASN A 525 7.26 -21.26 -46.63
N TYR A 526 7.65 -21.17 -45.36
CA TYR A 526 8.67 -22.03 -44.80
C TYR A 526 8.00 -23.15 -44.00
N ASP A 527 8.66 -24.31 -43.98
CA ASP A 527 8.11 -25.45 -43.26
C ASP A 527 8.22 -25.20 -41.77
N PHE A 528 7.48 -26.01 -41.01
CA PHE A 528 7.42 -25.87 -39.56
C PHE A 528 6.90 -24.50 -39.16
N LYS A 529 5.92 -24.01 -39.91
CA LYS A 529 5.31 -22.73 -39.58
C LYS A 529 4.64 -22.79 -38.22
N ALA A 530 3.98 -23.92 -37.92
CA ALA A 530 3.29 -24.07 -36.66
C ALA A 530 4.26 -24.04 -35.49
N VAL A 531 5.41 -24.68 -35.63
CA VAL A 531 6.39 -24.69 -34.54
C VAL A 531 6.92 -23.29 -34.31
N PHE A 532 7.18 -22.56 -35.40
CA PHE A 532 7.62 -21.18 -35.30
C PHE A 532 6.59 -20.33 -34.56
N ILE A 533 5.32 -20.49 -34.91
CA ILE A 533 4.30 -19.66 -34.29
C ILE A 533 4.16 -19.99 -32.81
N ILE A 534 4.21 -21.27 -32.46
CA ILE A 534 4.10 -21.66 -31.06
C ILE A 534 5.26 -21.08 -30.27
N LEU A 535 6.48 -21.18 -30.82
CA LEU A 535 7.64 -20.62 -30.13
C LEU A 535 7.52 -19.12 -29.96
N LEU A 536 7.13 -18.43 -31.02
CA LEU A 536 7.15 -16.97 -30.96
C LEU A 536 6.07 -16.44 -30.06
N LEU A 537 4.88 -17.04 -30.07
CA LEU A 537 3.84 -16.61 -29.14
C LEU A 537 4.21 -16.97 -27.71
N ALA A 538 4.89 -18.10 -27.50
CA ALA A 538 5.36 -18.40 -26.16
C ALA A 538 6.35 -17.35 -25.69
N TYR A 539 7.26 -16.93 -26.58
CA TYR A 539 8.21 -15.89 -26.24
C TYR A 539 7.50 -14.59 -25.90
N VAL A 540 6.52 -14.21 -26.72
CA VAL A 540 5.84 -12.94 -26.51
C VAL A 540 5.08 -12.96 -25.20
N ILE A 541 4.41 -14.06 -24.89
CA ILE A 541 3.68 -14.15 -23.63
C ILE A 541 4.65 -14.08 -22.47
N LEU A 542 5.80 -14.73 -22.60
CA LEU A 542 6.74 -14.75 -21.48
C LEU A 542 7.41 -13.40 -21.27
N THR A 543 7.83 -12.73 -22.33
CA THR A 543 8.58 -11.49 -22.17
C THR A 543 7.67 -10.27 -22.05
N TYR A 544 6.72 -10.11 -22.96
CA TYR A 544 5.93 -8.88 -23.01
C TYR A 544 4.91 -8.80 -21.88
N ILE A 545 4.30 -9.91 -21.51
CA ILE A 545 3.25 -9.93 -20.48
C ILE A 545 3.84 -10.22 -19.12
N LEU A 546 4.58 -11.31 -18.99
CA LEU A 546 4.94 -11.83 -17.68
C LEU A 546 6.17 -11.14 -17.11
N LEU A 547 7.25 -11.09 -17.89
CA LEU A 547 8.51 -10.54 -17.37
C LEU A 547 8.47 -9.02 -17.26
N LEU A 548 8.01 -8.35 -18.32
CA LEU A 548 8.11 -6.89 -18.36
C LEU A 548 7.27 -6.26 -17.26
N ASN A 549 6.09 -6.79 -17.02
CA ASN A 549 5.29 -6.25 -15.93
C ASN A 549 5.90 -6.56 -14.58
N MET A 550 6.63 -7.66 -14.45
CA MET A 550 7.37 -7.92 -13.22
C MET A 550 8.43 -6.85 -13.00
N LEU A 551 9.14 -6.51 -14.07
CA LEU A 551 10.14 -5.45 -14.00
C LEU A 551 9.51 -4.13 -13.61
N ILE A 552 8.36 -3.83 -14.20
CA ILE A 552 7.73 -2.55 -13.96
C ILE A 552 7.21 -2.48 -12.53
N ALA A 553 6.72 -3.60 -12.00
CA ALA A 553 6.30 -3.62 -10.60
C ALA A 553 7.47 -3.38 -9.67
N LEU A 554 8.61 -4.00 -9.94
CA LEU A 554 9.77 -3.81 -9.07
C LEU A 554 10.29 -2.38 -9.14
N MET A 555 10.34 -1.81 -10.35
CA MET A 555 10.73 -0.41 -10.49
C MET A 555 9.74 0.50 -9.76
N GLY A 556 8.45 0.19 -9.82
CA GLY A 556 7.48 1.00 -9.10
C GLY A 556 7.67 0.93 -7.61
N GLU A 557 8.01 -0.24 -7.08
CA GLU A 557 8.27 -0.35 -5.66
C GLU A 557 9.48 0.48 -5.28
N THR A 558 10.52 0.46 -6.12
CA THR A 558 11.68 1.31 -5.86
C THR A 558 11.30 2.78 -5.89
N VAL A 559 10.44 3.17 -6.82
CA VAL A 559 10.04 4.58 -6.95
C VAL A 559 9.30 5.03 -5.70
N ASN A 560 8.29 4.28 -5.30
CA ASN A 560 7.51 4.68 -4.13
C ASN A 560 8.31 4.58 -2.86
N LYS A 561 9.30 3.70 -2.80
CA LYS A 561 10.03 3.52 -1.55
C LYS A 561 10.85 4.73 -1.18
N ILE A 562 11.22 5.58 -2.14
CA ILE A 562 12.04 6.76 -1.86
C ILE A 562 11.35 8.06 -2.19
N ALA A 563 10.10 8.05 -2.64
CA ALA A 563 9.44 9.32 -2.95
C ALA A 563 9.27 10.16 -1.70
N GLN A 564 8.96 9.52 -0.58
CA GLN A 564 8.85 10.22 0.70
C GLN A 564 10.21 10.50 1.34
N GLU A 565 11.27 9.81 0.92
CA GLU A 565 12.59 10.00 1.51
C GLU A 565 13.34 11.20 0.95
N SER A 566 12.69 12.03 0.12
CA SER A 566 13.39 13.13 -0.51
C SER A 566 13.90 14.15 0.50
N LYS A 567 13.21 14.31 1.63
CA LYS A 567 13.57 15.29 2.65
C LYS A 567 14.98 15.09 3.17
N ASN A 568 15.43 13.84 3.25
CA ASN A 568 16.75 13.53 3.76
C ASN A 568 17.80 13.52 2.67
N ILE A 569 17.44 12.96 1.51
CA ILE A 569 18.37 12.82 0.41
C ILE A 569 18.80 14.20 -0.09
N TRP A 570 17.85 15.15 -0.09
CA TRP A 570 18.18 16.53 -0.39
C TRP A 570 19.28 17.06 0.51
N LYS A 571 19.13 16.86 1.83
CA LYS A 571 20.12 17.35 2.78
C LYS A 571 21.48 16.71 2.55
N LEU A 572 21.49 15.41 2.29
CA LEU A 572 22.76 14.72 2.10
C LEU A 572 23.48 15.23 0.85
N GLN A 573 22.74 15.41 -0.25
CA GLN A 573 23.34 15.94 -1.45
C GLN A 573 23.88 17.34 -1.23
N ARG A 574 23.12 18.16 -0.50
CA ARG A 574 23.56 19.51 -0.21
C ARG A 574 24.84 19.51 0.60
N ALA A 575 24.95 18.60 1.57
CA ALA A 575 26.16 18.49 2.37
C ALA A 575 27.36 18.12 1.51
N ILE A 576 27.19 17.14 0.61
CA ILE A 576 28.31 16.71 -0.21
C ILE A 576 28.76 17.83 -1.14
N THR A 577 27.79 18.53 -1.73
CA THR A 577 28.12 19.64 -2.61
C THR A 577 28.89 20.72 -1.87
N ILE A 578 28.45 21.04 -0.65
CA ILE A 578 29.11 22.09 0.15
C ILE A 578 30.54 21.68 0.44
N LEU A 579 30.74 20.43 0.85
CA LEU A 579 32.08 20.00 1.20
C LEU A 579 33.00 20.03 0.00
N ASP A 580 32.53 19.59 -1.17
CA ASP A 580 33.39 19.65 -2.35
C ASP A 580 33.71 21.08 -2.75
N THR A 581 32.72 21.97 -2.68
CA THR A 581 32.94 23.35 -3.07
C THR A 581 33.92 24.04 -2.15
N GLU A 582 33.80 23.80 -0.84
CA GLU A 582 34.77 24.37 0.08
C GLU A 582 36.14 23.71 -0.10
N LYS A 583 36.15 22.43 -0.46
CA LYS A 583 37.42 21.73 -0.61
C LYS A 583 38.24 22.31 -1.74
N SER A 584 37.65 22.49 -2.93
CA SER A 584 38.46 22.98 -4.04
C SER A 584 38.62 24.49 -3.98
N PHE A 585 37.56 25.23 -4.34
CA PHE A 585 37.41 26.67 -4.18
C PHE A 585 38.37 27.58 -4.97
N LEU A 586 39.52 27.07 -5.42
CA LEU A 586 40.35 27.64 -6.49
C LEU A 586 40.64 29.12 -6.32
N LYS A 587 40.82 29.57 -5.07
CA LYS A 587 41.25 30.93 -4.77
C LYS A 587 42.24 31.03 -3.62
N CYS A 588 42.58 29.93 -2.95
CA CYS A 588 43.51 29.87 -1.82
C CYS A 588 42.97 30.53 -0.55
N MET A 589 41.73 31.03 -0.55
CA MET A 589 41.11 31.62 0.64
C MET A 589 40.26 30.56 1.31
N ARG A 590 40.44 30.41 2.62
CA ARG A 590 39.76 29.40 3.43
C ARG A 590 38.99 30.06 4.56
N LYS A 591 38.30 31.15 4.24
CA LYS A 591 37.46 31.85 5.22
C LYS A 591 36.11 31.13 5.31
N ALA A 592 36.17 29.95 5.94
CA ALA A 592 35.03 29.06 6.11
C ALA A 592 34.51 29.04 7.55
N PHE A 593 34.93 29.99 8.40
CA PHE A 593 34.42 30.04 9.76
C PHE A 593 33.09 30.76 9.80
N ARG A 594 32.36 30.56 10.90
CA ARG A 594 31.03 31.10 11.09
C ARG A 594 31.01 32.38 11.92
N SER A 595 31.65 32.37 13.08
CA SER A 595 31.74 33.54 13.94
C SER A 595 33.18 33.67 14.40
N GLY A 596 33.42 34.60 15.31
CA GLY A 596 34.76 34.93 15.70
C GLY A 596 35.36 33.84 16.54
N LYS A 597 36.61 34.07 16.93
CA LYS A 597 37.33 33.16 17.81
C LYS A 597 36.92 33.55 19.22
N LEU A 598 35.72 33.13 19.62
CA LEU A 598 35.05 33.64 20.80
C LEU A 598 35.38 32.83 22.03
N LEU A 599 35.30 33.48 23.18
CA LEU A 599 35.62 32.86 24.46
C LEU A 599 34.42 32.10 25.01
N GLN A 600 34.67 30.90 25.50
CA GLN A 600 33.60 30.06 26.05
C GLN A 600 33.45 30.32 27.54
N VAL A 601 34.47 29.98 28.30
CA VAL A 601 34.46 30.00 29.75
C VAL A 601 35.47 31.00 30.29
N GLY A 602 36.67 31.01 29.72
CA GLY A 602 37.73 31.88 30.14
C GLY A 602 38.53 31.39 31.33
N PHE A 603 38.13 30.28 31.94
CA PHE A 603 38.77 29.74 33.14
C PHE A 603 39.04 28.26 32.90
N THR A 604 40.19 27.98 32.32
CA THR A 604 40.66 26.62 32.15
C THR A 604 41.13 26.09 33.48
N PRO A 605 41.48 24.79 33.56
CA PRO A 605 42.16 24.30 34.77
C PRO A 605 43.46 25.01 35.07
N ASP A 606 44.13 25.53 34.04
CA ASP A 606 45.28 26.41 34.19
C ASP A 606 44.77 27.85 34.05
N GLY A 607 45.68 28.82 34.12
CA GLY A 607 45.29 30.21 34.12
C GLY A 607 44.92 30.80 32.78
N LYS A 608 44.93 30.00 31.73
CA LYS A 608 44.63 30.48 30.40
C LYS A 608 43.11 30.57 30.20
N ASP A 609 42.73 31.24 29.11
CA ASP A 609 41.36 31.35 28.67
C ASP A 609 41.25 30.73 27.29
N ASP A 610 40.12 30.07 27.02
CA ASP A 610 39.92 29.30 25.79
C ASP A 610 39.07 30.08 24.82
N TYR A 611 39.55 30.17 23.57
CA TYR A 611 38.79 30.64 22.43
C TYR A 611 38.80 29.52 21.40
N ARG A 612 37.60 29.17 20.88
CA ARG A 612 37.42 27.92 20.13
C ARG A 612 36.52 28.06 18.91
N TRP A 613 36.34 29.26 18.36
CA TRP A 613 35.55 29.47 17.15
C TRP A 613 34.09 29.01 17.36
N CYS A 614 33.44 29.61 18.34
CA CYS A 614 32.10 29.20 18.65
C CYS A 614 31.14 29.62 17.55
N PHE A 615 29.98 28.97 17.51
CA PHE A 615 28.91 29.24 16.55
C PHE A 615 27.62 29.47 17.30
N ARG A 616 26.98 30.62 17.07
CA ARG A 616 25.79 31.01 17.79
C ARG A 616 24.55 30.48 17.08
N VAL A 617 23.64 29.89 17.85
CA VAL A 617 22.43 29.29 17.32
C VAL A 617 21.29 29.68 18.22
N ASP A 618 20.20 30.17 17.63
CA ASP A 618 18.96 30.49 18.32
C ASP A 618 17.91 29.48 17.88
N GLU A 619 17.32 28.78 18.84
CA GLU A 619 16.36 27.72 18.60
C GLU A 619 15.06 28.02 19.30
N VAL A 620 13.99 27.43 18.76
CA VAL A 620 12.62 27.62 19.22
C VAL A 620 12.04 26.26 19.55
N ASN A 621 11.43 26.14 20.73
CA ASN A 621 10.70 24.94 21.12
C ASN A 621 9.45 25.37 21.85
N TRP A 622 8.31 24.78 21.44
CA TRP A 622 7.00 25.13 21.97
C TRP A 622 6.52 24.13 23.02
N THR A 623 7.44 23.47 23.72
CA THR A 623 7.05 22.58 24.80
C THR A 623 6.62 23.38 26.02
N THR A 624 5.48 23.02 26.60
CA THR A 624 4.93 23.67 27.78
C THR A 624 4.67 25.16 27.53
N SER B 89 15.34 50.41 29.99
CA SER B 89 14.87 49.45 29.01
C SER B 89 15.92 49.19 27.93
N TYR B 90 15.76 48.09 27.19
CA TYR B 90 16.59 47.84 26.03
C TYR B 90 16.23 48.83 24.92
N THR B 91 17.26 49.40 24.29
CA THR B 91 17.10 50.36 23.20
C THR B 91 17.73 49.90 21.89
N ASP B 92 18.16 48.64 21.79
CA ASP B 92 18.75 48.14 20.56
C ASP B 92 17.66 47.84 19.54
N SER B 93 18.07 47.39 18.36
CA SER B 93 17.14 47.03 17.29
C SER B 93 16.52 45.65 17.49
N TYR B 94 16.94 44.87 18.48
CA TYR B 94 16.56 43.48 18.65
C TYR B 94 15.63 43.25 19.83
N TYR B 95 15.89 43.90 20.96
CA TYR B 95 15.05 43.84 22.16
C TYR B 95 14.33 45.15 22.41
N LYS B 96 14.04 45.92 21.36
CA LYS B 96 13.49 47.27 21.47
C LYS B 96 12.21 47.30 22.28
N GLY B 97 12.28 47.96 23.45
CA GLY B 97 11.15 48.12 24.34
C GLY B 97 11.09 47.17 25.51
N GLN B 98 11.97 46.16 25.57
CA GLN B 98 11.95 45.25 26.71
C GLN B 98 12.28 46.00 27.99
N THR B 99 11.45 45.79 29.01
CA THR B 99 11.58 46.45 30.30
C THR B 99 11.38 45.42 31.41
N ALA B 100 11.57 45.87 32.66
CA ALA B 100 11.60 44.95 33.79
C ALA B 100 10.27 44.22 33.99
N LEU B 101 9.16 44.88 33.64
CA LEU B 101 7.86 44.26 33.83
C LEU B 101 7.70 43.02 32.94
N HIS B 102 8.17 43.11 31.69
CA HIS B 102 8.14 41.95 30.80
C HIS B 102 8.97 40.80 31.36
N ILE B 103 10.14 41.13 31.89
CA ILE B 103 11.03 40.09 32.43
C ILE B 103 10.39 39.42 33.62
N ALA B 104 9.77 40.21 34.50
CA ALA B 104 9.12 39.65 35.67
C ALA B 104 7.97 38.74 35.29
N ILE B 105 7.17 39.16 34.31
CA ILE B 105 6.03 38.34 33.90
C ILE B 105 6.51 37.05 33.27
N GLU B 106 7.52 37.14 32.39
CA GLU B 106 8.07 35.95 31.75
C GLU B 106 8.68 35.01 32.76
N ARG B 107 9.33 35.56 33.79
CA ARG B 107 9.90 34.73 34.84
C ARG B 107 8.85 34.18 35.81
N ARG B 108 7.58 34.57 35.68
CA ARG B 108 6.51 34.09 36.53
C ARG B 108 6.76 34.47 38.00
N ASN B 109 7.16 35.72 38.20
CA ASN B 109 7.37 36.30 39.52
C ASN B 109 6.21 37.25 39.79
N MET B 110 5.16 36.72 40.42
CA MET B 110 4.00 37.53 40.75
C MET B 110 4.37 38.66 41.71
N THR B 111 5.23 38.36 42.69
CA THR B 111 5.59 39.35 43.69
C THR B 111 6.34 40.52 43.06
N LEU B 112 7.30 40.22 42.18
CA LEU B 112 8.04 41.29 41.52
C LEU B 112 7.13 42.13 40.65
N VAL B 113 6.18 41.49 39.96
CA VAL B 113 5.24 42.23 39.12
C VAL B 113 4.40 43.16 39.98
N THR B 114 3.91 42.65 41.11
CA THR B 114 3.08 43.47 42.00
C THR B 114 3.87 44.66 42.52
N LEU B 115 5.13 44.43 42.89
CA LEU B 115 5.97 45.53 43.36
C LEU B 115 6.22 46.53 42.23
N LEU B 116 6.50 46.05 41.03
CA LEU B 116 6.82 46.94 39.92
C LEU B 116 5.64 47.81 39.55
N VAL B 117 4.45 47.23 39.47
CA VAL B 117 3.25 48.03 39.21
C VAL B 117 3.00 48.97 40.38
N GLU B 118 3.25 48.51 41.60
CA GLU B 118 3.12 49.35 42.77
C GLU B 118 4.08 50.54 42.73
N ASN B 119 5.26 50.35 42.12
CA ASN B 119 6.27 51.40 42.05
C ASN B 119 6.12 52.29 40.81
N GLY B 120 4.99 52.23 40.10
CA GLY B 120 4.75 53.10 38.98
C GLY B 120 5.23 52.60 37.63
N ALA B 121 5.39 51.29 37.47
CA ALA B 121 5.77 50.74 36.18
C ALA B 121 4.68 50.99 35.14
N ASP B 122 5.09 51.10 33.87
CA ASP B 122 4.16 51.31 32.77
C ASP B 122 3.65 49.96 32.26
N VAL B 123 2.34 49.71 32.41
CA VAL B 123 1.74 48.45 31.99
C VAL B 123 1.31 48.44 30.53
N GLN B 124 1.49 49.53 29.80
CA GLN B 124 1.18 49.61 28.37
C GLN B 124 2.43 49.73 27.51
N ALA B 125 3.59 49.38 28.03
CA ALA B 125 4.81 49.51 27.26
C ALA B 125 4.82 48.51 26.10
N ALA B 126 5.37 48.94 24.97
CA ALA B 126 5.40 48.18 23.74
C ALA B 126 6.79 47.61 23.53
N ALA B 127 6.91 46.28 23.65
CA ALA B 127 8.17 45.58 23.37
C ALA B 127 8.15 45.18 21.90
N ASN B 128 8.70 46.03 21.05
CA ASN B 128 8.52 45.96 19.60
C ASN B 128 9.86 45.79 18.88
N GLY B 129 10.77 45.03 19.47
CA GLY B 129 12.00 44.67 18.79
C GLY B 129 11.77 43.60 17.75
N ASP B 130 12.83 43.35 16.96
CA ASP B 130 12.76 42.29 15.97
C ASP B 130 12.55 40.93 16.62
N PHE B 131 13.10 40.73 17.82
CA PHE B 131 12.85 39.49 18.53
C PHE B 131 11.39 39.34 18.92
N PHE B 132 10.68 40.45 19.14
CA PHE B 132 9.33 40.44 19.69
C PHE B 132 8.24 40.60 18.64
N LYS B 133 8.59 40.67 17.36
CA LYS B 133 7.64 40.82 16.26
C LYS B 133 7.37 39.48 15.60
N LYS B 134 6.18 39.36 15.01
CA LYS B 134 5.83 38.14 14.30
C LYS B 134 6.69 38.03 13.05
N THR B 135 7.30 36.86 12.87
CA THR B 135 8.22 36.65 11.77
C THR B 135 8.30 35.17 11.44
N LYS B 136 8.65 34.88 10.20
CA LYS B 136 8.73 33.52 9.66
C LYS B 136 10.15 33.02 9.51
N GLY B 137 10.99 33.75 8.77
CA GLY B 137 12.34 33.31 8.47
C GLY B 137 13.37 33.79 9.48
N ARG B 138 12.99 33.84 10.76
CA ARG B 138 13.91 34.23 11.81
C ARG B 138 13.29 33.77 13.12
N PRO B 139 14.07 33.23 14.07
CA PRO B 139 13.46 32.86 15.36
C PRO B 139 12.99 34.10 16.11
N GLY B 140 11.97 33.90 16.92
CA GLY B 140 11.45 34.99 17.73
C GLY B 140 10.34 34.46 18.62
N PHE B 141 9.89 35.35 19.51
CA PHE B 141 8.78 35.07 20.41
C PHE B 141 7.88 36.29 20.32
N TYR B 142 6.90 36.22 19.43
CA TYR B 142 5.86 37.23 19.35
C TYR B 142 4.77 36.88 20.34
N PHE B 143 4.35 37.87 21.12
CA PHE B 143 3.28 37.74 22.09
C PHE B 143 2.25 38.85 22.02
N GLY B 144 2.49 39.91 21.25
CA GLY B 144 1.61 41.07 21.18
C GLY B 144 2.17 42.34 21.81
N GLU B 145 3.43 42.32 22.26
CA GLU B 145 4.23 43.49 22.62
C GLU B 145 3.85 44.16 23.94
N LEU B 146 2.76 43.73 24.60
CA LEU B 146 2.26 44.36 25.82
C LEU B 146 2.40 43.41 27.02
N PRO B 147 2.62 43.91 28.24
CA PRO B 147 2.69 42.98 29.40
C PRO B 147 1.43 42.16 29.61
N LEU B 148 0.25 42.74 29.38
CA LEU B 148 -0.98 42.00 29.54
C LEU B 148 -1.06 40.85 28.56
N SER B 149 -0.67 41.10 27.30
CA SER B 149 -0.65 40.04 26.31
C SER B 149 0.41 39.01 26.63
N LEU B 150 1.55 39.42 27.19
CA LEU B 150 2.58 38.47 27.58
C LEU B 150 2.06 37.53 28.65
N ALA B 151 1.36 38.08 29.64
CA ALA B 151 0.77 37.22 30.67
C ALA B 151 -0.29 36.31 30.09
N ALA B 152 -1.11 36.83 29.17
CA ALA B 152 -2.19 36.02 28.61
C ALA B 152 -1.64 34.86 27.81
N CYS B 153 -0.65 35.11 26.95
CA CYS B 153 -0.05 34.07 26.13
C CYS B 153 0.65 33.00 26.97
N THR B 154 1.13 33.36 28.16
CA THR B 154 1.90 32.47 29.02
C THR B 154 1.06 31.75 30.07
N ASN B 155 -0.27 31.90 30.03
CA ASN B 155 -1.17 31.20 30.94
C ASN B 155 -0.94 31.60 32.39
N GLN B 156 -0.89 32.91 32.62
CA GLN B 156 -0.75 33.49 33.96
C GLN B 156 -2.02 34.29 34.27
N LEU B 157 -3.02 33.58 34.80
CA LEU B 157 -4.32 34.19 35.04
C LEU B 157 -4.25 35.27 36.11
N ALA B 158 -3.45 35.02 37.15
CA ALA B 158 -3.35 35.97 38.25
C ALA B 158 -2.79 37.30 37.80
N ILE B 159 -1.83 37.27 36.87
CA ILE B 159 -1.21 38.52 36.45
C ILE B 159 -2.18 39.33 35.61
N VAL B 160 -2.92 38.69 34.70
CA VAL B 160 -3.86 39.47 33.90
C VAL B 160 -4.97 40.03 34.78
N LYS B 161 -5.41 39.26 35.78
CA LYS B 161 -6.41 39.77 36.71
C LYS B 161 -5.86 40.96 37.47
N PHE B 162 -4.61 40.87 37.94
CA PHE B 162 -3.99 41.98 38.65
C PHE B 162 -3.87 43.19 37.75
N LEU B 163 -3.37 43.00 36.53
CA LEU B 163 -3.09 44.13 35.64
C LEU B 163 -4.36 44.86 35.28
N LEU B 164 -5.45 44.13 35.04
CA LEU B 164 -6.71 44.80 34.75
C LEU B 164 -7.31 45.44 35.99
N GLN B 165 -7.19 44.78 37.15
CA GLN B 165 -7.99 45.14 38.32
C GLN B 165 -7.26 46.04 39.31
N ASN B 166 -5.94 46.17 39.22
CA ASN B 166 -5.22 46.99 40.19
C ASN B 166 -5.53 48.46 39.99
N SER B 167 -5.56 49.19 41.11
CA SER B 167 -5.80 50.62 41.10
C SER B 167 -4.53 51.45 40.93
N TRP B 168 -3.36 50.86 41.21
CA TRP B 168 -2.11 51.60 41.03
C TRP B 168 -1.91 51.98 39.57
N GLN B 169 -2.17 51.06 38.66
CA GLN B 169 -2.04 51.33 37.23
C GLN B 169 -2.85 50.29 36.45
N PRO B 170 -4.14 50.51 36.17
CA PRO B 170 -4.91 49.49 35.47
C PRO B 170 -4.51 49.40 34.00
N ALA B 171 -4.56 48.19 33.49
CA ALA B 171 -4.23 47.93 32.09
C ALA B 171 -5.44 48.21 31.21
N ASP B 172 -5.16 48.57 29.96
CA ASP B 172 -6.20 48.85 28.97
C ASP B 172 -6.49 47.56 28.21
N ILE B 173 -7.64 46.95 28.50
CA ILE B 173 -7.97 45.66 27.91
C ILE B 173 -8.18 45.75 26.40
N SER B 174 -8.49 46.93 25.87
CA SER B 174 -8.72 47.13 24.45
C SER B 174 -7.48 47.63 23.71
N ALA B 175 -6.33 47.70 24.36
CA ALA B 175 -5.15 48.29 23.72
C ALA B 175 -4.65 47.42 22.57
N ARG B 176 -4.09 48.09 21.57
CA ARG B 176 -3.61 47.46 20.34
C ARG B 176 -2.12 47.73 20.15
N ASP B 177 -1.42 46.72 19.65
CA ASP B 177 0.00 46.80 19.38
C ASP B 177 0.21 47.46 18.01
N SER B 178 1.46 47.41 17.51
CA SER B 178 1.77 47.96 16.20
C SER B 178 1.05 47.22 15.09
N VAL B 179 0.82 45.91 15.24
CA VAL B 179 0.07 45.14 14.26
C VAL B 179 -1.42 45.37 14.37
N GLY B 180 -1.89 46.05 15.41
CA GLY B 180 -3.31 46.16 15.68
C GLY B 180 -3.88 45.01 16.49
N ASN B 181 -3.06 44.04 16.88
CA ASN B 181 -3.54 42.93 17.69
C ASN B 181 -3.86 43.39 19.09
N THR B 182 -4.99 42.95 19.60
CA THR B 182 -5.34 43.03 21.00
C THR B 182 -4.83 41.78 21.70
N VAL B 183 -5.24 41.59 22.95
CA VAL B 183 -4.91 40.35 23.67
C VAL B 183 -5.51 39.16 22.94
N LEU B 184 -6.73 39.30 22.44
CA LEU B 184 -7.42 38.17 21.82
C LEU B 184 -6.76 37.76 20.52
N HIS B 185 -6.35 38.74 19.70
CA HIS B 185 -5.62 38.42 18.48
C HIS B 185 -4.32 37.70 18.82
N ALA B 186 -3.60 38.19 19.82
CA ALA B 186 -2.35 37.53 20.23
C ALA B 186 -2.60 36.12 20.73
N LEU B 187 -3.69 35.92 21.48
CA LEU B 187 -4.04 34.58 21.93
C LEU B 187 -4.33 33.68 20.75
N VAL B 188 -4.99 34.22 19.73
CA VAL B 188 -5.30 33.41 18.56
C VAL B 188 -4.03 33.01 17.84
N GLU B 189 -3.09 33.95 17.71
CA GLU B 189 -1.89 33.67 16.94
C GLU B 189 -1.01 32.62 17.58
N VAL B 190 -0.89 32.62 18.91
CA VAL B 190 -0.03 31.64 19.58
C VAL B 190 -0.65 30.25 19.66
N ALA B 191 -1.85 30.05 19.11
CA ALA B 191 -2.42 28.72 19.07
C ALA B 191 -1.70 27.87 18.04
N ASP B 192 -1.79 26.55 18.20
CA ASP B 192 -1.22 25.62 17.23
C ASP B 192 -2.03 24.32 17.09
N ASN B 193 -3.28 24.28 17.53
CA ASN B 193 -4.20 23.18 17.27
C ASN B 193 -3.75 21.86 17.91
N THR B 194 -3.01 21.92 19.00
CA THR B 194 -2.76 20.76 19.86
C THR B 194 -3.67 20.81 21.09
N VAL B 195 -3.75 19.69 21.79
CA VAL B 195 -4.75 19.53 22.84
C VAL B 195 -4.48 20.49 24.00
N ASP B 196 -3.24 20.49 24.48
CA ASP B 196 -2.94 21.31 25.66
C ASP B 196 -2.96 22.78 25.31
N ASN B 197 -2.40 23.12 24.14
CA ASN B 197 -2.44 24.48 23.66
C ASN B 197 -3.88 24.96 23.49
N THR B 198 -4.74 24.09 22.95
CA THR B 198 -6.14 24.41 22.82
C THR B 198 -6.76 24.69 24.18
N LYS B 199 -6.45 23.86 25.18
CA LYS B 199 -7.02 24.07 26.51
C LYS B 199 -6.57 25.39 27.11
N PHE B 200 -5.27 25.69 27.04
CA PHE B 200 -4.74 26.93 27.58
C PHE B 200 -5.39 28.13 26.91
N VAL B 201 -5.39 28.14 25.59
CA VAL B 201 -5.83 29.31 24.85
C VAL B 201 -7.33 29.49 25.01
N THR B 202 -8.08 28.39 24.98
CA THR B 202 -9.51 28.46 25.17
C THR B 202 -9.86 29.02 26.54
N SER B 203 -9.21 28.51 27.58
CA SER B 203 -9.49 28.96 28.93
C SER B 203 -9.16 30.44 29.08
N MET B 204 -7.96 30.85 28.66
CA MET B 204 -7.54 32.24 28.83
C MET B 204 -8.41 33.19 28.02
N TYR B 205 -8.80 32.77 26.81
CA TYR B 205 -9.69 33.58 26.00
C TYR B 205 -11.02 33.79 26.72
N ASN B 206 -11.55 32.70 27.29
CA ASN B 206 -12.81 32.81 28.03
C ASN B 206 -12.68 33.74 29.21
N GLU B 207 -11.59 33.64 29.96
CA GLU B 207 -11.44 34.46 31.16
C GLU B 207 -11.25 35.92 30.80
N ILE B 208 -10.51 36.21 29.73
CA ILE B 208 -10.37 37.58 29.28
C ILE B 208 -11.71 38.15 28.90
N LEU B 209 -12.54 37.36 28.21
CA LEU B 209 -13.86 37.85 27.82
C LEU B 209 -14.72 38.14 29.04
N ILE B 210 -14.68 37.27 30.04
CA ILE B 210 -15.48 37.47 31.24
C ILE B 210 -15.04 38.75 31.95
N LEU B 211 -13.73 38.94 32.10
CA LEU B 211 -13.23 40.14 32.76
C LEU B 211 -13.58 41.39 31.97
N GLY B 212 -13.51 41.32 30.63
CA GLY B 212 -13.87 42.47 29.82
C GLY B 212 -15.33 42.85 29.98
N ALA B 213 -16.21 41.84 29.98
CA ALA B 213 -17.64 42.12 30.15
C ALA B 213 -17.93 42.71 31.52
N LYS B 214 -17.28 42.18 32.56
CA LYS B 214 -17.57 42.66 33.90
C LYS B 214 -17.03 44.07 34.10
N LEU B 215 -15.81 44.32 33.65
CA LEU B 215 -15.17 45.61 33.92
C LEU B 215 -15.71 46.71 33.02
N HIS B 216 -16.01 46.38 31.76
CA HIS B 216 -16.42 47.35 30.75
C HIS B 216 -17.62 46.80 30.00
N PRO B 217 -18.82 46.87 30.60
CA PRO B 217 -19.99 46.23 29.98
C PRO B 217 -20.38 46.75 28.61
N THR B 218 -19.97 47.96 28.25
CA THR B 218 -20.26 48.53 26.93
C THR B 218 -19.21 48.18 25.87
N LEU B 219 -18.14 47.47 26.24
CA LEU B 219 -17.02 47.21 25.37
C LEU B 219 -17.20 45.86 24.69
N LYS B 220 -17.02 45.82 23.37
CA LYS B 220 -17.09 44.60 22.57
C LYS B 220 -15.72 44.34 21.97
N LEU B 221 -14.93 43.51 22.64
CA LEU B 221 -13.56 43.26 22.19
C LEU B 221 -13.53 42.52 20.87
N GLU B 222 -14.44 41.55 20.67
CA GLU B 222 -14.38 40.73 19.48
C GLU B 222 -14.67 41.49 18.20
N GLU B 223 -15.27 42.67 18.28
CA GLU B 223 -15.47 43.51 17.11
C GLU B 223 -14.25 44.33 16.75
N ILE B 224 -13.19 44.32 17.56
CA ILE B 224 -12.00 45.09 17.27
C ILE B 224 -11.20 44.38 16.19
N THR B 225 -10.83 45.12 15.14
CA THR B 225 -10.06 44.59 14.04
C THR B 225 -8.62 45.07 14.12
N ASN B 226 -7.71 44.20 13.71
CA ASN B 226 -6.29 44.53 13.67
C ASN B 226 -6.00 45.33 12.40
N ARG B 227 -4.70 45.53 12.11
CA ARG B 227 -4.33 46.34 10.96
C ARG B 227 -4.79 45.73 9.65
N LYS B 228 -4.86 44.41 9.57
CA LYS B 228 -5.34 43.75 8.37
C LYS B 228 -6.86 43.76 8.27
N GLY B 229 -7.57 44.31 9.25
CA GLY B 229 -9.02 44.30 9.22
C GLY B 229 -9.66 43.01 9.68
N LEU B 230 -8.94 42.20 10.44
CA LEU B 230 -9.44 40.92 10.91
C LEU B 230 -9.82 41.01 12.38
N THR B 231 -11.03 40.56 12.67
CA THR B 231 -11.40 40.27 14.04
C THR B 231 -10.74 38.96 14.44
N PRO B 232 -10.71 38.63 15.74
CA PRO B 232 -10.10 37.37 16.15
C PRO B 232 -10.73 36.15 15.53
N LEU B 233 -12.04 36.19 15.25
CA LEU B 233 -12.67 35.08 14.55
C LEU B 233 -12.14 34.97 13.12
N ALA B 234 -12.10 36.10 12.42
CA ALA B 234 -11.56 36.11 11.08
C ALA B 234 -10.09 35.73 11.07
N LEU B 235 -9.35 36.14 12.10
CA LEU B 235 -7.94 35.78 12.19
C LEU B 235 -7.77 34.29 12.36
N ALA B 236 -8.56 33.68 13.25
CA ALA B 236 -8.47 32.23 13.44
C ALA B 236 -8.87 31.49 12.18
N ALA B 237 -9.88 31.99 11.47
CA ALA B 237 -10.28 31.38 10.21
C ALA B 237 -9.17 31.48 9.18
N SER B 238 -8.51 32.64 9.11
CA SER B 238 -7.45 32.83 8.13
C SER B 238 -6.27 31.92 8.42
N SER B 239 -5.87 31.82 9.68
CA SER B 239 -4.68 31.05 10.02
C SER B 239 -4.93 29.55 10.11
N GLY B 240 -6.17 29.11 10.08
CA GLY B 240 -6.47 27.69 10.19
C GLY B 240 -6.50 27.14 11.59
N LYS B 241 -6.73 27.98 12.59
CA LYS B 241 -6.77 27.54 13.98
C LYS B 241 -8.11 26.84 14.20
N ILE B 242 -8.11 25.52 13.98
CA ILE B 242 -9.36 24.77 14.03
C ILE B 242 -9.95 24.76 15.44
N GLY B 243 -9.11 24.63 16.47
CA GLY B 243 -9.63 24.50 17.82
C GLY B 243 -10.29 25.79 18.29
N VAL B 244 -9.67 26.92 17.97
CA VAL B 244 -10.24 28.20 18.35
C VAL B 244 -11.57 28.42 17.62
N LEU B 245 -11.65 28.00 16.37
CA LEU B 245 -12.92 28.11 15.65
C LEU B 245 -14.00 27.25 16.29
N ALA B 246 -13.65 26.02 16.66
CA ALA B 246 -14.63 25.15 17.30
C ALA B 246 -15.13 25.77 18.59
N TYR B 247 -14.21 26.30 19.39
CA TYR B 247 -14.59 26.93 20.65
C TYR B 247 -15.47 28.16 20.40
N ILE B 248 -15.08 29.04 19.49
CA ILE B 248 -15.80 30.29 19.30
C ILE B 248 -17.18 30.03 18.74
N LEU B 249 -17.26 29.20 17.70
CA LEU B 249 -18.56 28.95 17.08
C LEU B 249 -19.49 28.16 18.00
N GLN B 250 -18.93 27.35 18.91
CA GLN B 250 -19.73 26.53 19.80
C GLN B 250 -19.65 27.03 21.24
N ARG B 251 -19.58 28.34 21.42
CA ARG B 251 -19.40 28.93 22.73
C ARG B 251 -20.75 29.15 23.41
N GLU B 252 -20.86 28.67 24.65
CA GLU B 252 -22.05 28.86 25.47
C GLU B 252 -21.61 29.10 26.91
N ILE B 253 -21.92 30.29 27.43
CA ILE B 253 -21.49 30.74 28.75
C ILE B 253 -22.70 30.71 29.68
N HIS B 254 -22.62 29.90 30.73
CA HIS B 254 -23.65 29.81 31.76
C HIS B 254 -23.22 30.61 32.99
N GLU B 255 -23.34 31.93 32.87
CA GLU B 255 -23.04 32.85 33.95
C GLU B 255 -23.88 34.10 33.74
N PRO B 256 -24.70 34.56 34.69
CA PRO B 256 -25.42 35.82 34.49
C PRO B 256 -24.46 36.99 34.33
N GLU B 257 -24.89 37.97 33.52
CA GLU B 257 -24.11 39.11 33.04
C GLU B 257 -23.02 38.71 32.05
N CYS B 258 -23.01 37.46 31.58
CA CYS B 258 -22.15 37.04 30.49
C CYS B 258 -22.84 36.10 29.51
N ARG B 259 -24.15 35.89 29.64
CA ARG B 259 -24.86 35.08 28.65
C ARG B 259 -24.94 35.78 27.31
N HIS B 260 -24.94 37.12 27.30
CA HIS B 260 -24.95 37.83 26.04
C HIS B 260 -23.67 37.66 25.24
N LEU B 261 -22.59 37.20 25.85
CA LEU B 261 -21.38 36.85 25.11
C LEU B 261 -21.50 35.52 24.38
N SER B 262 -22.49 34.69 24.71
CA SER B 262 -22.59 33.39 24.06
C SER B 262 -23.03 33.56 22.62
N ARG B 263 -22.50 32.68 21.75
CA ARG B 263 -22.89 32.59 20.36
C ARG B 263 -23.75 31.38 20.07
N LYS B 264 -23.51 30.27 20.77
CA LYS B 264 -24.42 29.14 20.76
C LYS B 264 -25.45 29.36 21.86
N PHE B 265 -26.69 28.98 21.56
CA PHE B 265 -27.76 29.02 22.54
C PHE B 265 -28.61 27.77 22.35
N THR B 266 -28.80 27.01 23.42
CA THR B 266 -29.53 25.76 23.35
C THR B 266 -31.01 26.03 23.64
N GLU B 267 -31.88 25.61 22.72
CA GLU B 267 -33.31 25.80 22.86
C GLU B 267 -33.99 24.65 23.56
N TRP B 268 -33.66 23.42 23.20
CA TRP B 268 -34.18 22.28 23.94
C TRP B 268 -33.26 21.09 23.76
N ALA B 269 -33.49 20.07 24.58
CA ALA B 269 -32.83 18.80 24.46
C ALA B 269 -33.84 17.69 24.69
N TYR B 270 -33.81 16.69 23.84
CA TYR B 270 -34.49 15.41 24.03
C TYR B 270 -33.40 14.35 24.14
N GLY B 271 -33.82 13.08 24.23
CA GLY B 271 -32.94 11.98 24.59
C GLY B 271 -31.66 11.87 23.79
N PRO B 272 -31.75 11.59 22.49
CA PRO B 272 -30.58 11.67 21.61
C PRO B 272 -30.46 12.96 20.81
N VAL B 273 -31.49 13.81 20.80
CA VAL B 273 -31.61 14.95 19.90
C VAL B 273 -31.70 16.22 20.73
N HIS B 274 -31.11 17.30 20.22
CA HIS B 274 -31.28 18.63 20.82
C HIS B 274 -31.28 19.69 19.73
N SER B 275 -31.93 20.80 20.03
CA SER B 275 -32.05 21.94 19.12
C SER B 275 -31.43 23.16 19.76
N SER B 276 -30.62 23.87 18.99
CA SER B 276 -29.89 25.04 19.44
C SER B 276 -29.96 26.10 18.36
N LEU B 277 -29.49 27.29 18.72
CA LEU B 277 -29.43 28.44 17.82
C LEU B 277 -28.00 28.95 17.76
N TYR B 278 -27.59 29.40 16.57
CA TYR B 278 -26.27 29.97 16.35
C TYR B 278 -26.41 31.35 15.71
N ASP B 279 -25.55 32.28 16.12
CA ASP B 279 -25.84 33.68 15.85
C ASP B 279 -25.58 34.08 14.39
N LEU B 280 -24.63 33.46 13.71
CA LEU B 280 -24.24 33.77 12.34
C LEU B 280 -23.58 35.12 12.16
N SER B 281 -23.29 35.87 13.23
CA SER B 281 -22.65 37.18 13.06
C SER B 281 -21.29 37.03 12.41
N CYS B 282 -21.10 37.73 11.30
CA CYS B 282 -19.87 37.71 10.52
C CYS B 282 -19.55 36.32 9.99
N ILE B 283 -20.55 35.48 9.78
CA ILE B 283 -20.39 34.20 9.09
C ILE B 283 -20.79 34.41 7.65
N ASP B 284 -22.02 34.86 7.44
CA ASP B 284 -22.56 35.15 6.12
C ASP B 284 -22.50 36.62 5.77
N THR B 285 -22.84 37.49 6.71
CA THR B 285 -22.95 38.93 6.51
C THR B 285 -22.01 39.58 7.50
N CYS B 286 -20.94 40.19 6.99
CA CYS B 286 -19.91 40.80 7.81
C CYS B 286 -19.67 42.26 7.44
N GLU B 287 -19.80 42.56 6.15
CA GLU B 287 -19.59 43.89 5.55
C GLU B 287 -18.12 44.31 5.48
N LYS B 288 -17.19 43.54 6.08
CA LYS B 288 -15.77 43.71 5.86
C LYS B 288 -15.18 42.41 5.33
N ASN B 289 -15.26 41.32 6.09
CA ASN B 289 -14.62 40.07 5.72
C ASN B 289 -15.25 38.96 6.56
N SER B 290 -16.08 38.13 5.94
CA SER B 290 -16.79 37.09 6.67
C SER B 290 -15.91 35.85 6.82
N VAL B 291 -16.40 34.91 7.65
CA VAL B 291 -15.64 33.68 7.87
C VAL B 291 -15.59 32.85 6.61
N LEU B 292 -16.72 32.71 5.92
CA LEU B 292 -16.78 31.81 4.77
C LEU B 292 -15.90 32.31 3.63
N GLU B 293 -15.85 33.62 3.42
CA GLU B 293 -14.93 34.16 2.43
C GLU B 293 -13.49 33.84 2.79
N VAL B 294 -13.15 33.97 4.07
CA VAL B 294 -11.78 33.77 4.51
C VAL B 294 -11.38 32.31 4.31
N ILE B 295 -12.26 31.39 4.68
CA ILE B 295 -11.95 29.97 4.51
C ILE B 295 -11.86 29.62 3.03
N ALA B 296 -12.86 30.05 2.26
CA ALA B 296 -12.94 29.63 0.85
C ALA B 296 -11.81 30.20 0.03
N TYR B 297 -11.56 31.52 0.16
CA TYR B 297 -10.53 32.18 -0.62
C TYR B 297 -9.18 32.17 0.07
N SER B 298 -8.93 31.18 0.93
CA SER B 298 -7.61 31.02 1.49
C SER B 298 -6.62 30.61 0.40
N SER B 299 -5.35 30.67 0.74
CA SER B 299 -4.27 30.51 -0.23
C SER B 299 -3.84 29.07 -0.44
N SER B 300 -4.56 28.08 0.12
CA SER B 300 -4.26 26.66 0.03
C SER B 300 -3.07 26.22 0.87
N GLU B 301 -2.38 27.15 1.54
CA GLU B 301 -1.31 26.83 2.48
C GLU B 301 -1.82 26.59 3.90
N THR B 302 -3.06 26.96 4.19
CA THR B 302 -3.63 26.76 5.51
C THR B 302 -3.71 25.27 5.82
N PRO B 303 -3.21 24.80 6.97
CA PRO B 303 -3.17 23.34 7.18
C PRO B 303 -4.51 22.64 7.22
N ASN B 304 -5.55 23.27 7.75
CA ASN B 304 -6.83 22.64 8.01
C ASN B 304 -7.93 23.25 7.15
N ARG B 305 -7.61 23.49 5.89
CA ARG B 305 -8.55 24.17 4.99
C ARG B 305 -9.81 23.34 4.79
N HIS B 306 -9.69 22.01 4.77
CA HIS B 306 -10.85 21.15 4.57
C HIS B 306 -11.63 20.92 5.86
N ASP B 307 -10.94 20.80 6.99
CA ASP B 307 -11.61 20.45 8.23
C ASP B 307 -12.38 21.63 8.82
N MET B 308 -11.99 22.86 8.47
CA MET B 308 -12.70 24.02 8.98
C MET B 308 -14.16 24.03 8.55
N LEU B 309 -14.46 23.47 7.37
CA LEU B 309 -15.85 23.43 6.91
C LEU B 309 -16.66 22.33 7.58
N LEU B 310 -16.04 21.43 8.32
CA LEU B 310 -16.77 20.40 9.03
C LEU B 310 -17.40 20.89 10.32
N VAL B 311 -17.02 22.06 10.82
CA VAL B 311 -17.59 22.58 12.05
C VAL B 311 -19.06 22.88 11.80
N GLU B 312 -19.92 22.38 12.69
CA GLU B 312 -21.33 22.12 12.39
C GLU B 312 -22.13 23.30 11.84
N PRO B 313 -22.06 24.51 12.42
CA PRO B 313 -22.82 25.63 11.83
C PRO B 313 -22.47 25.91 10.38
N LEU B 314 -21.19 25.84 10.03
CA LEU B 314 -20.81 26.10 8.65
C LEU B 314 -21.33 25.00 7.73
N ASN B 315 -21.22 23.75 8.17
CA ASN B 315 -21.67 22.64 7.34
C ASN B 315 -23.17 22.73 7.08
N ARG B 316 -23.94 23.04 8.12
CA ARG B 316 -25.38 23.18 7.95
C ARG B 316 -25.72 24.40 7.11
N LEU B 317 -24.97 25.50 7.26
CA LEU B 317 -25.20 26.68 6.43
C LEU B 317 -25.00 26.37 4.96
N LEU B 318 -23.91 25.67 4.64
CA LEU B 318 -23.63 25.35 3.25
C LEU B 318 -24.68 24.41 2.69
N GLN B 319 -25.11 23.42 3.49
CA GLN B 319 -26.13 22.51 3.02
C GLN B 319 -27.45 23.24 2.77
N ASP B 320 -27.81 24.15 3.68
CA ASP B 320 -29.04 24.90 3.51
C ASP B 320 -29.00 25.78 2.28
N LYS B 321 -27.90 26.51 2.11
CA LYS B 321 -27.79 27.39 0.94
C LYS B 321 -27.79 26.58 -0.34
N TRP B 322 -27.14 25.43 -0.33
CA TRP B 322 -27.13 24.57 -1.51
C TRP B 322 -28.52 24.12 -1.88
N ASP B 323 -29.25 23.57 -0.92
CA ASP B 323 -30.58 23.06 -1.23
C ASP B 323 -31.57 24.18 -1.55
N ARG B 324 -31.35 25.37 -1.00
CA ARG B 324 -32.41 26.37 -1.05
C ARG B 324 -32.53 26.99 -2.43
N PHE B 325 -31.48 27.67 -2.89
CA PHE B 325 -31.52 28.36 -4.18
C PHE B 325 -30.28 28.13 -5.05
N VAL B 326 -29.15 27.76 -4.46
CA VAL B 326 -27.91 27.72 -5.24
C VAL B 326 -27.90 26.56 -6.21
N LYS B 327 -28.47 25.41 -5.82
CA LYS B 327 -28.42 24.22 -6.65
C LYS B 327 -29.07 24.45 -8.00
N ARG B 328 -30.25 25.08 -7.98
CA ARG B 328 -30.95 25.35 -9.23
C ARG B 328 -30.16 26.31 -10.10
N ILE B 329 -29.57 27.33 -9.50
CA ILE B 329 -28.82 28.32 -10.29
C ILE B 329 -27.60 27.67 -10.91
N PHE B 330 -26.94 26.80 -10.16
CA PHE B 330 -25.78 26.10 -10.70
C PHE B 330 -26.17 25.22 -11.88
N TYR B 331 -27.25 24.45 -11.75
CA TYR B 331 -27.68 23.62 -12.86
C TYR B 331 -28.07 24.47 -14.06
N PHE B 332 -28.71 25.61 -13.81
CA PHE B 332 -29.11 26.49 -14.89
C PHE B 332 -27.89 27.02 -15.63
N ASN B 333 -26.85 27.43 -14.89
CA ASN B 333 -25.64 27.92 -15.54
C ASN B 333 -24.98 26.82 -16.34
N PHE B 334 -24.99 25.60 -15.82
CA PHE B 334 -24.40 24.49 -16.57
C PHE B 334 -25.15 24.26 -17.87
N PHE B 335 -26.47 24.31 -17.82
CA PHE B 335 -27.28 24.13 -19.02
C PHE B 335 -27.01 25.24 -20.03
N VAL B 336 -26.93 26.48 -19.58
CA VAL B 336 -26.69 27.59 -20.49
C VAL B 336 -25.32 27.45 -21.13
N TYR B 337 -24.32 27.06 -20.35
CA TYR B 337 -23.00 26.86 -20.92
C TYR B 337 -23.01 25.76 -21.96
N CYS B 338 -23.76 24.69 -21.71
CA CYS B 338 -23.88 23.64 -22.72
C CYS B 338 -24.50 24.17 -24.01
N LEU B 339 -25.54 24.99 -23.89
CA LEU B 339 -26.14 25.56 -25.09
C LEU B 339 -25.16 26.47 -25.82
N TYR B 340 -24.39 27.24 -25.05
CA TYR B 340 -23.38 28.11 -25.65
C TYR B 340 -22.38 27.31 -26.44
N MET B 341 -21.90 26.21 -25.86
CA MET B 341 -20.91 25.40 -26.56
C MET B 341 -21.50 24.73 -27.78
N ILE B 342 -22.76 24.31 -27.73
CA ILE B 342 -23.36 23.70 -28.90
C ILE B 342 -23.47 24.72 -30.02
N ILE B 343 -23.90 25.93 -29.70
CA ILE B 343 -24.02 26.97 -30.72
C ILE B 343 -22.65 27.30 -31.29
N PHE B 344 -21.64 27.43 -30.43
CA PHE B 344 -20.29 27.71 -30.92
C PHE B 344 -19.80 26.61 -31.84
N THR B 345 -20.06 25.37 -31.45
CA THR B 345 -19.63 24.23 -32.26
C THR B 345 -20.27 24.26 -33.63
N ALA B 346 -21.60 24.43 -33.67
CA ALA B 346 -22.32 24.44 -34.94
C ALA B 346 -21.88 25.61 -35.80
N ALA B 347 -21.66 26.76 -35.18
CA ALA B 347 -21.22 27.93 -35.95
C ALA B 347 -19.85 27.72 -36.55
N ALA B 348 -18.93 27.17 -35.77
CA ALA B 348 -17.57 26.99 -36.28
C ALA B 348 -17.54 25.95 -37.38
N TYR B 349 -18.30 24.87 -37.23
CA TYR B 349 -18.24 23.75 -38.17
C TYR B 349 -18.60 24.20 -39.58
N TYR B 350 -19.59 25.08 -39.72
CA TYR B 350 -20.07 25.56 -41.00
C TYR B 350 -19.40 26.85 -41.43
N ARG B 351 -18.13 27.04 -41.10
CA ARG B 351 -17.44 28.25 -41.53
C ARG B 351 -17.31 28.25 -43.04
N PRO B 352 -17.20 29.42 -43.68
CA PRO B 352 -16.95 29.45 -45.12
C PRO B 352 -15.51 29.05 -45.43
N VAL B 353 -15.33 28.53 -46.64
CA VAL B 353 -14.04 28.06 -47.14
C VAL B 353 -13.46 28.98 -48.20
N GLU B 354 -14.13 30.10 -48.52
CA GLU B 354 -13.57 31.04 -49.46
C GLU B 354 -12.43 31.80 -48.79
N GLY B 355 -11.70 32.59 -49.57
CA GLY B 355 -10.55 33.30 -49.07
C GLY B 355 -10.92 34.65 -48.48
N LEU B 356 -9.93 35.25 -47.80
CA LEU B 356 -9.96 36.66 -47.40
C LEU B 356 -11.19 37.03 -46.57
N PRO B 357 -11.21 36.73 -45.27
CA PRO B 357 -12.28 37.25 -44.42
C PRO B 357 -12.24 38.77 -44.37
N PRO B 358 -13.32 39.43 -43.93
CA PRO B 358 -14.64 38.94 -43.53
C PRO B 358 -15.48 38.56 -44.73
N TYR B 359 -16.46 37.70 -44.52
CA TYR B 359 -17.27 37.14 -45.60
C TYR B 359 -18.65 37.80 -45.60
N LYS B 360 -19.08 38.24 -46.78
CA LYS B 360 -20.34 38.96 -46.88
C LYS B 360 -21.50 38.02 -46.67
N LEU B 361 -22.52 38.51 -45.97
CA LEU B 361 -23.74 37.74 -45.78
C LEU B 361 -24.56 37.76 -47.07
N LYS B 362 -25.11 36.60 -47.41
CA LYS B 362 -26.06 36.45 -48.48
C LYS B 362 -27.46 36.37 -47.90
N ASN B 363 -28.45 36.74 -48.70
CA ASN B 363 -29.84 36.71 -48.27
C ASN B 363 -30.36 35.27 -48.36
N THR B 364 -29.88 34.45 -47.42
CA THR B 364 -30.23 33.05 -47.34
C THR B 364 -30.23 32.62 -45.88
N VAL B 365 -31.01 31.58 -45.60
CA VAL B 365 -31.28 31.15 -44.21
C VAL B 365 -29.98 30.75 -43.51
N GLY B 366 -29.12 30.01 -44.21
CA GLY B 366 -27.90 29.53 -43.61
C GLY B 366 -26.99 30.65 -43.15
N ASP B 367 -26.88 31.71 -43.94
CA ASP B 367 -26.03 32.82 -43.53
C ASP B 367 -26.58 33.54 -42.31
N TYR B 368 -27.90 33.70 -42.21
CA TYR B 368 -28.48 34.33 -41.02
C TYR B 368 -28.21 33.52 -39.77
N PHE B 369 -28.47 32.21 -39.84
CA PHE B 369 -28.21 31.39 -38.65
C PHE B 369 -26.73 31.35 -38.32
N ARG B 370 -25.88 31.29 -39.34
CA ARG B 370 -24.44 31.24 -39.12
C ARG B 370 -23.94 32.49 -38.42
N VAL B 371 -24.34 33.67 -38.91
CA VAL B 371 -23.84 34.89 -38.30
C VAL B 371 -24.45 35.09 -36.93
N THR B 372 -25.68 34.62 -36.71
CA THR B 372 -26.23 34.61 -35.35
C THR B 372 -25.36 33.79 -34.41
N GLY B 373 -24.96 32.60 -34.85
CA GLY B 373 -24.08 31.78 -34.03
C GLY B 373 -22.74 32.45 -33.78
N GLU B 374 -22.19 33.11 -34.80
CA GLU B 374 -20.93 33.82 -34.62
C GLU B 374 -21.05 34.92 -33.59
N ILE B 375 -22.14 35.68 -33.64
CA ILE B 375 -22.32 36.79 -32.71
C ILE B 375 -22.46 36.26 -31.29
N LEU B 376 -23.22 35.17 -31.12
CA LEU B 376 -23.35 34.61 -29.79
C LEU B 376 -22.02 34.08 -29.26
N SER B 377 -21.21 33.49 -30.14
CA SER B 377 -19.92 32.99 -29.71
C SER B 377 -19.01 34.13 -29.25
N VAL B 378 -18.95 35.21 -30.01
CA VAL B 378 -18.09 36.33 -29.64
C VAL B 378 -18.62 36.97 -28.36
N SER B 379 -19.94 37.02 -28.21
CA SER B 379 -20.55 37.54 -26.99
C SER B 379 -20.10 36.77 -25.77
N GLY B 380 -20.16 35.43 -25.84
CA GLY B 380 -19.73 34.63 -24.72
C GLY B 380 -18.26 34.80 -24.41
N GLY B 381 -17.43 34.93 -25.45
CA GLY B 381 -16.02 35.17 -25.21
C GLY B 381 -15.77 36.47 -24.48
N VAL B 382 -16.47 37.53 -24.87
CA VAL B 382 -16.32 38.81 -24.20
C VAL B 382 -16.78 38.71 -22.75
N TYR B 383 -17.89 37.98 -22.52
CA TYR B 383 -18.39 37.80 -21.16
C TYR B 383 -17.36 37.16 -20.27
N PHE B 384 -16.79 36.03 -20.71
CA PHE B 384 -15.79 35.37 -19.88
C PHE B 384 -14.55 36.21 -19.72
N PHE B 385 -14.20 37.01 -20.73
CA PHE B 385 -13.07 37.92 -20.60
C PHE B 385 -13.24 38.87 -19.44
N PHE B 386 -14.37 39.57 -19.41
CA PHE B 386 -14.56 40.56 -18.34
C PHE B 386 -14.74 39.88 -16.99
N ARG B 387 -15.38 38.71 -16.96
CA ARG B 387 -15.53 38.00 -15.70
C ARG B 387 -14.16 37.61 -15.13
N GLY B 388 -13.25 37.16 -16.00
CA GLY B 388 -11.93 36.80 -15.54
C GLY B 388 -11.15 37.98 -15.01
N ILE B 389 -11.25 39.13 -15.71
CA ILE B 389 -10.54 40.31 -15.22
C ILE B 389 -11.11 40.75 -13.88
N GLN B 390 -12.43 40.68 -13.71
CA GLN B 390 -13.03 41.02 -12.42
C GLN B 390 -12.51 40.12 -11.32
N TYR B 391 -12.37 38.83 -11.62
CA TYR B 391 -11.84 37.90 -10.63
C TYR B 391 -10.42 38.27 -10.23
N PHE B 392 -9.57 38.51 -11.22
CA PHE B 392 -8.17 38.76 -10.89
C PHE B 392 -8.00 40.08 -10.15
N LEU B 393 -8.78 41.10 -10.51
CA LEU B 393 -8.68 42.35 -9.79
C LEU B 393 -9.21 42.22 -8.37
N GLN B 394 -10.27 41.43 -8.17
CA GLN B 394 -10.83 41.31 -6.83
C GLN B 394 -9.92 40.50 -5.92
N ARG B 395 -9.28 39.47 -6.45
CA ARG B 395 -8.44 38.59 -5.62
C ARG B 395 -7.02 39.08 -5.46
N ARG B 396 -6.43 39.63 -6.52
CA ARG B 396 -5.02 40.02 -6.55
C ARG B 396 -4.08 38.90 -6.11
N PRO B 397 -4.12 37.74 -6.78
CA PRO B 397 -3.23 36.65 -6.38
C PRO B 397 -1.79 36.94 -6.78
N SER B 398 -0.87 36.36 -6.02
CA SER B 398 0.54 36.47 -6.34
C SER B 398 0.92 35.47 -7.43
N LEU B 399 2.09 35.68 -8.02
CA LEU B 399 2.56 34.78 -9.07
C LEU B 399 2.80 33.38 -8.52
N LYS B 400 3.34 33.29 -7.30
CA LYS B 400 3.73 32.00 -6.73
C LYS B 400 2.54 31.08 -6.57
N SER B 401 1.38 31.63 -6.20
CA SER B 401 0.13 30.90 -6.11
C SER B 401 -0.84 31.26 -7.23
N LEU B 402 -0.35 31.82 -8.34
CA LEU B 402 -1.27 32.16 -9.42
C LEU B 402 -1.93 30.92 -10.01
N PHE B 403 -1.17 29.86 -10.24
CA PHE B 403 -1.68 28.63 -10.83
C PHE B 403 -2.06 27.58 -9.82
N VAL B 404 -1.46 27.61 -8.63
CA VAL B 404 -1.78 26.60 -7.62
C VAL B 404 -3.23 26.72 -7.21
N ASP B 405 -3.71 27.95 -7.05
CA ASP B 405 -5.13 28.27 -6.99
C ASP B 405 -5.53 28.86 -8.34
N SER B 406 -6.81 29.18 -8.49
CA SER B 406 -7.30 29.95 -9.63
C SER B 406 -7.09 29.25 -10.96
N TYR B 407 -7.02 27.92 -10.95
CA TYR B 407 -6.77 27.18 -12.18
C TYR B 407 -7.91 27.36 -13.18
N SER B 408 -9.13 27.21 -12.72
CA SER B 408 -10.28 27.24 -13.61
C SER B 408 -10.47 28.62 -14.22
N GLU B 409 -10.26 29.66 -13.43
CA GLU B 409 -10.41 31.01 -13.97
C GLU B 409 -9.36 31.30 -15.01
N ILE B 410 -8.14 30.77 -14.81
CA ILE B 410 -7.09 30.98 -15.79
C ILE B 410 -7.47 30.32 -17.10
N LEU B 411 -8.00 29.10 -17.04
CA LEU B 411 -8.35 28.42 -18.28
C LEU B 411 -9.54 29.10 -18.99
N PHE B 412 -10.54 29.55 -18.22
CA PHE B 412 -11.63 30.27 -18.87
C PHE B 412 -11.14 31.57 -19.50
N PHE B 413 -10.24 32.27 -18.81
CA PHE B 413 -9.69 33.49 -19.37
C PHE B 413 -8.89 33.21 -20.64
N VAL B 414 -8.15 32.11 -20.65
CA VAL B 414 -7.36 31.77 -21.83
C VAL B 414 -8.27 31.47 -23.00
N GLN B 415 -9.38 30.78 -22.75
CA GLN B 415 -10.39 30.60 -23.79
C GLN B 415 -10.87 31.94 -24.32
N SER B 416 -11.12 32.89 -23.42
CA SER B 416 -11.59 34.20 -23.86
C SER B 416 -10.55 34.90 -24.73
N LEU B 417 -9.27 34.79 -24.34
CA LEU B 417 -8.23 35.43 -25.13
C LEU B 417 -8.14 34.84 -26.52
N PHE B 418 -8.27 33.51 -26.63
CA PHE B 418 -8.25 32.89 -27.95
C PHE B 418 -9.41 33.37 -28.80
N MET B 419 -10.60 33.49 -28.20
CA MET B 419 -11.75 33.99 -28.96
C MET B 419 -11.51 35.41 -29.46
N LEU B 420 -10.97 36.28 -28.61
CA LEU B 420 -10.78 37.66 -29.02
C LEU B 420 -9.71 37.77 -30.11
N VAL B 421 -8.65 36.99 -29.99
CA VAL B 421 -7.62 36.99 -31.02
C VAL B 421 -8.19 36.48 -32.33
N SER B 422 -9.09 35.51 -32.26
CA SER B 422 -9.78 35.05 -33.46
C SER B 422 -10.59 36.17 -34.09
N VAL B 423 -11.28 36.98 -33.27
CA VAL B 423 -12.06 38.08 -33.83
C VAL B 423 -11.14 39.09 -34.51
N VAL B 424 -10.03 39.41 -33.87
CA VAL B 424 -9.09 40.40 -34.39
C VAL B 424 -8.54 39.95 -35.74
N LEU B 425 -8.16 38.67 -35.83
CA LEU B 425 -7.68 38.17 -37.11
C LEU B 425 -8.79 38.10 -38.14
N TYR B 426 -10.03 37.83 -37.71
CA TYR B 426 -11.14 37.74 -38.65
C TYR B 426 -11.36 39.06 -39.34
N PHE B 427 -11.33 40.16 -38.59
CA PHE B 427 -11.49 41.47 -39.20
C PHE B 427 -10.18 42.06 -39.73
N SER B 428 -9.04 41.43 -39.47
CA SER B 428 -7.76 41.85 -40.03
C SER B 428 -7.47 41.22 -41.39
N GLN B 429 -8.42 40.49 -41.97
CA GLN B 429 -8.25 39.86 -43.29
C GLN B 429 -7.10 38.86 -43.27
N ARG B 430 -7.18 37.91 -42.36
CA ARG B 430 -6.23 36.82 -42.24
C ARG B 430 -6.99 35.51 -42.12
N LYS B 431 -6.52 34.48 -42.81
CA LYS B 431 -7.10 33.15 -42.62
C LYS B 431 -6.81 32.59 -41.23
N GLU B 432 -5.77 33.08 -40.55
CA GLU B 432 -5.29 32.45 -39.33
C GLU B 432 -6.28 32.52 -38.18
N TYR B 433 -7.35 33.31 -38.31
CA TYR B 433 -8.41 33.29 -37.31
C TYR B 433 -8.94 31.89 -37.08
N VAL B 434 -8.97 31.05 -38.14
CA VAL B 434 -9.44 29.68 -38.02
C VAL B 434 -8.65 28.95 -36.96
N ALA B 435 -7.32 29.12 -36.99
CA ALA B 435 -6.46 28.43 -36.03
C ALA B 435 -6.81 28.83 -34.61
N SER B 436 -6.96 30.13 -34.36
CA SER B 436 -7.28 30.58 -33.02
C SER B 436 -8.63 30.05 -32.59
N MET B 437 -9.60 30.09 -33.51
CA MET B 437 -10.95 29.65 -33.18
C MET B 437 -10.94 28.19 -32.79
N VAL B 438 -10.13 27.39 -33.50
CA VAL B 438 -10.13 25.95 -33.26
C VAL B 438 -9.67 25.66 -31.86
N PHE B 439 -8.62 26.36 -31.42
CA PHE B 439 -8.08 26.10 -30.09
C PHE B 439 -9.10 26.43 -29.04
N SER B 440 -9.81 27.55 -29.22
CA SER B 440 -10.82 27.96 -28.26
C SER B 440 -11.90 26.91 -28.14
N LEU B 441 -12.29 26.34 -29.28
CA LEU B 441 -13.35 25.34 -29.29
C LEU B 441 -12.97 24.14 -28.47
N ALA B 442 -11.71 23.70 -28.58
CA ALA B 442 -11.28 22.55 -27.81
C ALA B 442 -11.36 22.86 -26.32
N MET B 443 -10.85 24.04 -25.93
CA MET B 443 -10.92 24.44 -24.54
C MET B 443 -12.36 24.61 -24.12
N GLY B 444 -13.19 25.07 -25.05
CA GLY B 444 -14.58 25.31 -24.74
C GLY B 444 -15.28 24.04 -24.30
N TRP B 445 -14.88 22.90 -24.85
CA TRP B 445 -15.44 21.65 -24.38
C TRP B 445 -14.75 21.15 -23.14
N THR B 446 -13.42 21.29 -23.09
CA THR B 446 -12.67 20.70 -21.99
C THR B 446 -12.98 21.39 -20.68
N ASN B 447 -13.19 22.70 -20.71
CA ASN B 447 -13.55 23.43 -19.50
C ASN B 447 -14.94 23.06 -18.99
N MET B 448 -15.73 22.30 -19.77
CA MET B 448 -16.95 21.71 -19.26
C MET B 448 -16.69 20.89 -18.00
N LEU B 449 -15.49 20.31 -17.86
CA LEU B 449 -15.20 19.54 -16.66
C LEU B 449 -15.23 20.38 -15.39
N TYR B 450 -15.14 21.71 -15.51
CA TYR B 450 -15.35 22.57 -14.34
C TYR B 450 -16.69 22.32 -13.68
N TYR B 451 -17.70 21.97 -14.46
CA TYR B 451 -19.01 21.73 -13.86
C TYR B 451 -19.14 20.34 -13.25
N THR B 452 -18.14 19.46 -13.38
CA THR B 452 -18.12 18.27 -12.55
C THR B 452 -17.65 18.58 -11.13
N ARG B 453 -17.02 19.73 -10.91
CA ARG B 453 -16.71 20.15 -9.56
C ARG B 453 -18.02 20.35 -8.80
N GLY B 454 -18.04 19.90 -7.55
CA GLY B 454 -19.21 20.02 -6.71
C GLY B 454 -20.12 18.81 -6.72
N PHE B 455 -19.86 17.81 -7.55
CA PHE B 455 -20.50 16.51 -7.45
C PHE B 455 -19.58 15.61 -6.63
N GLN B 456 -20.16 14.88 -5.69
CA GLN B 456 -19.35 14.05 -4.79
C GLN B 456 -18.60 12.98 -5.55
N GLN B 457 -19.18 12.46 -6.62
CA GLN B 457 -18.55 11.40 -7.39
C GLN B 457 -17.59 11.94 -8.45
N MET B 458 -17.97 13.01 -9.15
CA MET B 458 -17.34 13.37 -10.42
C MET B 458 -16.32 14.49 -10.31
N GLY B 459 -16.31 15.28 -9.24
CA GLY B 459 -15.27 16.28 -9.09
C GLY B 459 -13.89 15.71 -8.89
N ILE B 460 -13.81 14.45 -8.44
CA ILE B 460 -12.52 13.83 -8.17
C ILE B 460 -11.68 13.75 -9.44
N TYR B 461 -12.31 13.55 -10.59
CA TYR B 461 -11.55 13.47 -11.83
C TYR B 461 -10.99 14.83 -12.21
N ALA B 462 -11.77 15.89 -12.02
CA ALA B 462 -11.26 17.22 -12.32
C ALA B 462 -10.08 17.59 -11.43
N VAL B 463 -10.20 17.34 -10.12
CA VAL B 463 -9.09 17.73 -9.24
C VAL B 463 -7.88 16.85 -9.49
N MET B 464 -8.09 15.56 -9.83
CA MET B 464 -6.96 14.70 -10.13
C MET B 464 -6.21 15.20 -11.36
N ILE B 465 -6.95 15.64 -12.38
CA ILE B 465 -6.30 16.15 -13.58
C ILE B 465 -5.53 17.42 -13.26
N GLU B 466 -6.13 18.31 -12.46
CA GLU B 466 -5.46 19.56 -12.11
C GLU B 466 -4.15 19.31 -11.37
N LYS B 467 -4.20 18.46 -10.33
CA LYS B 467 -3.02 18.19 -9.56
C LYS B 467 -1.94 17.54 -10.43
N MET B 468 -2.34 16.60 -11.29
CA MET B 468 -1.35 15.92 -12.12
C MET B 468 -0.71 16.87 -13.11
N ILE B 469 -1.49 17.73 -13.75
CA ILE B 469 -0.91 18.65 -14.72
C ILE B 469 -0.01 19.66 -14.03
N LEU B 470 -0.42 20.18 -12.87
CA LEU B 470 0.35 21.23 -12.25
C LEU B 470 1.64 20.72 -11.62
N ARG B 471 1.63 19.53 -11.01
CA ARG B 471 2.82 19.01 -10.36
C ARG B 471 3.67 18.14 -11.27
N ASP B 472 3.11 17.02 -11.71
CA ASP B 472 3.96 15.92 -12.14
C ASP B 472 4.51 16.16 -13.53
N LEU B 473 3.65 16.50 -14.48
CA LEU B 473 4.14 16.79 -15.82
C LEU B 473 4.99 18.03 -15.84
N CYS B 474 4.65 19.03 -15.01
CA CYS B 474 5.44 20.25 -14.95
C CYS B 474 6.86 19.97 -14.51
N ARG B 475 7.03 19.12 -13.49
CA ARG B 475 8.39 18.78 -13.07
C ARG B 475 9.07 17.89 -14.10
N PHE B 476 8.38 16.84 -14.54
CA PHE B 476 9.00 15.83 -15.40
C PHE B 476 9.37 16.37 -16.78
N MET B 477 8.76 17.49 -17.19
CA MET B 477 9.07 18.10 -18.47
C MET B 477 10.56 18.38 -18.64
N PHE B 478 11.23 18.82 -17.58
CA PHE B 478 12.64 19.18 -17.73
C PHE B 478 13.52 17.96 -17.91
N VAL B 479 13.26 16.90 -17.16
CA VAL B 479 14.04 15.67 -17.30
C VAL B 479 13.85 15.11 -18.70
N TYR B 480 12.60 15.04 -19.15
CA TYR B 480 12.39 14.47 -20.48
C TYR B 480 12.98 15.36 -21.56
N LEU B 481 12.90 16.68 -21.40
CA LEU B 481 13.46 17.56 -22.42
C LEU B 481 14.97 17.45 -22.46
N VAL B 482 15.61 17.22 -21.32
CA VAL B 482 17.05 17.01 -21.30
C VAL B 482 17.40 15.78 -22.12
N PHE B 483 16.71 14.66 -21.86
CA PHE B 483 17.00 13.44 -22.60
C PHE B 483 16.69 13.60 -24.08
N LEU B 484 15.57 14.23 -24.40
CA LEU B 484 15.15 14.41 -25.78
C LEU B 484 16.17 15.26 -26.54
N PHE B 485 16.57 16.38 -25.96
CA PHE B 485 17.49 17.25 -26.67
C PHE B 485 18.86 16.60 -26.82
N GLY B 486 19.35 15.94 -25.77
CA GLY B 486 20.66 15.32 -25.86
C GLY B 486 20.74 14.26 -26.93
N PHE B 487 19.78 13.33 -26.93
CA PHE B 487 19.83 12.28 -27.94
C PHE B 487 19.48 12.81 -29.32
N SER B 488 18.61 13.83 -29.41
CA SER B 488 18.28 14.41 -30.70
C SER B 488 19.49 15.05 -31.34
N THR B 489 20.24 15.83 -30.58
CA THR B 489 21.43 16.46 -31.14
C THR B 489 22.49 15.42 -31.48
N ALA B 490 22.59 14.36 -30.69
CA ALA B 490 23.49 13.27 -31.05
C ALA B 490 23.13 12.67 -32.40
N VAL B 491 21.84 12.39 -32.60
CA VAL B 491 21.42 11.73 -33.83
C VAL B 491 21.58 12.65 -35.03
N VAL B 492 21.25 13.94 -34.87
CA VAL B 492 21.42 14.86 -35.98
C VAL B 492 22.89 15.03 -36.31
N THR B 493 23.77 14.96 -35.31
CA THR B 493 25.19 15.04 -35.63
C THR B 493 25.66 13.82 -36.39
N LEU B 494 25.13 12.64 -36.06
CA LEU B 494 25.67 11.44 -36.69
C LEU B 494 25.27 11.33 -38.15
N ILE B 495 24.01 11.59 -38.46
CA ILE B 495 23.47 11.31 -39.79
C ILE B 495 23.88 12.41 -40.74
N GLU B 496 24.29 12.01 -41.94
CA GLU B 496 24.66 12.92 -43.03
C GLU B 496 23.65 12.74 -44.16
N ASP B 497 22.68 13.65 -44.25
CA ASP B 497 21.73 13.71 -45.36
C ASP B 497 20.93 12.41 -45.47
N GLY B 498 20.09 12.21 -44.45
CA GLY B 498 19.06 11.20 -44.48
C GLY B 498 17.74 11.82 -44.07
N LYS B 499 16.76 10.99 -43.75
CA LYS B 499 15.49 11.51 -43.28
C LYS B 499 15.58 12.13 -41.90
N TYR B 500 16.55 11.71 -41.08
CA TYR B 500 16.67 12.22 -39.73
C TYR B 500 17.35 13.57 -39.68
N ASN B 501 18.16 13.93 -40.66
CA ASN B 501 19.08 15.07 -40.53
C ASN B 501 18.38 16.43 -40.49
N SER B 502 17.58 16.65 -39.46
CA SER B 502 16.89 17.91 -39.16
C SER B 502 16.26 17.78 -37.79
N LEU B 503 16.42 18.78 -36.93
CA LEU B 503 15.98 18.64 -35.54
C LEU B 503 14.48 18.44 -35.41
N TYR B 504 13.69 18.94 -36.36
CA TYR B 504 12.24 18.89 -36.22
C TYR B 504 11.73 17.46 -36.35
N SER B 505 12.03 16.82 -37.47
CA SER B 505 11.61 15.44 -37.68
C SER B 505 12.23 14.51 -36.66
N THR B 506 13.49 14.74 -36.31
CA THR B 506 14.15 13.88 -35.34
C THR B 506 13.50 13.97 -33.97
N CYS B 507 13.21 15.20 -33.52
CA CYS B 507 12.50 15.35 -32.25
C CYS B 507 11.13 14.70 -32.30
N LEU B 508 10.44 14.85 -33.42
CA LEU B 508 9.12 14.21 -33.55
C LEU B 508 9.23 12.71 -33.46
N GLU B 509 10.21 12.14 -34.15
CA GLU B 509 10.36 10.69 -34.15
C GLU B 509 10.74 10.18 -32.78
N LEU B 510 11.63 10.88 -32.08
CA LEU B 510 12.02 10.42 -30.76
C LEU B 510 10.88 10.55 -29.77
N PHE B 511 10.07 11.60 -29.89
CA PHE B 511 8.89 11.69 -29.05
C PHE B 511 7.94 10.52 -29.31
N LYS B 512 7.76 10.16 -30.59
CA LYS B 512 6.96 9.00 -30.92
C LYS B 512 7.54 7.74 -30.31
N PHE B 513 8.87 7.64 -30.27
CA PHE B 513 9.52 6.49 -29.65
C PHE B 513 9.24 6.43 -28.16
N THR B 514 9.17 7.58 -27.49
CA THR B 514 8.94 7.61 -26.05
C THR B 514 7.57 7.02 -25.70
N ILE B 515 6.54 7.37 -26.47
CA ILE B 515 5.19 6.90 -26.15
C ILE B 515 4.92 5.51 -26.74
N GLY B 516 5.94 4.85 -27.29
CA GLY B 516 5.72 3.55 -27.90
C GLY B 516 5.05 3.61 -29.25
N MET B 517 5.49 4.51 -30.13
CA MET B 517 4.93 4.67 -31.47
C MET B 517 6.04 4.82 -32.48
N GLY B 518 7.07 3.99 -32.36
CA GLY B 518 8.18 3.97 -33.30
C GLY B 518 8.04 2.88 -34.34
N ASP B 519 9.09 2.77 -35.16
CA ASP B 519 9.16 1.79 -36.24
C ASP B 519 10.35 0.85 -36.04
N LEU B 520 11.53 1.41 -35.76
CA LEU B 520 12.76 0.65 -35.60
C LEU B 520 13.05 -0.22 -36.83
N GLU B 521 12.88 0.37 -38.02
CA GLU B 521 13.17 -0.33 -39.27
C GLU B 521 14.62 -0.05 -39.63
N PHE B 522 15.49 -1.02 -39.34
CA PHE B 522 16.93 -0.91 -39.63
C PHE B 522 17.27 -1.66 -40.91
N THR B 523 16.90 -1.03 -42.03
CA THR B 523 17.22 -1.53 -43.37
C THR B 523 17.77 -0.42 -44.24
N GLU B 524 18.44 0.56 -43.64
CA GLU B 524 18.97 1.72 -44.35
C GLU B 524 20.45 1.53 -44.69
N ASN B 525 20.97 2.46 -45.48
CA ASN B 525 22.22 2.29 -46.21
C ASN B 525 23.21 3.42 -45.93
N TYR B 526 23.20 3.94 -44.71
CA TYR B 526 24.12 4.98 -44.29
C TYR B 526 25.20 4.40 -43.40
N ASP B 527 26.35 5.07 -43.38
CA ASP B 527 27.45 4.61 -42.56
C ASP B 527 27.16 4.89 -41.09
N PHE B 528 27.99 4.32 -40.22
CA PHE B 528 27.78 4.37 -38.77
C PHE B 528 26.40 3.85 -38.39
N LYS B 529 25.99 2.76 -39.03
CA LYS B 529 24.68 2.18 -38.72
C LYS B 529 24.65 1.66 -37.29
N ALA B 530 25.72 0.98 -36.87
CA ALA B 530 25.74 0.38 -35.54
C ALA B 530 25.68 1.44 -34.45
N VAL B 531 26.36 2.56 -34.66
CA VAL B 531 26.33 3.64 -33.67
C VAL B 531 24.92 4.22 -33.58
N PHE B 532 24.27 4.40 -34.72
CA PHE B 532 22.89 4.86 -34.72
C PHE B 532 21.99 3.90 -33.97
N ILE B 533 22.18 2.60 -34.20
CA ILE B 533 21.35 1.61 -33.54
C ILE B 533 21.57 1.63 -32.03
N ILE B 534 22.83 1.72 -31.60
CA ILE B 534 23.11 1.73 -30.17
C ILE B 534 22.50 2.96 -29.52
N LEU B 535 22.65 4.13 -30.17
CA LEU B 535 22.06 5.35 -29.63
C LEU B 535 20.55 5.25 -29.53
N LEU B 536 19.91 4.73 -30.57
CA LEU B 536 18.47 4.71 -30.58
C LEU B 536 17.92 3.70 -29.60
N LEU B 537 18.55 2.54 -29.49
CA LEU B 537 18.10 1.56 -28.51
C LEU B 537 18.35 2.05 -27.09
N ALA B 538 19.44 2.77 -26.87
CA ALA B 538 19.66 3.35 -25.56
C ALA B 538 18.58 4.37 -25.23
N TYR B 539 18.21 5.18 -26.21
CA TYR B 539 17.12 6.12 -25.99
C TYR B 539 15.83 5.38 -25.70
N VAL B 540 15.55 4.31 -26.44
CA VAL B 540 14.29 3.59 -26.28
C VAL B 540 14.21 2.98 -24.90
N ILE B 541 15.28 2.34 -24.44
CA ILE B 541 15.27 1.74 -23.12
C ILE B 541 15.17 2.82 -22.05
N LEU B 542 15.87 3.93 -22.24
CA LEU B 542 15.86 4.98 -21.22
C LEU B 542 14.50 5.64 -21.13
N THR B 543 13.85 5.91 -22.25
CA THR B 543 12.60 6.65 -22.24
C THR B 543 11.38 5.76 -22.15
N TYR B 544 11.32 4.71 -22.96
CA TYR B 544 10.08 3.93 -23.03
C TYR B 544 9.91 3.04 -21.81
N ILE B 545 11.00 2.47 -21.30
CA ILE B 545 10.94 1.50 -20.23
C ILE B 545 11.09 2.15 -18.87
N LEU B 546 12.08 3.01 -18.72
CA LEU B 546 12.48 3.52 -17.41
C LEU B 546 11.74 4.80 -17.03
N LEU B 547 11.87 5.84 -17.85
CA LEU B 547 11.35 7.15 -17.47
C LEU B 547 9.83 7.19 -17.49
N LEU B 548 9.22 6.65 -18.54
CA LEU B 548 7.77 6.71 -18.64
C LEU B 548 7.12 5.93 -17.51
N ASN B 549 7.69 4.77 -17.15
CA ASN B 549 7.12 4.01 -16.06
C ASN B 549 7.36 4.68 -14.71
N MET B 550 8.48 5.37 -14.55
CA MET B 550 8.68 6.19 -13.36
C MET B 550 7.60 7.26 -13.25
N LEU B 551 7.32 7.92 -14.38
CA LEU B 551 6.26 8.92 -14.42
C LEU B 551 4.93 8.33 -14.04
N ILE B 552 4.62 7.15 -14.59
CA ILE B 552 3.31 6.56 -14.36
C ILE B 552 3.17 6.14 -12.91
N ALA B 553 4.25 5.65 -12.30
CA ALA B 553 4.20 5.32 -10.88
C ALA B 553 3.93 6.55 -10.04
N LEU B 554 4.59 7.67 -10.35
CA LEU B 554 4.35 8.89 -9.59
C LEU B 554 2.92 9.39 -9.76
N MET B 555 2.40 9.35 -10.99
CA MET B 555 1.04 9.79 -11.22
C MET B 555 0.04 8.89 -10.52
N GLY B 556 0.29 7.58 -10.51
CA GLY B 556 -0.57 6.69 -9.76
C GLY B 556 -0.54 6.99 -8.27
N GLU B 557 0.63 7.36 -7.76
CA GLU B 557 0.72 7.75 -6.36
C GLU B 557 -0.11 8.98 -6.09
N THR B 558 -0.07 9.96 -6.99
CA THR B 558 -0.90 11.15 -6.84
C THR B 558 -2.38 10.79 -6.90
N VAL B 559 -2.75 9.88 -7.80
CA VAL B 559 -4.15 9.52 -7.97
C VAL B 559 -4.70 8.86 -6.72
N ASN B 560 -3.96 7.89 -6.18
CA ASN B 560 -4.44 7.22 -4.97
C ASN B 560 -4.32 8.07 -3.73
N LYS B 561 -3.48 9.10 -3.75
CA LYS B 561 -3.34 9.93 -2.57
C LYS B 561 -4.64 10.66 -2.24
N ILE B 562 -5.40 11.07 -3.25
CA ILE B 562 -6.58 11.90 -3.06
C ILE B 562 -7.87 11.18 -3.40
N ALA B 563 -7.82 9.89 -3.71
CA ALA B 563 -9.06 9.18 -4.03
C ALA B 563 -9.99 9.13 -2.83
N GLN B 564 -9.44 8.96 -1.63
CA GLN B 564 -10.23 8.99 -0.41
C GLN B 564 -10.55 10.40 0.05
N GLU B 565 -9.81 11.41 -0.40
CA GLU B 565 -9.97 12.77 0.09
C GLU B 565 -11.16 13.50 -0.51
N SER B 566 -11.96 12.83 -1.37
CA SER B 566 -13.06 13.47 -2.06
C SER B 566 -14.08 14.07 -1.10
N LYS B 567 -14.37 13.37 0.01
CA LYS B 567 -15.32 13.90 0.99
C LYS B 567 -14.83 15.21 1.56
N ASN B 568 -13.53 15.37 1.73
CA ASN B 568 -13.00 16.63 2.16
C ASN B 568 -13.02 17.63 1.02
N ILE B 569 -12.69 17.18 -0.19
CA ILE B 569 -12.49 18.10 -1.29
C ILE B 569 -13.83 18.66 -1.75
N TRP B 570 -14.83 17.78 -1.88
CA TRP B 570 -16.11 18.12 -2.49
C TRP B 570 -16.77 19.31 -1.81
N LYS B 571 -16.82 19.27 -0.47
CA LYS B 571 -17.45 20.33 0.30
C LYS B 571 -16.81 21.68 0.00
N LEU B 572 -15.48 21.70 -0.08
CA LEU B 572 -14.76 22.94 -0.30
C LEU B 572 -15.15 23.52 -1.65
N GLN B 573 -15.22 22.66 -2.67
CA GLN B 573 -15.60 23.13 -3.99
C GLN B 573 -17.00 23.71 -3.95
N ARG B 574 -17.90 23.01 -3.25
CA ARG B 574 -19.28 23.46 -3.12
C ARG B 574 -19.31 24.82 -2.45
N ALA B 575 -18.49 24.98 -1.41
CA ALA B 575 -18.47 26.21 -0.65
C ALA B 575 -18.12 27.39 -1.53
N ILE B 576 -17.13 27.20 -2.40
CA ILE B 576 -16.66 28.31 -3.22
C ILE B 576 -17.77 28.74 -4.17
N THR B 577 -18.45 27.75 -4.76
CA THR B 577 -19.52 28.03 -5.70
C THR B 577 -20.59 28.88 -5.06
N ILE B 578 -20.92 28.55 -3.80
CA ILE B 578 -22.03 29.21 -3.12
C ILE B 578 -21.71 30.67 -2.97
N LEU B 579 -20.47 30.99 -2.58
CA LEU B 579 -20.11 32.38 -2.36
C LEU B 579 -20.19 33.15 -3.66
N ASP B 580 -19.72 32.53 -4.76
CA ASP B 580 -19.79 33.21 -6.04
C ASP B 580 -21.22 33.43 -6.46
N THR B 581 -22.08 32.44 -6.23
CA THR B 581 -23.47 32.60 -6.60
C THR B 581 -24.13 33.66 -5.74
N GLU B 582 -23.68 33.78 -4.48
CA GLU B 582 -24.15 34.89 -3.67
C GLU B 582 -23.49 36.19 -4.07
N LYS B 583 -22.23 36.13 -4.50
CA LYS B 583 -21.47 37.37 -4.65
C LYS B 583 -22.01 38.22 -5.79
N SER B 584 -22.21 37.62 -6.96
CA SER B 584 -22.73 38.38 -8.10
C SER B 584 -24.26 38.44 -8.04
N PHE B 585 -24.91 37.31 -8.31
CA PHE B 585 -26.35 37.08 -8.17
C PHE B 585 -27.27 37.88 -9.10
N LEU B 586 -26.79 38.98 -9.70
CA LEU B 586 -27.28 39.57 -10.94
C LEU B 586 -28.80 39.78 -10.98
N LYS B 587 -29.39 40.05 -9.81
CA LYS B 587 -30.80 40.41 -9.70
C LYS B 587 -31.07 41.53 -8.68
N CYS B 588 -30.04 42.07 -8.03
CA CYS B 588 -30.09 43.14 -7.04
C CYS B 588 -30.72 42.73 -5.71
N MET B 589 -31.19 41.49 -5.56
CA MET B 589 -31.74 41.01 -4.29
C MET B 589 -30.62 40.37 -3.49
N ARG B 590 -30.67 40.56 -2.17
CA ARG B 590 -29.68 40.02 -1.25
C ARG B 590 -30.37 39.31 -0.11
N LYS B 591 -31.23 38.35 -0.46
CA LYS B 591 -31.90 37.48 0.51
C LYS B 591 -30.96 36.35 0.91
N ALA B 592 -29.88 36.73 1.58
CA ALA B 592 -28.85 35.81 2.04
C ALA B 592 -29.05 35.38 3.49
N PHE B 593 -30.12 35.80 4.15
CA PHE B 593 -30.35 35.40 5.53
C PHE B 593 -31.03 34.03 5.55
N ARG B 594 -30.88 33.35 6.68
CA ARG B 594 -31.33 31.96 6.83
C ARG B 594 -32.61 31.84 7.64
N SER B 595 -32.69 32.52 8.78
CA SER B 595 -33.86 32.46 9.64
C SER B 595 -34.20 33.87 10.08
N GLY B 596 -35.18 33.97 10.96
CA GLY B 596 -35.69 35.26 11.35
C GLY B 596 -34.69 36.04 12.16
N LYS B 597 -35.01 37.30 12.38
CA LYS B 597 -34.19 38.19 13.18
C LYS B 597 -34.55 37.94 14.64
N LEU B 598 -34.10 36.80 15.14
CA LEU B 598 -34.57 36.27 16.42
C LEU B 598 -33.78 36.86 17.58
N LEU B 599 -34.43 36.91 18.73
CA LEU B 599 -33.82 37.37 19.97
C LEU B 599 -33.17 36.19 20.68
N GLN B 600 -31.89 36.33 21.02
CA GLN B 600 -31.18 35.25 21.69
C GLN B 600 -31.35 35.44 23.19
N VAL B 601 -30.90 36.58 23.68
CA VAL B 601 -30.95 36.92 25.10
C VAL B 601 -31.91 38.08 25.35
N GLY B 602 -31.73 39.18 24.64
CA GLY B 602 -32.61 40.32 24.80
C GLY B 602 -32.35 41.18 26.01
N PHE B 603 -31.32 40.87 26.79
CA PHE B 603 -30.99 41.64 27.99
C PHE B 603 -29.49 41.85 27.98
N THR B 604 -29.08 42.91 27.31
CA THR B 604 -27.70 43.35 27.33
C THR B 604 -27.40 43.94 28.69
N PRO B 605 -26.13 44.27 28.97
CA PRO B 605 -25.84 45.00 30.22
C PRO B 605 -26.54 46.35 30.33
N ASP B 606 -26.93 46.95 29.21
CA ASP B 606 -27.77 48.13 29.19
C ASP B 606 -29.22 47.67 29.00
N GLY B 607 -30.14 48.62 28.91
CA GLY B 607 -31.54 48.27 28.78
C GLY B 607 -31.97 47.80 27.41
N LYS B 608 -31.07 47.77 26.45
CA LYS B 608 -31.40 47.36 25.10
C LYS B 608 -31.51 45.83 25.02
N ASP B 609 -32.02 45.37 23.88
CA ASP B 609 -32.23 43.95 23.61
C ASP B 609 -31.63 43.59 22.26
N ASP B 610 -31.07 42.38 22.18
CA ASP B 610 -30.32 41.91 21.04
C ASP B 610 -31.18 41.01 20.17
N TYR B 611 -31.15 41.28 18.86
CA TYR B 611 -31.64 40.37 17.83
C TYR B 611 -30.49 40.16 16.86
N ARG B 612 -30.20 38.90 16.51
CA ARG B 612 -28.92 38.52 15.92
C ARG B 612 -29.03 37.62 14.68
N TRP B 613 -30.20 37.47 14.07
CA TRP B 613 -30.38 36.60 12.91
C TRP B 613 -29.95 35.17 13.23
N CYS B 614 -30.40 34.68 14.39
CA CYS B 614 -30.01 33.36 14.81
C CYS B 614 -30.58 32.29 13.88
N PHE B 615 -29.82 31.23 13.71
CA PHE B 615 -30.12 30.12 12.80
C PHE B 615 -30.29 28.85 13.63
N ARG B 616 -31.41 28.16 13.43
CA ARG B 616 -31.78 27.00 14.24
C ARG B 616 -31.17 25.75 13.63
N VAL B 617 -30.61 24.91 14.49
CA VAL B 617 -29.98 23.66 14.09
C VAL B 617 -30.39 22.58 15.08
N ASP B 618 -30.82 21.43 14.57
CA ASP B 618 -31.11 20.26 15.36
C ASP B 618 -30.05 19.21 15.09
N GLU B 619 -29.51 18.63 16.16
CA GLU B 619 -28.44 17.64 16.08
C GLU B 619 -28.77 16.44 16.94
N VAL B 620 -28.18 15.31 16.56
CA VAL B 620 -28.44 14.01 17.16
C VAL B 620 -27.12 13.41 17.60
N ASN B 621 -27.11 12.83 18.80
CA ASN B 621 -25.92 12.16 19.32
C ASN B 621 -26.39 10.99 20.17
N TRP B 622 -25.99 9.79 19.79
CA TRP B 622 -26.45 8.56 20.43
C TRP B 622 -25.59 8.15 21.62
N THR B 623 -24.71 9.03 22.10
CA THR B 623 -23.82 8.66 23.20
C THR B 623 -24.61 8.44 24.48
N THR B 624 -24.31 7.34 25.16
CA THR B 624 -24.93 6.98 26.44
C THR B 624 -26.44 6.87 26.32
N SER C 89 -19.22 -49.20 29.46
CA SER C 89 -18.63 -48.31 28.48
C SER C 89 -19.56 -48.07 27.30
N TYR C 90 -19.20 -47.13 26.44
CA TYR C 90 -19.93 -46.88 25.21
C TYR C 90 -19.51 -47.91 24.16
N THR C 91 -20.50 -48.46 23.44
CA THR C 91 -20.27 -49.45 22.40
C THR C 91 -20.75 -48.99 21.02
N ASP C 92 -21.00 -47.70 20.84
CA ASP C 92 -21.40 -47.18 19.54
C ASP C 92 -20.19 -46.99 18.64
N SER C 93 -20.43 -46.59 17.40
CA SER C 93 -19.35 -46.32 16.45
C SER C 93 -18.63 -45.00 16.70
N TYR C 94 -19.16 -44.15 17.59
CA TYR C 94 -18.73 -42.77 17.72
C TYR C 94 -17.99 -42.48 19.02
N TYR C 95 -18.44 -43.10 20.12
CA TYR C 95 -17.80 -43.01 21.44
C TYR C 95 -17.17 -44.34 21.85
N LYS C 96 -16.76 -45.16 20.89
CA LYS C 96 -16.27 -46.51 21.15
C LYS C 96 -15.08 -46.51 22.13
N GLY C 97 -15.29 -47.17 23.27
CA GLY C 97 -14.26 -47.30 24.28
C GLY C 97 -14.31 -46.27 25.39
N GLN C 98 -15.21 -45.28 25.32
CA GLN C 98 -15.33 -44.33 26.41
C GLN C 98 -15.79 -45.05 27.68
N THR C 99 -15.06 -44.85 28.76
CA THR C 99 -15.35 -45.45 30.06
C THR C 99 -15.30 -44.38 31.14
N ALA C 100 -15.62 -44.79 32.37
CA ALA C 100 -15.80 -43.83 33.45
C ALA C 100 -14.52 -43.08 33.77
N LEU C 101 -13.37 -43.72 33.58
CA LEU C 101 -12.10 -43.08 33.91
C LEU C 101 -11.83 -41.89 33.00
N HIS C 102 -12.14 -42.03 31.71
CA HIS C 102 -11.99 -40.92 30.78
C HIS C 102 -12.89 -39.76 31.16
N ILE C 103 -14.12 -40.07 31.57
CA ILE C 103 -15.06 -39.01 31.97
C ILE C 103 -14.56 -38.30 33.21
N ALA C 104 -14.02 -39.07 34.16
CA ALA C 104 -13.51 -38.47 35.38
C ALA C 104 -12.32 -37.55 35.10
N ILE C 105 -11.40 -38.00 34.25
CA ILE C 105 -10.22 -37.18 33.97
C ILE C 105 -10.62 -35.93 33.20
N GLU C 106 -11.51 -36.08 32.22
CA GLU C 106 -11.96 -34.94 31.43
C GLU C 106 -12.68 -33.92 32.30
N ARG C 107 -13.49 -34.39 33.24
CA ARG C 107 -14.19 -33.50 34.16
C ARG C 107 -13.28 -32.92 35.23
N ARG C 108 -12.02 -33.31 35.30
CA ARG C 108 -11.07 -32.80 36.30
C ARG C 108 -11.55 -33.15 37.71
N ASN C 109 -11.98 -34.40 37.89
CA ASN C 109 -12.41 -34.93 39.18
C ASN C 109 -11.31 -35.88 39.66
N MET C 110 -10.38 -35.33 40.44
CA MET C 110 -9.30 -36.13 41.00
C MET C 110 -9.83 -37.23 41.91
N THR C 111 -10.85 -36.89 42.70
CA THR C 111 -11.40 -37.83 43.68
C THR C 111 -12.00 -39.05 42.99
N LEU C 112 -12.81 -38.82 41.95
CA LEU C 112 -13.44 -39.93 41.26
C LEU C 112 -12.41 -40.78 40.54
N VAL C 113 -11.35 -40.16 40.00
CA VAL C 113 -10.27 -40.92 39.38
C VAL C 113 -9.60 -41.81 40.41
N THR C 114 -9.31 -41.26 41.59
CA THR C 114 -8.65 -42.03 42.64
C THR C 114 -9.51 -43.20 43.07
N LEU C 115 -10.81 -42.97 43.21
CA LEU C 115 -11.72 -44.05 43.57
C LEU C 115 -11.78 -45.11 42.48
N LEU C 116 -11.87 -44.69 41.22
CA LEU C 116 -12.00 -45.64 40.11
C LEU C 116 -10.76 -46.50 39.99
N VAL C 117 -9.58 -45.89 40.14
CA VAL C 117 -8.35 -46.67 40.10
C VAL C 117 -8.27 -47.58 41.32
N GLU C 118 -8.70 -47.10 42.47
CA GLU C 118 -8.74 -47.93 43.67
C GLU C 118 -9.71 -49.10 43.51
N ASN C 119 -10.81 -48.90 42.79
CA ASN C 119 -11.80 -49.94 42.58
C ASN C 119 -11.46 -50.87 41.41
N GLY C 120 -10.23 -50.83 40.91
CA GLY C 120 -9.79 -51.78 39.91
C GLY C 120 -10.07 -51.40 38.47
N ALA C 121 -10.32 -50.12 38.18
CA ALA C 121 -10.57 -49.70 36.82
C ALA C 121 -9.33 -49.90 35.96
N ASP C 122 -9.55 -50.07 34.65
CA ASP C 122 -8.47 -50.28 33.69
C ASP C 122 -7.94 -48.94 33.22
N VAL C 123 -6.65 -48.67 33.49
CA VAL C 123 -6.01 -47.42 33.09
C VAL C 123 -5.38 -47.49 31.69
N GLN C 124 -5.52 -48.61 30.97
CA GLN C 124 -5.03 -48.76 29.61
C GLN C 124 -6.17 -48.99 28.61
N ALA C 125 -7.38 -48.58 28.95
CA ALA C 125 -8.49 -48.73 28.02
C ALA C 125 -8.32 -47.76 26.86
N ALA C 126 -8.73 -48.21 25.68
CA ALA C 126 -8.56 -47.47 24.43
C ALA C 126 -9.91 -46.88 24.03
N ALA C 127 -10.01 -45.56 24.04
CA ALA C 127 -11.22 -44.85 23.60
C ALA C 127 -11.04 -44.53 22.13
N ASN C 128 -11.51 -45.43 21.27
CA ASN C 128 -11.20 -45.45 19.85
C ASN C 128 -12.44 -45.24 18.99
N GLY C 129 -13.37 -44.43 19.47
CA GLY C 129 -14.49 -44.00 18.66
C GLY C 129 -14.07 -42.97 17.62
N ASP C 130 -14.95 -42.78 16.63
CA ASP C 130 -14.68 -41.79 15.58
C ASP C 130 -14.58 -40.40 16.15
N PHE C 131 -15.30 -40.12 17.24
CA PHE C 131 -15.11 -38.86 17.95
C PHE C 131 -13.70 -38.73 18.51
N PHE C 132 -13.06 -39.84 18.89
CA PHE C 132 -11.80 -39.84 19.60
C PHE C 132 -10.59 -40.04 18.71
N LYS C 133 -10.76 -40.25 17.40
CA LYS C 133 -9.67 -40.50 16.48
C LYS C 133 -9.31 -39.24 15.70
N LYS C 134 -8.10 -39.22 15.18
CA LYS C 134 -7.70 -38.16 14.26
C LYS C 134 -8.58 -38.22 13.02
N THR C 135 -9.12 -37.08 12.61
CA THR C 135 -10.07 -37.03 11.51
C THR C 135 -10.03 -35.65 10.88
N LYS C 136 -10.45 -35.59 9.62
CA LYS C 136 -10.58 -34.36 8.85
C LYS C 136 -12.03 -33.94 8.65
N GLY C 137 -12.88 -34.85 8.18
CA GLY C 137 -14.24 -34.52 7.80
C GLY C 137 -15.26 -34.70 8.90
N ARG C 138 -14.87 -34.42 10.14
CA ARG C 138 -15.79 -34.47 11.27
C ARG C 138 -15.13 -33.77 12.46
N PRO C 139 -15.86 -33.01 13.28
CA PRO C 139 -15.23 -32.50 14.50
C PRO C 139 -14.92 -33.64 15.46
N GLY C 140 -13.96 -33.41 16.34
CA GLY C 140 -13.57 -34.44 17.27
C GLY C 140 -12.53 -33.93 18.23
N PHE C 141 -12.09 -34.82 19.11
CA PHE C 141 -11.07 -34.55 20.11
C PHE C 141 -10.17 -35.77 20.16
N TYR C 142 -9.09 -35.75 19.38
CA TYR C 142 -8.08 -36.79 19.43
C TYR C 142 -7.08 -36.44 20.52
N PHE C 143 -6.88 -37.36 21.46
CA PHE C 143 -6.00 -37.18 22.59
C PHE C 143 -5.01 -38.33 22.76
N GLY C 144 -5.08 -39.37 21.94
CA GLY C 144 -4.26 -40.55 22.09
C GLY C 144 -4.98 -41.75 22.68
N GLU C 145 -6.29 -41.66 22.90
CA GLU C 145 -7.17 -42.80 23.15
C GLU C 145 -7.02 -43.41 24.54
N LEU C 146 -6.05 -42.92 25.38
CA LEU C 146 -5.72 -43.53 26.67
C LEU C 146 -5.97 -42.55 27.82
N PRO C 147 -6.27 -43.04 29.04
CA PRO C 147 -6.43 -42.10 30.16
C PRO C 147 -5.19 -41.29 30.47
N LEU C 148 -4.01 -41.89 30.36
CA LEU C 148 -2.78 -41.16 30.64
C LEU C 148 -2.58 -40.02 29.66
N SER C 149 -2.78 -40.29 28.38
CA SER C 149 -2.65 -39.24 27.38
C SER C 149 -3.76 -38.21 27.53
N LEU C 150 -4.94 -38.63 27.99
CA LEU C 150 -5.99 -37.66 28.24
C LEU C 150 -5.61 -36.70 29.36
N ALA C 151 -5.02 -37.24 30.44
CA ALA C 151 -4.56 -36.38 31.52
C ALA C 151 -3.46 -35.46 31.05
N ALA C 152 -2.54 -35.98 30.23
CA ALA C 152 -1.44 -35.16 29.73
C ALA C 152 -1.95 -34.04 28.85
N CYS C 153 -2.88 -34.34 27.96
CA CYS C 153 -3.40 -33.34 27.04
C CYS C 153 -4.17 -32.25 27.77
N THR C 154 -4.83 -32.60 28.87
CA THR C 154 -5.68 -31.67 29.60
C THR C 154 -4.94 -30.88 30.68
N ASN C 155 -3.62 -31.02 30.78
CA ASN C 155 -2.80 -30.26 31.72
C ASN C 155 -3.20 -30.56 33.18
N GLN C 156 -3.16 -31.84 33.53
CA GLN C 156 -3.37 -32.32 34.91
C GLN C 156 -2.20 -33.20 35.30
N LEU C 157 -1.13 -32.59 35.81
CA LEU C 157 0.04 -33.35 36.17
C LEU C 157 -0.22 -34.26 37.37
N ALA C 158 -1.14 -33.86 38.26
CA ALA C 158 -1.44 -34.67 39.43
C ALA C 158 -1.97 -36.04 39.03
N ILE C 159 -2.85 -36.07 38.03
CA ILE C 159 -3.41 -37.34 37.57
C ILE C 159 -2.33 -38.16 36.90
N VAL C 160 -1.43 -37.51 36.17
CA VAL C 160 -0.36 -38.24 35.49
C VAL C 160 0.54 -38.91 36.51
N LYS C 161 0.94 -38.17 37.55
CA LYS C 161 1.78 -38.76 38.59
C LYS C 161 1.04 -39.89 39.30
N PHE C 162 -0.25 -39.71 39.54
CA PHE C 162 -1.04 -40.75 40.17
C PHE C 162 -1.08 -42.01 39.32
N LEU C 163 -1.43 -41.86 38.03
CA LEU C 163 -1.59 -43.02 37.17
C LEU C 163 -0.27 -43.76 36.98
N LEU C 164 0.82 -43.03 36.85
CA LEU C 164 2.10 -43.70 36.67
C LEU C 164 2.57 -44.37 37.95
N GLN C 165 2.32 -43.75 39.11
CA GLN C 165 2.95 -44.17 40.36
C GLN C 165 2.04 -44.99 41.26
N ASN C 166 0.72 -44.94 41.09
CA ASN C 166 -0.18 -45.60 42.02
C ASN C 166 -0.07 -47.11 41.90
N SER C 167 -0.14 -47.79 43.05
CA SER C 167 0.18 -49.21 43.12
C SER C 167 -0.99 -50.12 42.78
N TRP C 168 -2.23 -49.62 42.84
CA TRP C 168 -3.37 -50.46 42.47
C TRP C 168 -3.29 -50.86 41.01
N GLN C 169 -2.95 -49.92 40.13
CA GLN C 169 -2.84 -50.18 38.71
C GLN C 169 -1.95 -49.12 38.08
N PRO C 170 -0.64 -49.32 37.99
CA PRO C 170 0.20 -48.28 37.38
C PRO C 170 0.04 -48.26 35.87
N ALA C 171 0.12 -47.06 35.32
CA ALA C 171 -0.02 -46.86 33.88
C ALA C 171 1.29 -47.17 33.17
N ASP C 172 1.17 -47.58 31.90
CA ASP C 172 2.34 -47.86 31.07
C ASP C 172 2.73 -46.58 30.34
N ILE C 173 3.84 -45.97 30.75
CA ILE C 173 4.27 -44.71 30.17
C ILE C 173 4.65 -44.85 28.70
N SER C 174 4.98 -46.06 28.24
CA SER C 174 5.35 -46.32 26.85
C SER C 174 4.21 -46.89 26.03
N ALA C 175 2.97 -46.82 26.51
CA ALA C 175 1.84 -47.38 25.77
C ALA C 175 1.65 -46.65 24.45
N ARG C 176 1.21 -47.41 23.45
CA ARG C 176 1.00 -46.92 22.09
C ARG C 176 -0.46 -47.15 21.68
N ASP C 177 -1.05 -46.14 21.07
CA ASP C 177 -2.44 -46.20 20.64
C ASP C 177 -2.53 -46.92 19.30
N SER C 178 -3.72 -46.91 18.70
CA SER C 178 -3.92 -47.55 17.40
C SER C 178 -3.10 -46.90 16.30
N VAL C 179 -2.89 -45.58 16.39
CA VAL C 179 -1.97 -44.89 15.48
C VAL C 179 -0.51 -45.13 15.84
N GLY C 180 -0.23 -45.78 16.98
CA GLY C 180 1.12 -45.93 17.46
C GLY C 180 1.64 -44.74 18.25
N ASN C 181 0.85 -43.68 18.39
CA ASN C 181 1.28 -42.52 19.14
C ASN C 181 1.36 -42.85 20.62
N THR C 182 2.43 -42.38 21.25
CA THR C 182 2.56 -42.39 22.70
C THR C 182 2.01 -41.08 23.24
N VAL C 183 2.15 -40.88 24.56
CA VAL C 183 1.66 -39.66 25.18
C VAL C 183 2.41 -38.46 24.63
N LEU C 184 3.70 -38.62 24.34
CA LEU C 184 4.47 -37.53 23.78
C LEU C 184 4.01 -37.21 22.37
N HIS C 185 3.71 -38.23 21.57
CA HIS C 185 3.14 -38.00 20.26
C HIS C 185 1.79 -37.30 20.37
N ALA C 186 0.99 -37.68 21.36
CA ALA C 186 -0.28 -37.00 21.58
C ALA C 186 -0.08 -35.54 21.96
N LEU C 187 0.90 -35.27 22.84
CA LEU C 187 1.16 -33.90 23.25
C LEU C 187 1.62 -33.04 22.08
N VAL C 188 2.49 -33.60 21.25
CA VAL C 188 2.93 -32.89 20.06
C VAL C 188 1.74 -32.65 19.14
N GLU C 189 0.84 -33.61 19.05
CA GLU C 189 -0.29 -33.52 18.13
C GLU C 189 -1.21 -32.36 18.49
N VAL C 190 -1.46 -32.13 19.77
CA VAL C 190 -2.44 -31.14 20.21
C VAL C 190 -1.82 -29.76 20.37
N ALA C 191 -0.60 -29.55 19.89
CA ALA C 191 -0.02 -28.22 19.89
C ALA C 191 -0.62 -27.38 18.77
N ASP C 192 -0.59 -26.05 18.96
CA ASP C 192 -1.06 -25.13 17.93
C ASP C 192 -0.26 -23.83 17.88
N ASN C 193 0.92 -23.76 18.50
CA ASN C 193 1.83 -22.62 18.39
C ASN C 193 1.24 -21.33 18.97
N THR C 194 0.40 -21.44 19.98
CA THR C 194 -0.03 -20.30 20.79
C THR C 194 0.76 -20.26 22.09
N VAL C 195 0.64 -19.14 22.81
CA VAL C 195 1.52 -18.90 23.95
C VAL C 195 1.21 -19.86 25.08
N ASP C 196 -0.06 -19.94 25.48
CA ASP C 196 -0.42 -20.81 26.60
C ASP C 196 -0.24 -22.27 26.22
N ASN C 197 -0.60 -22.61 24.98
CA ASN C 197 -0.41 -23.97 24.49
C ASN C 197 1.06 -24.35 24.56
N THR C 198 1.94 -23.47 24.07
CA THR C 198 3.36 -23.73 24.13
C THR C 198 3.81 -23.93 25.57
N LYS C 199 3.34 -23.07 26.48
CA LYS C 199 3.75 -23.14 27.88
C LYS C 199 3.37 -24.47 28.51
N PHE C 200 2.08 -24.79 28.53
CA PHE C 200 1.70 -25.97 29.30
C PHE C 200 2.07 -27.25 28.58
N VAL C 201 2.07 -27.28 27.24
CA VAL C 201 2.49 -28.50 26.55
C VAL C 201 3.97 -28.74 26.81
N THR C 202 4.78 -27.69 26.75
CA THR C 202 6.20 -27.84 27.04
C THR C 202 6.41 -28.32 28.47
N SER C 203 5.67 -27.76 29.41
CA SER C 203 5.80 -28.15 30.81
C SER C 203 5.43 -29.62 31.00
N MET C 204 4.29 -30.03 30.46
CA MET C 204 3.85 -31.41 30.63
C MET C 204 4.80 -32.38 29.97
N TYR C 205 5.32 -32.01 28.79
CA TYR C 205 6.30 -32.85 28.11
C TYR C 205 7.54 -33.03 28.98
N ASN C 206 8.03 -31.93 29.55
CA ASN C 206 9.22 -31.97 30.39
C ASN C 206 9.00 -32.86 31.61
N GLU C 207 7.85 -32.68 32.28
CA GLU C 207 7.59 -33.42 33.49
C GLU C 207 7.37 -34.90 33.19
N ILE C 208 6.72 -35.21 32.08
CA ILE C 208 6.54 -36.61 31.70
C ILE C 208 7.90 -37.26 31.45
N LEU C 209 8.81 -36.52 30.82
CA LEU C 209 10.14 -37.09 30.58
C LEU C 209 10.88 -37.33 31.88
N ILE C 210 10.79 -36.40 32.83
CA ILE C 210 11.47 -36.59 34.11
C ILE C 210 10.90 -37.80 34.83
N LEU C 211 9.57 -37.93 34.84
CA LEU C 211 8.95 -39.08 35.49
C LEU C 211 9.35 -40.38 34.82
N GLY C 212 9.45 -40.38 33.49
CA GLY C 212 9.88 -41.57 32.80
C GLY C 212 11.30 -41.95 33.15
N ALA C 213 12.19 -40.96 33.25
CA ALA C 213 13.58 -41.23 33.61
C ALA C 213 13.68 -41.80 35.02
N LYS C 214 12.93 -41.26 35.97
CA LYS C 214 12.98 -41.79 37.32
C LYS C 214 12.39 -43.19 37.38
N LEU C 215 11.21 -43.37 36.80
CA LEU C 215 10.51 -44.65 36.91
C LEU C 215 11.18 -45.72 36.06
N HIS C 216 11.64 -45.35 34.87
CA HIS C 216 12.21 -46.29 33.91
C HIS C 216 13.49 -45.70 33.35
N PRO C 217 14.60 -45.78 34.10
CA PRO C 217 15.85 -45.17 33.62
C PRO C 217 16.40 -45.76 32.33
N THR C 218 16.04 -46.98 31.98
CA THR C 218 16.47 -47.60 30.72
C THR C 218 15.51 -47.37 29.57
N LEU C 219 14.42 -46.62 29.78
CA LEU C 219 13.42 -46.36 28.76
C LEU C 219 13.71 -45.03 28.09
N LYS C 220 13.74 -45.03 26.76
CA LYS C 220 13.93 -43.82 25.95
C LYS C 220 12.65 -43.61 25.14
N LEU C 221 11.77 -42.77 25.67
CA LEU C 221 10.48 -42.55 25.03
C LEU C 221 10.65 -41.84 23.69
N GLU C 222 11.59 -40.91 23.59
CA GLU C 222 11.71 -40.11 22.39
C GLU C 222 12.12 -40.90 21.17
N GLU C 223 12.72 -42.08 21.35
CA GLU C 223 13.07 -42.92 20.22
C GLU C 223 11.91 -43.75 19.69
N ILE C 224 10.78 -43.78 20.38
CA ILE C 224 9.64 -44.59 19.94
C ILE C 224 9.01 -43.90 18.74
N THR C 225 8.73 -44.67 17.70
CA THR C 225 8.09 -44.19 16.48
C THR C 225 6.66 -44.69 16.39
N ASN C 226 5.80 -43.85 15.84
CA ASN C 226 4.39 -44.18 15.66
C ASN C 226 4.24 -45.04 14.42
N ARG C 227 2.99 -45.27 13.98
CA ARG C 227 2.74 -46.11 12.82
C ARG C 227 3.35 -45.52 11.55
N LYS C 228 3.40 -44.19 11.45
CA LYS C 228 4.01 -43.56 10.30
C LYS C 228 5.54 -43.58 10.34
N GLY C 229 6.14 -44.11 11.40
CA GLY C 229 7.58 -44.09 11.54
C GLY C 229 8.14 -42.80 12.06
N LEU C 230 7.35 -41.99 12.76
CA LEU C 230 7.74 -40.67 13.22
C LEU C 230 7.98 -40.68 14.72
N THR C 231 9.12 -40.17 15.14
CA THR C 231 9.36 -39.84 16.52
C THR C 231 8.62 -38.55 16.84
N PRO C 232 8.47 -38.20 18.12
CA PRO C 232 7.83 -36.91 18.45
C PRO C 232 8.54 -35.72 17.84
N LEU C 233 9.85 -35.77 17.72
CA LEU C 233 10.57 -34.69 17.06
C LEU C 233 10.23 -34.65 15.57
N ALA C 234 10.25 -35.82 14.92
CA ALA C 234 9.87 -35.87 13.52
C ALA C 234 8.42 -35.46 13.32
N LEU C 235 7.53 -35.85 14.24
CA LEU C 235 6.14 -35.46 14.14
C LEU C 235 5.97 -33.95 14.25
N ALA C 236 6.66 -33.34 15.22
CA ALA C 236 6.57 -31.89 15.37
C ALA C 236 7.11 -31.19 14.15
N ALA C 237 8.22 -31.69 13.59
CA ALA C 237 8.78 -31.10 12.39
C ALA C 237 7.82 -31.24 11.22
N SER C 238 7.17 -32.40 11.10
CA SER C 238 6.25 -32.61 10.00
C SER C 238 5.05 -31.68 10.08
N SER C 239 4.48 -31.54 11.27
CA SER C 239 3.26 -30.74 11.42
C SER C 239 3.54 -29.25 11.54
N GLY C 240 4.80 -28.83 11.61
CA GLY C 240 5.09 -27.41 11.73
C GLY C 240 4.84 -26.83 13.09
N LYS C 241 5.00 -27.62 14.15
CA LYS C 241 4.81 -27.14 15.51
C LYS C 241 6.07 -26.39 15.92
N ILE C 242 6.04 -25.07 15.78
CA ILE C 242 7.24 -24.28 16.02
C ILE C 242 7.62 -24.30 17.48
N GLY C 243 6.65 -24.18 18.38
CA GLY C 243 6.94 -24.14 19.80
C GLY C 243 7.61 -25.40 20.30
N VAL C 244 7.16 -26.55 19.81
CA VAL C 244 7.70 -27.82 20.27
C VAL C 244 9.13 -27.99 19.76
N LEU C 245 9.41 -27.57 18.53
CA LEU C 245 10.79 -27.62 18.04
C LEU C 245 11.68 -26.68 18.81
N ALA C 246 11.21 -25.45 19.02
CA ALA C 246 11.99 -24.47 19.76
C ALA C 246 12.27 -24.95 21.18
N TYR C 247 11.38 -25.75 21.74
CA TYR C 247 11.69 -26.40 23.00
C TYR C 247 12.71 -27.52 22.83
N ILE C 248 12.45 -28.45 21.91
CA ILE C 248 13.17 -29.73 21.93
C ILE C 248 14.62 -29.54 21.49
N LEU C 249 14.84 -28.82 20.39
CA LEU C 249 16.18 -28.80 19.78
C LEU C 249 17.22 -28.18 20.70
N GLN C 250 16.81 -27.27 21.57
CA GLN C 250 17.67 -26.50 22.46
C GLN C 250 17.24 -26.71 23.89
N ARG C 251 16.95 -27.96 24.24
CA ARG C 251 16.47 -28.33 25.57
C ARG C 251 17.65 -28.56 26.52
N GLU C 252 17.61 -27.90 27.66
CA GLU C 252 18.65 -27.97 28.68
C GLU C 252 18.00 -28.15 30.04
N ILE C 253 18.40 -29.19 30.76
CA ILE C 253 17.84 -29.54 32.06
C ILE C 253 18.90 -29.28 33.12
N HIS C 254 18.62 -28.34 34.02
CA HIS C 254 19.51 -28.02 35.13
C HIS C 254 19.07 -28.77 36.38
N GLU C 255 19.25 -30.09 36.32
CA GLU C 255 18.88 -30.98 37.40
C GLU C 255 19.76 -32.23 37.30
N PRO C 256 20.40 -32.68 38.38
CA PRO C 256 21.20 -33.91 38.27
C PRO C 256 20.31 -35.14 38.18
N GLU C 257 20.94 -36.25 37.79
CA GLU C 257 20.35 -37.57 37.56
C GLU C 257 19.47 -37.67 36.32
N CYS C 258 19.27 -36.57 35.58
CA CYS C 258 18.49 -36.57 34.34
C CYS C 258 19.12 -35.68 33.28
N ARG C 259 20.39 -35.29 33.44
CA ARG C 259 21.04 -34.44 32.45
C ARG C 259 21.27 -35.17 31.14
N HIS C 260 21.27 -36.49 31.13
CA HIS C 260 21.42 -37.22 29.88
C HIS C 260 20.25 -36.99 28.93
N LEU C 261 19.11 -36.52 29.41
CA LEU C 261 18.01 -36.14 28.55
C LEU C 261 18.22 -34.80 27.86
N SER C 262 19.14 -33.97 28.34
CA SER C 262 19.34 -32.67 27.72
C SER C 262 19.96 -32.83 26.35
N ARG C 263 19.59 -31.91 25.45
CA ARG C 263 20.16 -31.83 24.10
C ARG C 263 21.05 -30.62 23.90
N LYS C 264 20.86 -29.56 24.66
CA LYS C 264 21.75 -28.42 24.68
C LYS C 264 22.63 -28.49 25.92
N PHE C 265 23.93 -28.29 25.73
CA PHE C 265 24.90 -28.28 26.81
C PHE C 265 25.75 -27.04 26.64
N THR C 266 25.94 -26.29 27.72
CA THR C 266 26.65 -25.01 27.67
C THR C 266 28.09 -25.23 28.10
N GLU C 267 29.02 -24.74 27.28
CA GLU C 267 30.45 -24.85 27.57
C GLU C 267 30.98 -23.63 28.30
N TRP C 268 30.60 -22.44 27.87
CA TRP C 268 30.96 -21.25 28.64
C TRP C 268 30.02 -20.11 28.30
N ALA C 269 30.08 -19.08 29.13
CA ALA C 269 29.41 -17.82 28.86
C ALA C 269 30.32 -16.67 29.28
N TYR C 270 30.50 -15.72 28.39
CA TYR C 270 31.16 -14.45 28.64
C TYR C 270 30.06 -13.38 28.59
N GLY C 271 30.47 -12.11 28.60
CA GLY C 271 29.56 -10.99 28.75
C GLY C 271 28.36 -10.98 27.82
N PRO C 272 28.60 -10.78 26.52
CA PRO C 272 27.54 -10.96 25.52
C PRO C 272 27.56 -12.28 24.78
N VAL C 273 28.65 -13.03 24.86
CA VAL C 273 28.91 -14.19 24.01
C VAL C 273 28.91 -15.44 24.88
N HIS C 274 28.38 -16.53 24.34
CA HIS C 274 28.41 -17.81 25.05
C HIS C 274 28.46 -18.94 24.05
N SER C 275 29.15 -20.02 24.45
CA SER C 275 29.40 -21.18 23.60
C SER C 275 28.72 -22.39 24.22
N SER C 276 27.97 -23.11 23.39
CA SER C 276 27.24 -24.29 23.81
C SER C 276 27.40 -25.36 22.75
N LEU C 277 27.04 -26.59 23.12
CA LEU C 277 27.00 -27.74 22.23
C LEU C 277 25.58 -28.23 22.11
N TYR C 278 25.19 -28.58 20.89
CA TYR C 278 23.88 -29.12 20.58
C TYR C 278 24.02 -30.57 20.15
N ASP C 279 23.05 -31.38 20.53
CA ASP C 279 23.21 -32.84 20.47
C ASP C 279 23.31 -33.34 19.04
N LEU C 280 22.54 -32.77 18.12
CA LEU C 280 22.59 -33.06 16.69
C LEU C 280 22.03 -34.42 16.28
N SER C 281 21.65 -35.28 17.22
CA SER C 281 21.19 -36.62 16.85
C SER C 281 19.88 -36.57 16.08
N CYS C 282 19.81 -37.33 14.99
CA CYS C 282 18.65 -37.40 14.12
C CYS C 282 18.28 -36.06 13.52
N ILE C 283 19.26 -35.17 13.36
CA ILE C 283 19.10 -33.97 12.54
C ILE C 283 19.70 -34.18 11.16
N ASP C 284 20.96 -34.62 11.13
CA ASP C 284 21.69 -34.89 9.90
C ASP C 284 21.67 -36.35 9.49
N THR C 285 21.95 -37.25 10.42
CA THR C 285 22.03 -38.69 10.18
C THR C 285 21.07 -39.35 11.13
N CYS C 286 20.07 -40.03 10.58
CA CYS C 286 19.03 -40.72 11.35
C CYS C 286 18.79 -42.15 10.94
N GLU C 287 19.02 -42.51 9.67
CA GLU C 287 18.75 -43.79 9.03
C GLU C 287 17.28 -44.06 8.76
N LYS C 288 16.35 -43.29 9.34
CA LYS C 288 14.92 -43.46 9.07
C LYS C 288 14.29 -42.23 8.43
N ASN C 289 14.28 -41.11 9.16
CA ASN C 289 13.66 -39.90 8.64
C ASN C 289 14.10 -38.72 9.51
N SER C 290 15.04 -37.93 9.00
CA SER C 290 15.65 -36.88 9.80
C SER C 290 14.79 -35.62 9.79
N VAL C 291 15.14 -34.69 10.68
CA VAL C 291 14.38 -33.44 10.78
C VAL C 291 14.54 -32.62 9.50
N LEU C 292 15.75 -32.56 8.97
CA LEU C 292 16.00 -31.74 7.79
C LEU C 292 15.24 -32.28 6.59
N GLU C 293 15.19 -33.60 6.43
CA GLU C 293 14.40 -34.19 5.36
C GLU C 293 12.93 -33.83 5.51
N VAL C 294 12.42 -33.92 6.74
CA VAL C 294 10.99 -33.71 6.99
C VAL C 294 10.62 -32.27 6.69
N ILE C 295 11.48 -31.33 7.10
CA ILE C 295 11.21 -29.93 6.82
C ILE C 295 11.30 -29.68 5.32
N ALA C 296 12.36 -30.15 4.69
CA ALA C 296 12.61 -29.82 3.29
C ALA C 296 11.58 -30.45 2.36
N TYR C 297 11.30 -31.73 2.52
CA TYR C 297 10.39 -32.44 1.65
C TYR C 297 8.95 -32.39 2.14
N SER C 298 8.60 -31.37 2.92
CA SER C 298 7.21 -31.22 3.31
C SER C 298 6.36 -30.86 2.10
N SER C 299 5.05 -30.94 2.28
CA SER C 299 4.11 -30.79 1.18
C SER C 299 3.73 -29.34 0.89
N SER C 300 4.39 -28.36 1.53
CA SER C 300 4.14 -26.93 1.38
C SER C 300 2.84 -26.47 2.01
N GLU C 301 2.06 -27.36 2.63
CA GLU C 301 0.91 -26.98 3.42
C GLU C 301 1.27 -26.65 4.86
N THR C 302 2.48 -26.96 5.30
CA THR C 302 2.90 -26.70 6.66
C THR C 302 2.86 -25.19 6.92
N PRO C 303 2.16 -24.71 7.96
CA PRO C 303 2.00 -23.25 8.10
C PRO C 303 3.29 -22.48 8.30
N ASN C 304 4.31 -23.10 8.88
CA ASN C 304 5.56 -22.44 9.24
C ASN C 304 6.74 -23.19 8.67
N ARG C 305 6.65 -23.57 7.40
CA ARG C 305 7.74 -24.30 6.75
C ARG C 305 9.02 -23.48 6.74
N HIS C 306 8.90 -22.18 6.53
CA HIS C 306 10.09 -21.34 6.42
C HIS C 306 10.71 -21.02 7.76
N ASP C 307 9.89 -20.78 8.77
CA ASP C 307 10.42 -20.33 10.06
C ASP C 307 11.12 -21.45 10.80
N MET C 308 10.80 -22.70 10.49
CA MET C 308 11.48 -23.82 11.14
C MET C 308 12.98 -23.79 10.92
N LEU C 309 13.41 -23.32 9.75
CA LEU C 309 14.84 -23.27 9.46
C LEU C 309 15.53 -22.11 10.16
N LEU C 310 14.80 -21.18 10.76
CA LEU C 310 15.41 -20.12 11.54
C LEU C 310 15.84 -20.57 12.92
N VAL C 311 15.37 -21.72 13.40
CA VAL C 311 15.79 -22.23 14.69
C VAL C 311 17.28 -22.54 14.63
N GLU C 312 18.01 -22.08 15.65
CA GLU C 312 19.44 -21.81 15.52
C GLU C 312 20.30 -23.00 15.13
N PRO C 313 20.17 -24.19 15.73
CA PRO C 313 21.01 -25.32 15.28
C PRO C 313 20.86 -25.65 13.81
N LEU C 314 19.64 -25.61 13.27
CA LEU C 314 19.47 -25.91 11.87
C LEU C 314 20.10 -24.83 11.01
N ASN C 315 19.92 -23.57 11.38
CA ASN C 315 20.50 -22.48 10.60
C ASN C 315 22.01 -22.56 10.56
N ARG C 316 22.63 -22.84 11.70
CA ARG C 316 24.08 -22.98 11.73
C ARG C 316 24.54 -24.20 10.95
N LEU C 317 23.79 -25.30 11.02
CA LEU C 317 24.19 -26.49 10.26
C LEU C 317 24.15 -26.23 8.77
N LEU C 318 23.09 -25.58 8.31
CA LEU C 318 23.00 -25.33 6.87
C LEU C 318 24.07 -24.37 6.42
N GLN C 319 24.36 -23.34 7.22
CA GLN C 319 25.43 -22.43 6.84
C GLN C 319 26.78 -23.13 6.83
N ASP C 320 27.02 -24.00 7.82
CA ASP C 320 28.28 -24.73 7.88
C ASP C 320 28.42 -25.67 6.70
N LYS C 321 27.37 -26.43 6.40
CA LYS C 321 27.41 -27.35 5.28
C LYS C 321 27.59 -26.61 3.97
N TRP C 322 26.95 -25.45 3.85
CA TRP C 322 27.11 -24.64 2.64
C TRP C 322 28.54 -24.21 2.46
N ASP C 323 29.12 -23.60 3.49
CA ASP C 323 30.48 -23.08 3.33
C ASP C 323 31.50 -24.19 3.22
N ARG C 324 31.22 -25.37 3.76
CA ARG C 324 32.27 -26.36 3.88
C ARG C 324 32.57 -27.00 2.54
N PHE C 325 31.58 -27.68 1.94
CA PHE C 325 31.80 -28.38 0.67
C PHE C 325 30.68 -28.22 -0.36
N VAL C 326 29.46 -27.89 0.08
CA VAL C 326 28.33 -27.93 -0.85
C VAL C 326 28.41 -26.79 -1.85
N LYS C 327 28.92 -25.64 -1.43
CA LYS C 327 29.00 -24.47 -2.31
C LYS C 327 29.82 -24.75 -3.55
N ARG C 328 30.98 -25.39 -3.37
CA ARG C 328 31.83 -25.69 -4.51
C ARG C 328 31.16 -26.70 -5.44
N ILE C 329 30.50 -27.71 -4.89
CA ILE C 329 29.84 -28.70 -5.72
C ILE C 329 28.72 -28.06 -6.52
N PHE C 330 27.98 -27.15 -5.89
CA PHE C 330 26.92 -26.45 -6.60
C PHE C 330 27.47 -25.63 -7.75
N TYR C 331 28.54 -24.87 -7.51
CA TYR C 331 29.12 -24.06 -8.58
C TYR C 331 29.65 -24.94 -9.70
N PHE C 332 30.26 -26.07 -9.35
CA PHE C 332 30.78 -26.99 -10.34
C PHE C 332 29.65 -27.54 -11.20
N ASN C 333 28.53 -27.92 -10.59
CA ASN C 333 27.40 -28.42 -11.36
C ASN C 333 26.84 -27.35 -12.26
N PHE C 334 26.76 -26.11 -11.78
CA PHE C 334 26.27 -25.02 -12.61
C PHE C 334 27.16 -24.82 -13.83
N PHE C 335 28.47 -24.84 -13.61
CA PHE C 335 29.41 -24.68 -14.71
C PHE C 335 29.27 -25.81 -15.72
N VAL C 336 29.15 -27.04 -15.24
CA VAL C 336 29.03 -28.17 -16.15
C VAL C 336 27.75 -28.08 -16.95
N TYR C 337 26.67 -27.65 -16.32
CA TYR C 337 25.43 -27.45 -17.05
C TYR C 337 25.58 -26.41 -18.13
N CYS C 338 26.29 -25.32 -17.83
CA CYS C 338 26.54 -24.31 -18.85
C CYS C 338 27.30 -24.88 -20.03
N LEU C 339 28.33 -25.69 -19.76
CA LEU C 339 29.07 -26.31 -20.86
C LEU C 339 28.17 -27.24 -21.66
N TYR C 340 27.31 -27.98 -20.98
CA TYR C 340 26.39 -28.86 -21.68
C TYR C 340 25.49 -28.09 -22.61
N MET C 341 24.92 -26.99 -22.12
CA MET C 341 24.03 -26.21 -22.95
C MET C 341 24.76 -25.56 -24.11
N ILE C 342 26.00 -25.14 -23.91
CA ILE C 342 26.76 -24.56 -25.01
C ILE C 342 27.00 -25.60 -26.09
N ILE C 343 27.39 -26.81 -25.68
CA ILE C 343 27.62 -27.86 -26.66
C ILE C 343 26.34 -28.20 -27.39
N PHE C 344 25.23 -28.31 -26.67
CA PHE C 344 23.96 -28.62 -27.30
C PHE C 344 23.58 -27.53 -28.30
N THR C 345 23.79 -26.28 -27.91
CA THR C 345 23.45 -25.16 -28.78
C THR C 345 24.26 -25.22 -30.06
N ALA C 346 25.57 -25.41 -29.94
CA ALA C 346 26.43 -25.46 -31.12
C ALA C 346 26.07 -26.66 -31.99
N ALA C 347 25.78 -27.80 -31.38
CA ALA C 347 25.43 -28.98 -32.17
C ALA C 347 24.14 -28.79 -32.91
N ALA C 348 23.15 -28.17 -32.27
CA ALA C 348 21.89 -27.94 -32.95
C ALA C 348 22.04 -26.94 -34.09
N TYR C 349 22.85 -25.90 -33.88
CA TYR C 349 22.95 -24.81 -34.85
C TYR C 349 23.48 -25.32 -36.19
N TYR C 350 24.46 -26.21 -36.16
CA TYR C 350 25.10 -26.74 -37.36
C TYR C 350 24.48 -28.04 -37.83
N ARG C 351 23.18 -28.22 -37.64
CA ARG C 351 22.54 -29.43 -38.12
C ARG C 351 22.58 -29.46 -39.65
N PRO C 352 22.58 -30.64 -40.27
CA PRO C 352 22.50 -30.69 -41.73
C PRO C 352 21.08 -30.39 -42.19
N VAL C 353 20.97 -30.00 -43.46
CA VAL C 353 19.74 -29.52 -44.05
C VAL C 353 19.21 -30.45 -45.13
N GLU C 354 19.85 -31.59 -45.37
CA GLU C 354 19.34 -32.54 -46.34
C GLU C 354 18.15 -33.27 -45.76
N GLY C 355 17.51 -34.12 -46.56
CA GLY C 355 16.33 -34.83 -46.13
C GLY C 355 16.67 -36.17 -45.49
N LEU C 356 15.66 -36.74 -44.84
CA LEU C 356 15.65 -38.13 -44.39
C LEU C 356 16.83 -38.46 -43.48
N PRO C 357 16.78 -38.13 -42.18
CA PRO C 357 17.80 -38.64 -41.26
C PRO C 357 17.74 -40.14 -41.16
N PRO C 358 18.76 -40.78 -40.58
CA PRO C 358 20.02 -40.24 -40.07
C PRO C 358 20.97 -39.89 -41.20
N TYR C 359 21.87 -38.96 -40.95
CA TYR C 359 22.74 -38.41 -41.98
C TYR C 359 24.12 -39.03 -41.88
N LYS C 360 24.65 -39.46 -43.03
CA LYS C 360 25.91 -40.16 -43.05
C LYS C 360 27.06 -39.22 -42.71
N LEU C 361 28.00 -39.74 -41.93
CA LEU C 361 29.16 -38.97 -41.54
C LEU C 361 30.17 -38.97 -42.67
N LYS C 362 30.85 -37.83 -42.83
CA LYS C 362 31.97 -37.68 -43.75
C LYS C 362 33.26 -37.64 -42.95
N ASN C 363 34.36 -38.03 -43.62
CA ASN C 363 35.67 -38.03 -42.97
C ASN C 363 36.21 -36.60 -42.97
N THR C 364 35.60 -35.78 -42.13
CA THR C 364 35.96 -34.38 -41.99
C THR C 364 35.74 -33.97 -40.55
N VAL C 365 36.50 -32.96 -40.12
CA VAL C 365 36.53 -32.55 -38.72
C VAL C 365 35.15 -32.07 -38.27
N GLY C 366 34.44 -31.38 -39.16
CA GLY C 366 33.13 -30.83 -38.81
C GLY C 366 32.14 -31.91 -38.41
N ASP C 367 32.09 -33.00 -39.18
CA ASP C 367 31.16 -34.07 -38.85
C ASP C 367 31.53 -34.74 -37.53
N TYR C 368 32.83 -34.86 -37.25
CA TYR C 368 33.22 -35.50 -36.00
C TYR C 368 32.84 -34.66 -34.80
N PHE C 369 33.09 -33.36 -34.85
CA PHE C 369 32.68 -32.52 -33.72
C PHE C 369 31.17 -32.45 -33.63
N ARG C 370 30.47 -32.46 -34.77
CA ARG C 370 29.03 -32.41 -34.75
C ARG C 370 28.44 -33.65 -34.08
N VAL C 371 28.90 -34.84 -34.48
CA VAL C 371 28.32 -36.05 -33.90
C VAL C 371 28.75 -36.19 -32.45
N THR C 372 29.95 -35.70 -32.10
CA THR C 372 30.33 -35.64 -30.69
C THR C 372 29.35 -34.81 -29.88
N GLY C 373 29.00 -33.63 -30.39
CA GLY C 373 28.02 -32.79 -29.71
C GLY C 373 26.67 -33.46 -29.61
N GLU C 374 26.27 -34.17 -30.67
CA GLU C 374 25.01 -34.89 -30.63
C GLU C 374 25.01 -35.96 -29.54
N ILE C 375 26.12 -36.69 -29.43
CA ILE C 375 26.21 -37.77 -28.46
C ILE C 375 26.15 -37.21 -27.05
N LEU C 376 26.87 -36.12 -26.80
CA LEU C 376 26.83 -35.50 -25.48
C LEU C 376 25.43 -34.97 -25.16
N SER C 377 24.75 -34.41 -26.15
CA SER C 377 23.41 -33.88 -25.90
C SER C 377 22.44 -34.99 -25.53
N VAL C 378 22.46 -36.09 -26.28
CA VAL C 378 21.55 -37.19 -25.97
C VAL C 378 21.91 -37.81 -24.63
N SER C 379 23.21 -37.87 -24.32
CA SER C 379 23.65 -38.37 -23.02
C SER C 379 23.07 -37.55 -21.89
N GLY C 380 23.15 -36.22 -22.01
CA GLY C 380 22.60 -35.36 -20.97
C GLY C 380 21.10 -35.53 -20.83
N GLY C 381 20.41 -35.68 -21.97
CA GLY C 381 18.97 -35.91 -21.90
C GLY C 381 18.61 -37.18 -21.16
N VAL C 382 19.35 -38.25 -21.43
CA VAL C 382 19.09 -39.51 -20.74
C VAL C 382 19.39 -39.38 -19.25
N TYR C 383 20.47 -38.66 -18.91
CA TYR C 383 20.81 -38.45 -17.51
C TYR C 383 19.69 -37.76 -16.76
N PHE C 384 19.19 -36.65 -17.32
CA PHE C 384 18.10 -35.94 -16.67
C PHE C 384 16.85 -36.80 -16.59
N PHE C 385 16.61 -37.61 -17.61
CA PHE C 385 15.46 -38.50 -17.62
C PHE C 385 15.46 -39.44 -16.42
N PHE C 386 16.58 -40.14 -16.23
CA PHE C 386 16.62 -41.09 -15.13
C PHE C 386 16.63 -40.38 -13.78
N ARG C 387 17.26 -39.20 -13.68
CA ARG C 387 17.20 -38.47 -12.42
C ARG C 387 15.77 -38.09 -12.09
N GLY C 388 14.99 -37.68 -13.09
CA GLY C 388 13.61 -37.31 -12.83
C GLY C 388 12.79 -38.49 -12.35
N ILE C 389 12.98 -39.66 -12.96
CA ILE C 389 12.23 -40.83 -12.53
C ILE C 389 12.61 -41.21 -11.10
N GLN C 390 13.91 -41.14 -10.78
CA GLN C 390 14.33 -41.45 -9.41
C GLN C 390 13.70 -40.49 -8.42
N TYR C 391 13.61 -39.21 -8.78
CA TYR C 391 12.97 -38.23 -7.91
C TYR C 391 11.51 -38.60 -7.67
N PHE C 392 10.78 -38.89 -8.75
CA PHE C 392 9.34 -39.13 -8.58
C PHE C 392 9.10 -40.40 -7.78
N LEU C 393 9.91 -41.44 -8.00
CA LEU C 393 9.72 -42.65 -7.22
C LEU C 393 10.08 -42.43 -5.75
N GLN C 394 11.12 -41.65 -5.47
CA GLN C 394 11.53 -41.48 -4.09
C GLN C 394 10.54 -40.62 -3.32
N ARG C 395 9.97 -39.60 -3.97
CA ARG C 395 9.04 -38.72 -3.30
C ARG C 395 7.61 -39.22 -3.33
N ARG C 396 7.19 -39.84 -4.41
CA ARG C 396 5.81 -40.26 -4.60
C ARG C 396 4.81 -39.12 -4.39
N PRO C 397 4.96 -38.01 -5.10
CA PRO C 397 4.06 -36.88 -4.88
C PRO C 397 2.66 -37.16 -5.38
N SER C 398 1.69 -36.53 -4.73
CA SER C 398 0.31 -36.61 -5.18
C SER C 398 0.05 -35.62 -6.30
N LEU C 399 -1.04 -35.84 -7.03
CA LEU C 399 -1.38 -34.98 -8.14
C LEU C 399 -1.68 -33.56 -7.69
N LYS C 400 -2.41 -33.42 -6.57
CA LYS C 400 -2.90 -32.12 -6.15
C LYS C 400 -1.76 -31.14 -5.87
N SER C 401 -0.65 -31.64 -5.34
CA SER C 401 0.57 -30.87 -5.12
C SER C 401 1.68 -31.24 -6.10
N LEU C 402 1.36 -31.91 -7.21
CA LEU C 402 2.41 -32.32 -8.13
C LEU C 402 3.13 -31.13 -8.73
N PHE C 403 2.38 -30.08 -9.08
CA PHE C 403 2.96 -28.86 -9.63
C PHE C 403 3.15 -27.76 -8.60
N VAL C 404 2.44 -27.82 -7.47
CA VAL C 404 2.64 -26.81 -6.44
C VAL C 404 4.05 -26.90 -5.90
N ASP C 405 4.54 -28.12 -5.69
CA ASP C 405 5.94 -28.41 -5.46
C ASP C 405 6.49 -29.09 -6.71
N SER C 406 7.79 -29.41 -6.67
CA SER C 406 8.42 -30.21 -7.72
C SER C 406 8.35 -29.53 -9.09
N TYR C 407 8.28 -28.21 -9.13
CA TYR C 407 8.19 -27.48 -10.39
C TYR C 407 9.45 -27.70 -11.23
N SER C 408 10.61 -27.52 -10.61
CA SER C 408 11.85 -27.58 -11.35
C SER C 408 12.13 -28.99 -11.85
N GLU C 409 11.83 -30.00 -11.05
CA GLU C 409 12.03 -31.37 -11.49
C GLU C 409 11.16 -31.69 -12.69
N ILE C 410 9.92 -31.18 -12.68
CA ILE C 410 9.02 -31.43 -13.80
C ILE C 410 9.57 -30.80 -15.06
N LEU C 411 10.09 -29.58 -14.96
CA LEU C 411 10.60 -28.94 -16.16
C LEU C 411 11.84 -29.63 -16.70
N PHE C 412 12.75 -30.05 -15.81
CA PHE C 412 13.91 -30.80 -16.30
C PHE C 412 13.49 -32.12 -16.93
N PHE C 413 12.50 -32.77 -16.34
CA PHE C 413 12.02 -34.03 -16.89
C PHE C 413 11.42 -33.81 -18.28
N VAL C 414 10.66 -32.73 -18.43
CA VAL C 414 10.01 -32.45 -19.71
C VAL C 414 11.06 -32.14 -20.78
N GLN C 415 12.11 -31.42 -20.41
CA GLN C 415 13.23 -31.20 -21.32
C GLN C 415 13.81 -32.51 -21.81
N SER C 416 14.04 -33.43 -20.88
CA SER C 416 14.62 -34.71 -21.29
C SER C 416 13.66 -35.51 -22.16
N LEU C 417 12.36 -35.39 -21.90
CA LEU C 417 11.40 -36.09 -22.75
C LEU C 417 11.44 -35.55 -24.18
N PHE C 418 11.56 -34.24 -24.32
CA PHE C 418 11.67 -33.68 -25.67
C PHE C 418 12.93 -34.16 -26.36
N MET C 419 14.04 -34.25 -25.62
CA MET C 419 15.27 -34.77 -26.22
C MET C 419 15.08 -36.21 -26.70
N LEU C 420 14.45 -37.05 -25.89
CA LEU C 420 14.29 -38.45 -26.29
C LEU C 420 13.38 -38.58 -27.50
N VAL C 421 12.31 -37.78 -27.54
CA VAL C 421 11.43 -37.82 -28.69
C VAL C 421 12.17 -37.36 -29.95
N SER C 422 13.05 -36.38 -29.79
CA SER C 422 13.89 -35.97 -30.91
C SER C 422 14.77 -37.11 -31.38
N VAL C 423 15.34 -37.88 -30.46
CA VAL C 423 16.18 -39.01 -30.85
C VAL C 423 15.35 -40.04 -31.62
N VAL C 424 14.15 -40.31 -31.12
CA VAL C 424 13.29 -41.32 -31.73
C VAL C 424 12.93 -40.93 -33.15
N LEU C 425 12.53 -39.67 -33.34
CA LEU C 425 12.23 -39.22 -34.69
C LEU C 425 13.48 -39.19 -35.57
N TYR C 426 14.64 -38.90 -34.99
CA TYR C 426 15.87 -38.86 -35.78
C TYR C 426 16.18 -40.22 -36.37
N PHE C 427 16.06 -41.27 -35.56
CA PHE C 427 16.32 -42.61 -36.06
C PHE C 427 15.09 -43.26 -36.69
N SER C 428 13.94 -42.60 -36.69
CA SER C 428 12.75 -43.07 -37.37
C SER C 428 12.59 -42.49 -38.78
N GLN C 429 13.60 -41.79 -39.31
CA GLN C 429 13.56 -41.22 -40.65
C GLN C 429 12.42 -40.21 -40.79
N ARG C 430 12.43 -39.20 -39.93
CA ARG C 430 11.50 -38.07 -40.02
C ARG C 430 12.28 -36.79 -39.79
N LYS C 431 11.98 -35.77 -40.58
CA LYS C 431 12.58 -34.46 -40.34
C LYS C 431 12.06 -33.81 -39.06
N GLU C 432 10.88 -34.21 -38.58
CA GLU C 432 10.22 -33.50 -37.50
C GLU C 432 10.96 -33.60 -36.17
N TYR C 433 12.02 -34.42 -36.09
CA TYR C 433 12.90 -34.40 -34.94
C TYR C 433 13.41 -33.00 -34.65
N VAL C 434 13.61 -32.18 -35.70
CA VAL C 434 14.09 -30.81 -35.53
C VAL C 434 13.17 -30.05 -34.59
N ALA C 435 11.86 -30.21 -34.79
CA ALA C 435 10.87 -29.50 -33.97
C ALA C 435 11.04 -29.86 -32.52
N SER C 436 11.16 -31.15 -32.22
CA SER C 436 11.32 -31.56 -30.83
C SER C 436 12.62 -31.02 -30.26
N MET C 437 13.69 -31.11 -31.06
CA MET C 437 15.00 -30.65 -30.61
C MET C 437 14.94 -29.18 -30.25
N VAL C 438 14.22 -28.40 -31.07
CA VAL C 438 14.23 -26.96 -30.89
C VAL C 438 13.60 -26.62 -29.55
N PHE C 439 12.49 -27.28 -29.23
CA PHE C 439 11.80 -26.98 -27.99
C PHE C 439 12.69 -27.29 -26.80
N SER C 440 13.41 -28.41 -26.88
CA SER C 440 14.28 -28.80 -25.78
C SER C 440 15.35 -27.77 -25.56
N LEU C 441 15.92 -27.27 -26.65
CA LEU C 441 16.96 -26.25 -26.55
C LEU C 441 16.43 -25.02 -25.87
N ALA C 442 15.20 -24.62 -26.21
CA ALA C 442 14.59 -23.47 -25.57
C ALA C 442 14.46 -23.69 -24.08
N MET C 443 13.92 -24.84 -23.69
CA MET C 443 13.79 -25.14 -22.27
C MET C 443 15.17 -25.27 -21.65
N GLY C 444 16.11 -25.80 -22.43
CA GLY C 444 17.45 -26.02 -21.92
C GLY C 444 18.10 -24.73 -21.45
N TRP C 445 17.72 -23.61 -22.05
CA TRP C 445 18.25 -22.34 -21.58
C TRP C 445 17.43 -21.79 -20.43
N THR C 446 16.11 -21.86 -20.51
CA THR C 446 15.31 -21.20 -19.48
C THR C 446 15.40 -21.92 -18.15
N ASN C 447 15.63 -23.24 -18.18
CA ASN C 447 15.84 -23.96 -16.93
C ASN C 447 17.13 -23.58 -16.24
N MET C 448 18.02 -22.84 -16.90
CA MET C 448 19.16 -22.23 -16.23
C MET C 448 18.72 -21.36 -15.06
N LEU C 449 17.51 -20.80 -15.10
CA LEU C 449 17.03 -20.00 -13.99
C LEU C 449 16.90 -20.79 -12.69
N TYR C 450 16.82 -22.12 -12.76
CA TYR C 450 16.85 -22.94 -11.55
C TYR C 450 18.09 -22.64 -10.73
N TYR C 451 19.21 -22.36 -11.38
CA TYR C 451 20.44 -22.10 -10.65
C TYR C 451 20.50 -20.70 -10.06
N THR C 452 19.51 -19.85 -10.30
CA THR C 452 19.43 -18.63 -9.49
C THR C 452 18.92 -18.92 -8.09
N ARG C 453 18.21 -20.02 -7.90
CA ARG C 453 17.76 -20.40 -6.58
C ARG C 453 18.95 -20.61 -5.66
N GLY C 454 18.87 -20.05 -4.46
CA GLY C 454 19.92 -20.15 -3.48
C GLY C 454 20.82 -18.93 -3.39
N PHE C 455 20.73 -18.00 -4.32
CA PHE C 455 21.37 -16.70 -4.20
C PHE C 455 20.37 -15.74 -3.60
N GLN C 456 20.81 -14.97 -2.61
CA GLN C 456 19.88 -14.12 -1.88
C GLN C 456 19.28 -13.04 -2.77
N GLN C 457 20.02 -12.58 -3.78
CA GLN C 457 19.52 -11.54 -4.67
C GLN C 457 18.75 -12.11 -5.85
N MET C 458 19.34 -13.05 -6.58
CA MET C 458 18.78 -13.52 -7.84
C MET C 458 17.76 -14.63 -7.69
N GLY C 459 17.67 -15.25 -6.52
CA GLY C 459 16.73 -16.35 -6.35
C GLY C 459 15.29 -15.92 -6.48
N ILE C 460 14.98 -14.67 -6.17
CA ILE C 460 13.58 -14.24 -6.09
C ILE C 460 12.90 -14.28 -7.44
N TYR C 461 13.65 -14.14 -8.53
CA TYR C 461 13.03 -14.01 -9.83
C TYR C 461 12.45 -15.34 -10.31
N ALA C 462 13.17 -16.44 -10.07
CA ALA C 462 12.64 -17.75 -10.42
C ALA C 462 11.36 -18.04 -9.65
N VAL C 463 11.32 -17.69 -8.37
CA VAL C 463 10.15 -17.96 -7.56
C VAL C 463 8.97 -17.11 -8.05
N MET C 464 9.23 -15.86 -8.39
CA MET C 464 8.17 -15.00 -8.91
C MET C 464 7.59 -15.57 -10.19
N ILE C 465 8.45 -16.06 -11.09
CA ILE C 465 7.95 -16.62 -12.34
C ILE C 465 7.14 -17.87 -12.07
N GLU C 466 7.62 -18.74 -11.18
CA GLU C 466 6.90 -19.97 -10.88
C GLU C 466 5.52 -19.69 -10.31
N LYS C 467 5.45 -18.79 -9.32
CA LYS C 467 4.16 -18.48 -8.71
C LYS C 467 3.22 -17.84 -9.72
N MET C 468 3.75 -16.94 -10.56
CA MET C 468 2.88 -16.28 -11.53
C MET C 468 2.35 -17.25 -12.56
N ILE C 469 3.19 -18.18 -13.03
CA ILE C 469 2.70 -19.13 -14.02
C ILE C 469 1.71 -20.10 -13.39
N LEU C 470 1.98 -20.55 -12.16
CA LEU C 470 1.12 -21.55 -11.55
C LEU C 470 -0.20 -20.97 -11.05
N ARG C 471 -0.18 -19.78 -10.46
CA ARG C 471 -1.36 -19.22 -9.81
C ARG C 471 -2.19 -18.36 -10.77
N ASP C 472 -1.60 -17.33 -11.34
CA ASP C 472 -2.38 -16.27 -11.97
C ASP C 472 -2.74 -16.59 -13.41
N LEU C 473 -1.78 -16.97 -14.24
CA LEU C 473 -2.11 -17.30 -15.62
C LEU C 473 -3.00 -18.53 -15.70
N CYS C 474 -2.81 -19.49 -14.79
CA CYS C 474 -3.62 -20.70 -14.80
C CYS C 474 -5.10 -20.39 -14.58
N ARG C 475 -5.40 -19.57 -13.59
CA ARG C 475 -6.81 -19.25 -13.35
C ARG C 475 -7.35 -18.33 -14.44
N PHE C 476 -6.57 -17.33 -14.83
CA PHE C 476 -7.05 -16.33 -15.76
C PHE C 476 -7.24 -16.90 -17.18
N MET C 477 -6.61 -18.04 -17.47
CA MET C 477 -6.76 -18.68 -18.77
C MET C 477 -8.21 -18.93 -19.14
N PHE C 478 -9.03 -19.38 -18.19
CA PHE C 478 -10.40 -19.74 -18.54
C PHE C 478 -11.23 -18.51 -18.87
N VAL C 479 -11.08 -17.44 -18.08
CA VAL C 479 -11.80 -16.19 -18.35
C VAL C 479 -11.42 -15.65 -19.72
N TYR C 480 -10.12 -15.61 -20.01
CA TYR C 480 -9.71 -15.09 -21.29
C TYR C 480 -10.18 -15.97 -22.43
N LEU C 481 -10.16 -17.29 -22.25
CA LEU C 481 -10.61 -18.16 -23.32
C LEU C 481 -12.09 -18.04 -23.56
N VAL C 482 -12.87 -17.76 -22.51
CA VAL C 482 -14.30 -17.53 -22.70
C VAL C 482 -14.50 -16.31 -23.58
N PHE C 483 -13.82 -15.22 -23.27
CA PHE C 483 -13.96 -14.01 -24.08
C PHE C 483 -13.46 -14.24 -25.50
N LEU C 484 -12.33 -14.91 -25.64
CA LEU C 484 -11.75 -15.15 -26.96
C LEU C 484 -12.67 -15.99 -27.81
N PHE C 485 -13.17 -17.09 -27.27
CA PHE C 485 -14.03 -17.97 -28.06
C PHE C 485 -15.34 -17.29 -28.41
N GLY C 486 -15.94 -16.58 -27.46
CA GLY C 486 -17.20 -15.91 -27.74
C GLY C 486 -17.08 -14.88 -28.84
N PHE C 487 -16.10 -14.00 -28.73
CA PHE C 487 -16.02 -12.96 -29.76
C PHE C 487 -15.51 -13.53 -31.08
N SER C 488 -14.62 -14.52 -31.05
CA SER C 488 -14.14 -15.13 -32.28
C SER C 488 -15.27 -15.80 -33.04
N THR C 489 -16.09 -16.58 -32.36
CA THR C 489 -17.14 -17.28 -33.08
C THR C 489 -18.23 -16.31 -33.53
N ALA C 490 -18.47 -15.24 -32.77
CA ALA C 490 -19.38 -14.20 -33.24
C ALA C 490 -18.89 -13.58 -34.54
N VAL C 491 -17.61 -13.21 -34.59
CA VAL C 491 -17.08 -12.53 -35.77
C VAL C 491 -17.04 -13.48 -36.96
N VAL C 492 -16.65 -14.73 -36.72
CA VAL C 492 -16.58 -15.69 -37.80
C VAL C 492 -17.97 -15.96 -38.35
N THR C 493 -18.98 -15.95 -37.48
CA THR C 493 -20.33 -16.09 -37.98
C THR C 493 -20.74 -14.90 -38.83
N LEU C 494 -20.27 -13.70 -38.49
CA LEU C 494 -20.73 -12.53 -39.21
C LEU C 494 -20.18 -12.49 -40.63
N ILE C 495 -18.88 -12.71 -40.79
CA ILE C 495 -18.22 -12.47 -42.07
C ILE C 495 -18.58 -13.58 -43.04
N GLU C 496 -18.82 -13.20 -44.30
CA GLU C 496 -19.05 -14.12 -45.41
C GLU C 496 -17.89 -13.95 -46.38
N ASP C 497 -16.94 -14.88 -46.34
CA ASP C 497 -15.85 -14.96 -47.31
C ASP C 497 -15.03 -13.68 -47.34
N GLY C 498 -14.30 -13.49 -46.24
CA GLY C 498 -13.28 -12.47 -46.15
C GLY C 498 -11.98 -13.07 -45.67
N LYS C 499 -11.10 -12.26 -45.10
CA LYS C 499 -9.92 -12.80 -44.42
C LYS C 499 -10.25 -13.31 -43.03
N TYR C 500 -11.25 -12.72 -42.37
CA TYR C 500 -11.64 -13.17 -41.05
C TYR C 500 -12.41 -14.49 -41.10
N ASN C 501 -12.96 -14.87 -42.26
CA ASN C 501 -13.81 -16.06 -42.32
C ASN C 501 -13.02 -17.36 -42.16
N SER C 502 -12.46 -17.57 -40.97
CA SER C 502 -11.79 -18.78 -40.56
C SER C 502 -11.40 -18.64 -39.10
N LEU C 503 -11.56 -19.70 -38.31
CA LEU C 503 -11.34 -19.58 -36.87
C LEU C 503 -9.88 -19.28 -36.56
N TYR C 504 -8.96 -19.91 -37.29
CA TYR C 504 -7.54 -19.73 -37.08
C TYR C 504 -7.12 -18.26 -37.16
N SER C 505 -7.38 -17.62 -38.31
CA SER C 505 -6.95 -16.24 -38.51
C SER C 505 -7.66 -15.29 -37.55
N THR C 506 -8.95 -15.48 -37.36
CA THR C 506 -9.73 -14.58 -36.50
C THR C 506 -9.24 -14.66 -35.06
N CYS C 507 -9.02 -15.88 -34.55
CA CYS C 507 -8.50 -16.03 -33.20
C CYS C 507 -7.13 -15.41 -33.07
N LEU C 508 -6.27 -15.60 -34.09
CA LEU C 508 -4.95 -15.01 -34.03
C LEU C 508 -5.02 -13.49 -33.98
N GLU C 509 -5.89 -12.90 -34.80
CA GLU C 509 -5.99 -11.44 -34.84
C GLU C 509 -6.57 -10.89 -33.54
N LEU C 510 -7.54 -11.58 -32.96
CA LEU C 510 -8.09 -11.12 -31.69
C LEU C 510 -7.05 -11.21 -30.58
N PHE C 511 -6.23 -12.26 -30.59
CA PHE C 511 -5.16 -12.33 -29.62
C PHE C 511 -4.19 -11.18 -29.82
N LYS C 512 -3.89 -10.85 -31.07
CA LYS C 512 -3.03 -9.68 -31.34
C LYS C 512 -3.66 -8.41 -30.80
N PHE C 513 -4.99 -8.29 -30.90
CA PHE C 513 -5.67 -7.14 -30.33
C PHE C 513 -5.50 -7.11 -28.82
N THR C 514 -5.44 -8.27 -28.17
CA THR C 514 -5.30 -8.31 -26.72
C THR C 514 -3.97 -7.71 -26.27
N ILE C 515 -2.91 -7.92 -27.04
CA ILE C 515 -1.59 -7.38 -26.71
C ILE C 515 -1.28 -6.08 -27.47
N GLY C 516 -2.25 -5.52 -28.18
CA GLY C 516 -2.01 -4.29 -28.91
C GLY C 516 -1.16 -4.45 -30.15
N MET C 517 -1.57 -5.33 -31.07
CA MET C 517 -0.88 -5.55 -32.32
C MET C 517 -1.86 -5.73 -33.46
N GLY C 518 -2.87 -4.86 -33.53
CA GLY C 518 -3.93 -4.98 -34.50
C GLY C 518 -3.66 -4.26 -35.81
N ASP C 519 -4.65 -4.30 -36.72
CA ASP C 519 -4.57 -3.65 -38.02
C ASP C 519 -5.68 -2.60 -38.19
N LEU C 520 -6.92 -3.01 -37.94
CA LEU C 520 -8.08 -2.11 -37.91
C LEU C 520 -8.31 -1.45 -39.27
N GLU C 521 -8.13 -2.22 -40.34
CA GLU C 521 -8.28 -1.73 -41.71
C GLU C 521 -9.71 -1.92 -42.18
N PHE C 522 -10.56 -0.92 -41.93
CA PHE C 522 -11.97 -0.97 -42.32
C PHE C 522 -12.17 -0.36 -43.70
N THR C 523 -11.50 -0.98 -44.67
CA THR C 523 -11.46 -0.57 -46.07
C THR C 523 -11.92 -1.71 -46.94
N GLU C 524 -13.03 -2.32 -46.54
CA GLU C 524 -13.61 -3.51 -47.15
C GLU C 524 -15.03 -3.22 -47.61
N ASN C 525 -15.61 -4.20 -48.29
CA ASN C 525 -16.87 -4.07 -48.99
C ASN C 525 -17.79 -5.24 -48.65
N TYR C 526 -17.88 -5.57 -47.37
CA TYR C 526 -18.85 -6.54 -46.86
C TYR C 526 -19.90 -5.80 -46.05
N ASP C 527 -21.10 -6.37 -46.02
CA ASP C 527 -22.21 -5.76 -45.34
C ASP C 527 -22.06 -5.93 -43.83
N PHE C 528 -22.94 -5.27 -43.08
CA PHE C 528 -22.91 -5.29 -41.62
C PHE C 528 -21.57 -4.81 -41.08
N LYS C 529 -21.00 -3.81 -41.74
CA LYS C 529 -19.71 -3.28 -41.28
C LYS C 529 -19.85 -2.67 -39.89
N ALA C 530 -20.98 -2.02 -39.63
CA ALA C 530 -21.20 -1.39 -38.33
C ALA C 530 -21.21 -2.43 -37.22
N VAL C 531 -21.82 -3.58 -37.47
CA VAL C 531 -21.85 -4.64 -36.48
C VAL C 531 -20.44 -5.14 -36.21
N PHE C 532 -19.66 -5.29 -37.27
CA PHE C 532 -18.28 -5.73 -37.14
C PHE C 532 -17.47 -4.75 -36.30
N ILE C 533 -17.64 -3.45 -36.57
CA ILE C 533 -16.87 -2.44 -35.82
C ILE C 533 -17.29 -2.43 -34.37
N ILE C 534 -18.58 -2.56 -34.10
CA ILE C 534 -19.06 -2.58 -32.72
C ILE C 534 -18.50 -3.79 -31.99
N LEU C 535 -18.46 -4.94 -32.66
CA LEU C 535 -17.88 -6.13 -32.05
C LEU C 535 -16.40 -5.96 -31.76
N LEU C 536 -15.64 -5.43 -32.72
CA LEU C 536 -14.21 -5.28 -32.50
C LEU C 536 -13.93 -4.26 -31.41
N LEU C 537 -14.68 -3.17 -31.40
CA LEU C 537 -14.51 -2.16 -30.37
C LEU C 537 -14.82 -2.73 -29.00
N ALA C 538 -15.91 -3.49 -28.88
CA ALA C 538 -16.27 -4.04 -27.58
C ALA C 538 -15.23 -5.06 -27.13
N TYR C 539 -14.72 -5.86 -28.05
CA TYR C 539 -13.65 -6.79 -27.68
C TYR C 539 -12.41 -6.03 -27.23
N VAL C 540 -12.03 -4.99 -27.94
CA VAL C 540 -10.81 -4.26 -27.61
C VAL C 540 -10.95 -3.58 -26.26
N ILE C 541 -12.11 -2.98 -25.99
CA ILE C 541 -12.33 -2.38 -24.68
C ILE C 541 -12.29 -3.46 -23.60
N LEU C 542 -12.90 -4.61 -23.87
CA LEU C 542 -13.01 -5.61 -22.81
C LEU C 542 -11.68 -6.32 -22.55
N THR C 543 -10.90 -6.60 -23.59
CA THR C 543 -9.67 -7.36 -23.44
C THR C 543 -8.44 -6.47 -23.28
N TYR C 544 -8.26 -5.47 -24.13
CA TYR C 544 -7.04 -4.68 -24.07
C TYR C 544 -7.01 -3.79 -22.85
N ILE C 545 -8.14 -3.19 -22.49
CA ILE C 545 -8.20 -2.23 -21.40
C ILE C 545 -8.56 -2.90 -20.10
N LEU C 546 -9.66 -3.63 -20.07
CA LEU C 546 -10.27 -4.05 -18.81
C LEU C 546 -9.61 -5.31 -18.27
N LEU C 547 -9.55 -6.38 -19.07
CA LEU C 547 -9.06 -7.65 -18.56
C LEU C 547 -7.55 -7.66 -18.35
N LEU C 548 -6.81 -7.14 -19.32
CA LEU C 548 -5.35 -7.21 -19.25
C LEU C 548 -4.83 -6.44 -18.04
N ASN C 549 -5.43 -5.28 -17.77
CA ASN C 549 -4.98 -4.51 -16.62
C ASN C 549 -5.39 -5.16 -15.31
N MET C 550 -6.50 -5.90 -15.31
CA MET C 550 -6.85 -6.69 -14.14
C MET C 550 -5.79 -7.76 -13.88
N LEU C 551 -5.38 -8.45 -14.94
CA LEU C 551 -4.32 -9.44 -14.84
C LEU C 551 -3.05 -8.81 -14.32
N ILE C 552 -2.72 -7.63 -14.83
CA ILE C 552 -1.47 -6.98 -14.44
C ILE C 552 -1.53 -6.54 -13.00
N ALA C 553 -2.70 -6.10 -12.52
CA ALA C 553 -2.83 -5.77 -11.12
C ALA C 553 -2.61 -6.99 -10.24
N LEU C 554 -3.16 -8.14 -10.65
CA LEU C 554 -2.98 -9.33 -9.82
C LEU C 554 -1.52 -9.79 -9.82
N MET C 555 -0.87 -9.75 -10.97
CA MET C 555 0.55 -10.10 -10.99
C MET C 555 1.37 -9.10 -10.18
N GLY C 556 0.99 -7.83 -10.18
CA GLY C 556 1.65 -6.87 -9.33
C GLY C 556 1.50 -7.20 -7.86
N GLU C 557 0.31 -7.68 -7.47
CA GLU C 557 0.10 -8.11 -6.11
C GLU C 557 1.01 -9.27 -5.76
N THR C 558 1.08 -10.28 -6.63
CA THR C 558 1.91 -11.44 -6.35
C THR C 558 3.38 -11.07 -6.30
N VAL C 559 3.82 -10.19 -7.20
CA VAL C 559 5.22 -9.78 -7.23
C VAL C 559 5.59 -9.03 -5.96
N ASN C 560 4.79 -8.05 -5.57
CA ASN C 560 5.11 -7.27 -4.39
C ASN C 560 4.83 -8.00 -3.10
N LYS C 561 4.08 -9.09 -3.13
CA LYS C 561 3.77 -9.81 -1.90
C LYS C 561 4.93 -10.66 -1.42
N ILE C 562 5.74 -11.18 -2.34
CA ILE C 562 6.87 -12.05 -1.99
C ILE C 562 8.21 -11.37 -2.16
N ALA C 563 8.25 -10.09 -2.49
CA ALA C 563 9.55 -9.42 -2.58
C ALA C 563 10.23 -9.38 -1.22
N GLN C 564 9.47 -9.11 -0.15
CA GLN C 564 10.03 -9.08 1.19
C GLN C 564 10.20 -10.47 1.80
N GLU C 565 9.55 -11.50 1.25
CA GLU C 565 9.71 -12.87 1.72
C GLU C 565 10.95 -13.55 1.17
N SER C 566 11.81 -12.83 0.44
CA SER C 566 12.98 -13.43 -0.17
C SER C 566 13.95 -14.00 0.87
N LYS C 567 14.08 -13.33 2.03
CA LYS C 567 15.05 -13.76 3.03
C LYS C 567 14.79 -15.16 3.53
N ASN C 568 13.53 -15.61 3.51
CA ASN C 568 13.18 -16.93 3.96
C ASN C 568 13.22 -17.97 2.86
N ILE C 569 12.72 -17.60 1.68
CA ILE C 569 12.66 -18.52 0.56
C ILE C 569 14.07 -18.89 0.13
N TRP C 570 14.99 -17.93 0.22
CA TRP C 570 16.40 -18.22 0.03
C TRP C 570 16.89 -19.34 0.93
N LYS C 571 16.56 -19.27 2.22
CA LYS C 571 17.01 -20.29 3.16
C LYS C 571 16.41 -21.64 2.83
N LEU C 572 15.15 -21.66 2.42
CA LEU C 572 14.52 -22.93 2.11
C LEU C 572 15.15 -23.58 0.88
N GLN C 573 15.43 -22.77 -0.14
CA GLN C 573 16.11 -23.29 -1.32
C GLN C 573 17.49 -23.81 -0.96
N ARG C 574 18.19 -23.09 -0.08
CA ARG C 574 19.50 -23.52 0.40
C ARG C 574 19.40 -24.87 1.08
N ALA C 575 18.37 -25.07 1.90
CA ALA C 575 18.20 -26.33 2.61
C ALA C 575 17.98 -27.49 1.66
N ILE C 576 17.04 -27.32 0.71
CA ILE C 576 16.72 -28.42 -0.18
C ILE C 576 17.90 -28.72 -1.08
N THR C 577 18.63 -27.69 -1.53
CA THR C 577 19.82 -27.90 -2.34
C THR C 577 20.87 -28.72 -1.59
N ILE C 578 21.10 -28.37 -0.32
CA ILE C 578 22.10 -29.06 0.47
C ILE C 578 21.72 -30.51 0.66
N LEU C 579 20.45 -30.76 0.97
CA LEU C 579 20.02 -32.14 1.20
C LEU C 579 20.13 -32.97 -0.06
N ASP C 580 19.76 -32.42 -1.22
CA ASP C 580 19.90 -33.17 -2.46
C ASP C 580 21.35 -33.48 -2.76
N THR C 581 22.23 -32.49 -2.58
CA THR C 581 23.64 -32.67 -2.87
C THR C 581 24.25 -33.73 -1.97
N GLU C 582 23.91 -33.71 -0.69
CA GLU C 582 24.39 -34.74 0.21
C GLU C 582 23.78 -36.09 -0.14
N LYS C 583 22.53 -36.11 -0.56
CA LYS C 583 21.84 -37.36 -0.80
C LYS C 583 22.45 -38.12 -1.95
N SER C 584 22.67 -37.46 -3.09
CA SER C 584 23.14 -38.22 -4.23
C SER C 584 24.65 -38.45 -4.15
N PHE C 585 25.43 -37.41 -4.44
CA PHE C 585 26.88 -37.32 -4.23
C PHE C 585 27.77 -38.27 -5.02
N LEU C 586 27.23 -39.37 -5.58
CA LEU C 586 27.81 -40.15 -6.67
C LEU C 586 29.27 -40.57 -6.43
N LYS C 587 29.66 -40.75 -5.17
CA LYS C 587 30.99 -41.26 -4.82
C LYS C 587 30.98 -42.25 -3.65
N CYS C 588 29.82 -42.55 -3.05
CA CYS C 588 29.65 -43.48 -1.94
C CYS C 588 30.22 -43.00 -0.61
N MET C 589 30.81 -41.80 -0.55
CA MET C 589 31.36 -41.27 0.68
C MET C 589 30.32 -40.36 1.34
N ARG C 590 30.09 -40.59 2.62
CA ARG C 590 29.10 -39.85 3.41
C ARG C 590 29.76 -39.28 4.66
N LYS C 591 30.95 -38.70 4.49
CA LYS C 591 31.63 -37.97 5.55
C LYS C 591 30.99 -36.58 5.66
N ALA C 592 29.78 -36.57 6.23
CA ALA C 592 28.97 -35.39 6.42
C ALA C 592 28.76 -35.04 7.89
N PHE C 593 29.58 -35.58 8.79
CA PHE C 593 29.50 -35.17 10.19
C PHE C 593 30.06 -33.76 10.33
N ARG C 594 29.65 -33.09 11.40
CA ARG C 594 29.93 -31.68 11.60
C ARG C 594 31.06 -31.42 12.58
N SER C 595 30.98 -32.00 13.77
CA SER C 595 31.94 -31.73 14.84
C SER C 595 32.33 -33.07 15.45
N GLY C 596 33.11 -33.01 16.51
CA GLY C 596 33.69 -34.20 17.05
C GLY C 596 32.66 -35.10 17.69
N LYS C 597 33.04 -36.37 17.82
CA LYS C 597 32.23 -37.35 18.52
C LYS C 597 32.54 -37.19 20.00
N LEU C 598 31.95 -36.15 20.59
CA LEU C 598 32.28 -35.69 21.93
C LEU C 598 31.37 -36.36 22.95
N LEU C 599 31.86 -36.44 24.18
CA LEU C 599 31.07 -36.89 25.33
C LEU C 599 30.57 -35.67 26.09
N GLN C 600 29.30 -35.72 26.50
CA GLN C 600 28.66 -34.63 27.23
C GLN C 600 28.65 -34.89 28.73
N VAL C 601 27.93 -35.93 29.16
CA VAL C 601 27.67 -36.18 30.57
C VAL C 601 28.66 -37.19 31.15
N GLY C 602 28.79 -38.33 30.49
CA GLY C 602 29.64 -39.39 31.00
C GLY C 602 29.02 -40.26 32.06
N PHE C 603 27.82 -39.91 32.55
CA PHE C 603 27.17 -40.63 33.63
C PHE C 603 25.73 -40.91 33.17
N THR C 604 25.57 -42.01 32.45
CA THR C 604 24.25 -42.48 32.06
C THR C 604 23.57 -43.09 33.28
N PRO C 605 22.29 -43.43 33.18
CA PRO C 605 21.67 -44.23 34.25
C PRO C 605 22.37 -45.56 34.48
N ASP C 606 23.00 -46.12 33.46
CA ASP C 606 23.90 -47.26 33.58
C ASP C 606 25.33 -46.72 33.58
N GLY C 607 26.31 -47.63 33.64
CA GLY C 607 27.70 -47.23 33.73
C GLY C 607 28.34 -46.79 32.44
N LYS C 608 27.59 -46.69 31.36
CA LYS C 608 28.12 -46.27 30.08
C LYS C 608 28.29 -44.75 30.05
N ASP C 609 28.91 -44.28 28.97
CA ASP C 609 29.06 -42.86 28.68
C ASP C 609 28.74 -42.63 27.21
N ASP C 610 27.86 -41.65 26.94
CA ASP C 610 27.25 -41.50 25.63
C ASP C 610 27.95 -40.43 24.82
N TYR C 611 28.54 -40.85 23.71
CA TYR C 611 29.16 -39.96 22.73
C TYR C 611 28.15 -39.75 21.60
N ARG C 612 27.80 -38.48 21.33
CA ARG C 612 26.62 -38.15 20.54
C ARG C 612 26.86 -37.20 19.36
N TRP C 613 28.10 -36.97 18.96
CA TRP C 613 28.39 -36.13 17.78
C TRP C 613 27.84 -34.72 17.94
N CYS C 614 28.17 -34.09 19.05
CA CYS C 614 27.60 -32.78 19.34
C CYS C 614 28.32 -31.69 18.54
N PHE C 615 27.61 -30.60 18.31
CA PHE C 615 28.02 -29.52 17.43
C PHE C 615 28.10 -28.21 18.19
N ARG C 616 29.21 -27.50 18.05
CA ARG C 616 29.48 -26.30 18.84
C ARG C 616 28.93 -25.07 18.14
N VAL C 617 28.33 -24.19 18.92
CA VAL C 617 27.79 -22.92 18.44
C VAL C 617 28.14 -21.84 19.46
N ASP C 618 28.61 -20.70 18.98
CA ASP C 618 28.81 -19.50 19.80
C ASP C 618 27.78 -18.47 19.38
N GLU C 619 27.07 -17.90 20.35
CA GLU C 619 26.00 -16.95 20.11
C GLU C 619 26.20 -15.70 20.95
N VAL C 620 25.71 -14.59 20.40
CA VAL C 620 25.90 -13.26 20.96
C VAL C 620 24.52 -12.70 21.28
N ASN C 621 24.39 -12.08 22.46
CA ASN C 621 23.13 -11.51 22.91
C ASN C 621 23.46 -10.33 23.80
N TRP C 622 23.01 -9.13 23.42
CA TRP C 622 23.40 -7.89 24.06
C TRP C 622 22.43 -7.46 25.17
N THR C 623 21.62 -8.39 25.67
CA THR C 623 20.60 -8.03 26.64
C THR C 623 21.24 -7.65 27.98
N THR C 624 20.73 -6.56 28.57
CA THR C 624 21.15 -6.09 29.89
C THR C 624 22.64 -5.78 29.94
N SER D 89 -51.61 17.07 26.10
CA SER D 89 -50.52 16.63 25.22
C SER D 89 -50.15 17.73 24.24
N TYR D 90 -49.13 17.46 23.42
CA TYR D 90 -48.84 18.29 22.27
C TYR D 90 -49.75 17.92 21.12
N THR D 91 -50.27 18.94 20.43
CA THR D 91 -51.16 18.77 19.30
C THR D 91 -50.58 19.32 17.99
N ASP D 92 -49.28 19.61 17.95
CA ASP D 92 -48.67 20.12 16.73
C ASP D 92 -48.40 18.97 15.78
N SER D 93 -47.77 19.27 14.64
CA SER D 93 -47.40 18.24 13.69
C SER D 93 -46.13 17.50 14.08
N TYR D 94 -45.38 17.97 15.07
CA TYR D 94 -44.03 17.50 15.36
C TYR D 94 -43.93 16.69 16.62
N TYR D 95 -44.63 17.08 17.69
CA TYR D 95 -44.61 16.42 18.98
C TYR D 95 -45.93 15.71 19.30
N LYS D 96 -46.74 15.41 18.29
CA LYS D 96 -48.11 14.95 18.50
C LYS D 96 -48.19 13.70 19.35
N GLY D 97 -49.04 13.76 20.37
CA GLY D 97 -49.25 12.65 21.28
C GLY D 97 -48.32 12.63 22.48
N GLN D 98 -47.30 13.47 22.53
CA GLN D 98 -46.43 13.49 23.69
C GLN D 98 -47.19 14.07 24.88
N THR D 99 -47.14 13.36 26.00
CA THR D 99 -47.79 13.76 27.24
C THR D 99 -46.76 13.70 28.37
N ALA D 100 -47.24 13.98 29.59
CA ALA D 100 -46.33 14.11 30.73
C ALA D 100 -45.60 12.80 31.03
N LEU D 101 -46.25 11.66 30.77
CA LEU D 101 -45.64 10.37 31.08
C LEU D 101 -44.40 10.14 30.23
N HIS D 102 -44.48 10.45 28.94
CA HIS D 102 -43.31 10.34 28.06
C HIS D 102 -42.19 11.24 28.55
N ILE D 103 -42.52 12.44 29.01
CA ILE D 103 -41.51 13.38 29.46
C ILE D 103 -40.83 12.85 30.72
N ALA D 104 -41.62 12.32 31.65
CA ALA D 104 -41.06 11.78 32.89
C ALA D 104 -40.14 10.61 32.61
N ILE D 105 -40.54 9.71 31.70
CA ILE D 105 -39.68 8.58 31.38
C ILE D 105 -38.41 9.06 30.69
N GLU D 106 -38.56 10.00 29.76
CA GLU D 106 -37.41 10.56 29.05
C GLU D 106 -36.46 11.26 30.01
N ARG D 107 -37.02 11.94 31.02
CA ARG D 107 -36.19 12.59 32.03
C ARG D 107 -35.58 11.62 33.04
N ARG D 108 -35.95 10.33 33.01
CA ARG D 108 -35.47 9.34 33.96
C ARG D 108 -35.84 9.72 35.40
N ASN D 109 -37.11 10.09 35.59
CA ASN D 109 -37.67 10.39 36.91
C ASN D 109 -38.68 9.29 37.23
N MET D 110 -38.25 8.30 38.01
CA MET D 110 -39.14 7.21 38.39
C MET D 110 -40.30 7.72 39.23
N THR D 111 -40.06 8.72 40.09
CA THR D 111 -41.10 9.23 40.97
C THR D 111 -42.25 9.85 40.19
N LEU D 112 -41.92 10.67 39.18
CA LEU D 112 -42.94 11.31 38.38
C LEU D 112 -43.73 10.28 37.59
N VAL D 113 -43.06 9.24 37.09
CA VAL D 113 -43.74 8.17 36.38
C VAL D 113 -44.73 7.48 37.32
N THR D 114 -44.28 7.16 38.53
CA THR D 114 -45.13 6.46 39.49
C THR D 114 -46.34 7.32 39.84
N LEU D 115 -46.13 8.60 40.09
CA LEU D 115 -47.23 9.47 40.46
C LEU D 115 -48.20 9.66 39.30
N LEU D 116 -47.69 9.86 38.09
CA LEU D 116 -48.56 10.06 36.94
C LEU D 116 -49.39 8.82 36.63
N VAL D 117 -48.78 7.65 36.72
CA VAL D 117 -49.52 6.41 36.53
C VAL D 117 -50.56 6.25 37.63
N GLU D 118 -50.19 6.58 38.87
CA GLU D 118 -51.14 6.51 39.97
C GLU D 118 -52.32 7.47 39.78
N ASN D 119 -52.10 8.58 39.08
CA ASN D 119 -53.13 9.59 38.89
C ASN D 119 -54.00 9.36 37.65
N GLY D 120 -53.89 8.20 37.01
CA GLY D 120 -54.74 7.88 35.88
C GLY D 120 -54.20 8.23 34.51
N ALA D 121 -52.89 8.40 34.37
CA ALA D 121 -52.28 8.61 33.06
C ALA D 121 -52.51 7.38 32.18
N ASP D 122 -52.53 7.60 30.87
CA ASP D 122 -52.68 6.52 29.89
C ASP D 122 -51.30 6.00 29.52
N VAL D 123 -50.98 4.78 29.95
CA VAL D 123 -49.66 4.20 29.71
C VAL D 123 -49.52 3.56 28.33
N GLN D 124 -50.58 3.58 27.51
CA GLN D 124 -50.56 2.99 26.16
C GLN D 124 -50.88 4.02 25.09
N ALA D 125 -50.62 5.29 25.35
CA ALA D 125 -50.84 6.33 24.35
C ALA D 125 -49.71 6.34 23.34
N ALA D 126 -50.04 6.78 22.12
CA ALA D 126 -49.13 6.78 20.98
C ALA D 126 -48.64 8.21 20.72
N ALA D 127 -47.33 8.39 20.74
CA ALA D 127 -46.69 9.66 20.38
C ALA D 127 -46.28 9.58 18.92
N ASN D 128 -47.11 10.16 18.05
CA ASN D 128 -47.00 10.00 16.60
C ASN D 128 -46.66 11.33 15.90
N GLY D 129 -45.85 12.16 16.55
CA GLY D 129 -45.36 13.36 15.90
C GLY D 129 -44.25 13.06 14.91
N ASP D 130 -44.02 14.03 14.02
CA ASP D 130 -42.95 13.87 13.03
C ASP D 130 -41.58 13.78 13.70
N PHE D 131 -41.42 14.45 14.84
CA PHE D 131 -40.18 14.31 15.59
C PHE D 131 -39.99 12.89 16.12
N PHE D 132 -41.08 12.19 16.42
CA PHE D 132 -41.04 10.90 17.10
C PHE D 132 -41.22 9.71 16.16
N LYS D 133 -41.31 9.92 14.85
CA LYS D 133 -41.51 8.86 13.89
C LYS D 133 -40.21 8.52 13.17
N LYS D 134 -40.16 7.32 12.61
CA LYS D 134 -39.05 6.95 11.75
C LYS D 134 -39.06 7.87 10.53
N THR D 135 -37.90 8.42 10.21
CA THR D 135 -37.82 9.38 9.11
C THR D 135 -36.37 9.45 8.63
N LYS D 136 -36.20 9.95 7.41
CA LYS D 136 -34.89 10.12 6.78
C LYS D 136 -34.44 11.56 6.69
N GLY D 137 -35.33 12.48 6.28
CA GLY D 137 -34.97 13.85 5.99
C GLY D 137 -35.22 14.83 7.11
N ARG D 138 -35.12 14.36 8.36
CA ARG D 138 -35.29 15.23 9.52
C ARG D 138 -34.73 14.50 10.75
N PRO D 139 -34.05 15.18 11.68
CA PRO D 139 -33.65 14.50 12.91
C PRO D 139 -34.87 14.15 13.74
N GLY D 140 -34.71 13.15 14.58
CA GLY D 140 -35.79 12.75 15.46
C GLY D 140 -35.33 11.64 16.37
N PHE D 141 -36.24 11.23 17.24
CA PHE D 141 -36.03 10.14 18.18
C PHE D 141 -37.23 9.22 17.98
N TYR D 142 -37.09 8.25 17.09
CA TYR D 142 -38.07 7.18 16.97
C TYR D 142 -37.78 6.14 18.04
N PHE D 143 -38.82 5.80 18.80
CA PHE D 143 -38.73 4.82 19.87
C PHE D 143 -39.91 3.84 19.87
N GLY D 144 -40.87 3.97 18.96
CA GLY D 144 -42.08 3.17 18.95
C GLY D 144 -43.30 3.86 19.52
N GLU D 145 -43.19 5.15 19.88
CA GLU D 145 -44.32 6.03 20.15
C GLU D 145 -45.04 5.76 21.47
N LEU D 146 -44.64 4.70 22.24
CA LEU D 146 -45.34 4.27 23.44
C LEU D 146 -44.48 4.48 24.69
N PRO D 147 -45.06 4.71 25.87
CA PRO D 147 -44.22 4.83 27.08
C PRO D 147 -43.42 3.59 27.40
N LEU D 148 -43.99 2.39 27.17
CA LEU D 148 -43.27 1.17 27.48
C LEU D 148 -42.05 1.03 26.60
N SER D 149 -42.21 1.25 25.29
CA SER D 149 -41.07 1.24 24.39
C SER D 149 -40.13 2.40 24.66
N LEU D 150 -40.63 3.52 25.16
CA LEU D 150 -39.75 4.63 25.50
C LEU D 150 -38.81 4.24 26.63
N ALA D 151 -39.34 3.59 27.66
CA ALA D 151 -38.49 3.11 28.74
C ALA D 151 -37.55 2.03 28.21
N ALA D 152 -38.04 1.16 27.33
CA ALA D 152 -37.24 0.05 26.85
C ALA D 152 -36.05 0.54 26.03
N CYS D 153 -36.28 1.51 25.14
CA CYS D 153 -35.19 2.05 24.34
C CYS D 153 -34.16 2.77 25.19
N THR D 154 -34.59 3.38 26.29
CA THR D 154 -33.74 4.21 27.12
C THR D 154 -33.04 3.44 28.25
N ASN D 155 -33.21 2.11 28.32
CA ASN D 155 -32.55 1.28 29.32
C ASN D 155 -32.98 1.65 30.73
N GLN D 156 -34.28 1.53 30.99
CA GLN D 156 -34.86 1.75 32.31
C GLN D 156 -35.72 0.53 32.65
N LEU D 157 -35.07 -0.49 33.23
CA LEU D 157 -35.75 -1.75 33.49
C LEU D 157 -36.87 -1.60 34.53
N ALA D 158 -36.63 -0.75 35.53
CA ALA D 158 -37.61 -0.58 36.60
C ALA D 158 -38.92 -0.02 36.06
N ILE D 159 -38.83 0.89 35.09
CA ILE D 159 -40.04 1.53 34.58
C ILE D 159 -40.88 0.53 33.81
N VAL D 160 -40.25 -0.28 32.95
CA VAL D 160 -41.02 -1.25 32.19
C VAL D 160 -41.61 -2.30 33.13
N LYS D 161 -40.86 -2.68 34.17
CA LYS D 161 -41.40 -3.61 35.15
C LYS D 161 -42.61 -3.03 35.85
N PHE D 162 -42.53 -1.75 36.23
CA PHE D 162 -43.66 -1.10 36.87
C PHE D 162 -44.85 -1.02 35.93
N LEU D 163 -44.61 -0.56 34.71
CA LEU D 163 -45.71 -0.31 33.77
C LEU D 163 -46.46 -1.59 33.44
N LEU D 164 -45.73 -2.69 33.28
CA LEU D 164 -46.42 -3.95 33.05
C LEU D 164 -47.11 -4.47 34.31
N GLN D 165 -46.44 -4.35 35.46
CA GLN D 165 -46.86 -5.08 36.66
C GLN D 165 -47.72 -4.27 37.61
N ASN D 166 -47.84 -2.96 37.44
CA ASN D 166 -48.65 -2.16 38.35
C ASN D 166 -50.13 -2.47 38.19
N SER D 167 -50.86 -2.40 39.29
CA SER D 167 -52.31 -2.58 39.28
C SER D 167 -53.07 -1.29 39.00
N TRP D 168 -52.41 -0.14 39.09
CA TRP D 168 -53.09 1.13 38.80
C TRP D 168 -53.53 1.19 37.34
N GLN D 169 -52.61 0.94 36.43
CA GLN D 169 -52.90 0.93 35.00
C GLN D 169 -51.85 0.07 34.30
N PRO D 170 -52.08 -1.23 34.09
CA PRO D 170 -51.04 -2.03 33.42
C PRO D 170 -50.94 -1.70 31.95
N ALA D 171 -49.73 -1.91 31.42
CA ALA D 171 -49.46 -1.72 30.01
C ALA D 171 -49.67 -3.03 29.24
N ASP D 172 -49.95 -2.89 27.95
CA ASP D 172 -50.12 -4.04 27.06
C ASP D 172 -48.78 -4.32 26.40
N ILE D 173 -48.17 -5.44 26.79
CA ILE D 173 -46.85 -5.78 26.28
C ILE D 173 -46.87 -6.07 24.79
N SER D 174 -48.03 -6.39 24.21
CA SER D 174 -48.18 -6.65 22.79
C SER D 174 -48.77 -5.46 22.03
N ALA D 175 -48.76 -4.26 22.60
CA ALA D 175 -49.27 -3.09 21.90
C ALA D 175 -48.44 -2.79 20.66
N ARG D 176 -49.11 -2.28 19.62
CA ARG D 176 -48.51 -2.00 18.33
C ARG D 176 -48.68 -0.53 17.97
N ASP D 177 -47.62 0.07 17.44
CA ASP D 177 -47.63 1.48 17.06
C ASP D 177 -48.28 1.63 15.70
N SER D 178 -48.23 2.86 15.15
CA SER D 178 -48.75 3.12 13.81
C SER D 178 -48.01 2.32 12.75
N VAL D 179 -46.71 2.09 12.92
CA VAL D 179 -45.95 1.23 12.02
C VAL D 179 -46.19 -0.25 12.30
N GLY D 180 -46.89 -0.58 13.37
CA GLY D 180 -47.08 -1.96 13.78
C GLY D 180 -45.95 -2.52 14.62
N ASN D 181 -44.90 -1.75 14.85
CA ASN D 181 -43.81 -2.18 15.71
C ASN D 181 -44.28 -2.32 17.14
N THR D 182 -43.82 -3.38 17.80
CA THR D 182 -44.00 -3.58 19.23
C THR D 182 -42.75 -3.11 19.95
N VAL D 183 -42.67 -3.40 21.24
CA VAL D 183 -41.48 -3.05 22.01
C VAL D 183 -40.25 -3.75 21.45
N LEU D 184 -40.40 -5.01 21.04
CA LEU D 184 -39.27 -5.74 20.49
C LEU D 184 -38.81 -5.15 19.16
N HIS D 185 -39.77 -4.76 18.32
CA HIS D 185 -39.40 -4.11 17.06
C HIS D 185 -38.71 -2.78 17.34
N ALA D 186 -39.20 -2.04 18.33
CA ALA D 186 -38.53 -0.79 18.71
C ALA D 186 -37.12 -1.04 19.21
N LEU D 187 -36.95 -2.09 20.02
CA LEU D 187 -35.63 -2.40 20.56
C LEU D 187 -34.67 -2.78 19.45
N VAL D 188 -35.14 -3.56 18.47
CA VAL D 188 -34.30 -3.91 17.34
C VAL D 188 -33.96 -2.67 16.54
N GLU D 189 -34.93 -1.76 16.38
CA GLU D 189 -34.75 -0.59 15.54
C GLU D 189 -33.64 0.31 16.07
N VAL D 190 -33.59 0.53 17.38
CA VAL D 190 -32.62 1.47 17.96
C VAL D 190 -31.24 0.87 18.14
N ALA D 191 -31.00 -0.36 17.70
CA ALA D 191 -29.66 -0.92 17.76
C ALA D 191 -28.78 -0.29 16.69
N ASP D 192 -27.47 -0.34 16.90
CA ASP D 192 -26.51 0.14 15.91
C ASP D 192 -25.21 -0.66 15.88
N ASN D 193 -25.17 -1.86 16.45
CA ASN D 193 -24.02 -2.76 16.34
C ASN D 193 -22.76 -2.20 16.99
N THR D 194 -22.91 -1.54 18.14
CA THR D 194 -21.80 -1.18 19.00
C THR D 194 -21.87 -1.95 20.31
N VAL D 195 -20.78 -1.88 21.08
CA VAL D 195 -20.61 -2.77 22.22
C VAL D 195 -21.63 -2.47 23.30
N ASP D 196 -21.70 -1.21 23.74
CA ASP D 196 -22.61 -0.88 24.82
C ASP D 196 -24.05 -0.97 24.35
N ASN D 197 -24.30 -0.55 23.11
CA ASN D 197 -25.62 -0.70 22.51
C ASN D 197 -26.03 -2.17 22.47
N THR D 198 -25.12 -3.03 22.01
CA THR D 198 -25.42 -4.46 21.96
C THR D 198 -25.74 -5.00 23.34
N LYS D 199 -24.93 -4.60 24.34
CA LYS D 199 -25.11 -5.09 25.70
C LYS D 199 -26.48 -4.72 26.25
N PHE D 200 -26.81 -3.43 26.25
CA PHE D 200 -28.05 -3.06 26.93
C PHE D 200 -29.27 -3.41 26.10
N VAL D 201 -29.18 -3.36 24.76
CA VAL D 201 -30.33 -3.74 23.96
C VAL D 201 -30.61 -5.22 24.11
N THR D 202 -29.56 -6.04 24.11
CA THR D 202 -29.72 -7.47 24.34
C THR D 202 -30.33 -7.75 25.70
N SER D 203 -29.82 -7.06 26.73
CA SER D 203 -30.32 -7.26 28.08
C SER D 203 -31.80 -6.90 28.19
N MET D 204 -32.17 -5.73 27.67
CA MET D 204 -33.56 -5.29 27.76
C MET D 204 -34.47 -6.21 26.97
N TYR D 205 -34.01 -6.67 25.81
CA TYR D 205 -34.79 -7.61 25.00
C TYR D 205 -35.06 -8.88 25.80
N ASN D 206 -34.02 -9.41 26.44
CA ASN D 206 -34.18 -10.62 27.25
C ASN D 206 -35.16 -10.39 28.39
N GLU D 207 -35.05 -9.25 29.06
CA GLU D 207 -35.91 -8.99 30.21
C GLU D 207 -37.36 -8.84 29.78
N ILE D 208 -37.60 -8.17 28.66
CA ILE D 208 -38.96 -8.03 28.15
C ILE D 208 -39.53 -9.40 27.84
N LEU D 209 -38.72 -10.28 27.23
CA LEU D 209 -39.24 -11.60 26.89
C LEU D 209 -39.58 -12.40 28.14
N ILE D 210 -38.73 -12.33 29.17
CA ILE D 210 -38.99 -13.08 30.38
C ILE D 210 -40.26 -12.56 31.06
N LEU D 211 -40.42 -11.23 31.13
CA LEU D 211 -41.61 -10.66 31.74
C LEU D 211 -42.86 -11.05 30.97
N GLY D 212 -42.77 -11.07 29.63
CA GLY D 212 -43.92 -11.48 28.84
C GLY D 212 -44.31 -12.92 29.09
N ALA D 213 -43.31 -13.81 29.16
CA ALA D 213 -43.61 -15.22 29.39
C ALA D 213 -44.21 -15.45 30.76
N LYS D 214 -43.67 -14.79 31.78
CA LYS D 214 -44.19 -15.02 33.13
C LYS D 214 -45.59 -14.42 33.28
N LEU D 215 -45.79 -13.21 32.76
CA LEU D 215 -47.07 -12.54 32.91
C LEU D 215 -48.12 -13.10 31.96
N HIS D 216 -47.71 -13.48 30.75
CA HIS D 216 -48.63 -13.93 29.70
C HIS D 216 -48.04 -15.16 29.04
N PRO D 217 -48.13 -16.33 29.69
CA PRO D 217 -47.50 -17.54 29.13
C PRO D 217 -48.06 -17.98 27.79
N THR D 218 -49.28 -17.60 27.43
CA THR D 218 -49.86 -17.95 26.15
C THR D 218 -49.55 -16.94 25.05
N LEU D 219 -48.79 -15.89 25.35
CA LEU D 219 -48.46 -14.84 24.40
C LEU D 219 -47.08 -15.09 23.83
N LYS D 220 -46.97 -15.00 22.50
CA LYS D 220 -45.70 -15.14 21.78
C LYS D 220 -45.44 -13.84 21.05
N LEU D 221 -44.64 -12.97 21.66
CA LEU D 221 -44.37 -11.67 21.08
C LEU D 221 -43.57 -11.77 19.80
N GLU D 222 -42.62 -12.70 19.72
CA GLU D 222 -41.77 -12.78 18.55
C GLU D 222 -42.51 -13.20 17.29
N GLU D 223 -43.72 -13.75 17.41
CA GLU D 223 -44.54 -14.05 16.27
C GLU D 223 -45.28 -12.83 15.71
N ILE D 224 -45.26 -11.71 16.41
CA ILE D 224 -46.01 -10.54 15.98
C ILE D 224 -45.25 -9.86 14.85
N THR D 225 -45.94 -9.59 13.74
CA THR D 225 -45.37 -8.94 12.57
C THR D 225 -45.84 -7.49 12.50
N ASN D 226 -44.95 -6.63 12.03
CA ASN D 226 -45.25 -5.21 11.90
C ASN D 226 -45.97 -4.98 10.57
N ARG D 227 -46.20 -3.70 10.23
CA ARG D 227 -46.95 -3.36 9.03
C ARG D 227 -46.23 -3.82 7.77
N LYS D 228 -44.91 -3.91 7.81
CA LYS D 228 -44.16 -4.49 6.70
C LYS D 228 -44.14 -6.01 6.73
N GLY D 229 -44.85 -6.65 7.67
CA GLY D 229 -44.85 -8.10 7.72
C GLY D 229 -43.60 -8.70 8.31
N LEU D 230 -42.82 -7.94 9.08
CA LEU D 230 -41.55 -8.38 9.63
C LEU D 230 -41.69 -8.71 11.10
N THR D 231 -41.19 -9.88 11.48
CA THR D 231 -40.97 -10.19 12.88
C THR D 231 -39.70 -9.48 13.33
N PRO D 232 -39.46 -9.38 14.63
CA PRO D 232 -38.22 -8.75 15.10
C PRO D 232 -36.97 -9.41 14.57
N LEU D 233 -36.99 -10.73 14.38
CA LEU D 233 -35.86 -11.39 13.75
C LEU D 233 -35.73 -10.97 12.29
N ALA D 234 -36.85 -10.90 11.57
CA ALA D 234 -36.81 -10.44 10.19
C ALA D 234 -36.35 -9.00 10.11
N LEU D 235 -36.80 -8.16 11.04
CA LEU D 235 -36.37 -6.77 11.05
C LEU D 235 -34.87 -6.66 11.30
N ALA D 236 -34.36 -7.45 12.25
CA ALA D 236 -32.93 -7.42 12.54
C ALA D 236 -32.12 -7.89 11.35
N ALA D 237 -32.58 -8.94 10.66
CA ALA D 237 -31.90 -9.41 9.47
C ALA D 237 -31.93 -8.37 8.37
N SER D 238 -33.07 -7.68 8.22
CA SER D 238 -33.18 -6.67 7.18
C SER D 238 -32.24 -5.50 7.42
N SER D 239 -32.19 -5.00 8.65
CA SER D 239 -31.42 -3.79 8.91
C SER D 239 -29.93 -4.03 9.08
N GLY D 240 -29.48 -5.28 9.12
CA GLY D 240 -28.08 -5.56 9.35
C GLY D 240 -27.64 -5.49 10.78
N LYS D 241 -28.56 -5.67 11.73
CA LYS D 241 -28.20 -5.63 13.15
C LYS D 241 -27.50 -6.95 13.46
N ILE D 242 -26.19 -6.97 13.20
CA ILE D 242 -25.41 -8.20 13.34
C ILE D 242 -25.40 -8.66 14.79
N GLY D 243 -25.30 -7.73 15.74
CA GLY D 243 -25.23 -8.11 17.13
C GLY D 243 -26.52 -8.73 17.62
N VAL D 244 -27.65 -8.20 17.15
CA VAL D 244 -28.93 -8.73 17.59
C VAL D 244 -29.14 -10.12 17.03
N LEU D 245 -28.73 -10.38 15.79
CA LEU D 245 -28.79 -11.74 15.26
C LEU D 245 -27.89 -12.67 16.04
N ALA D 246 -26.67 -12.20 16.36
CA ALA D 246 -25.74 -13.03 17.13
C ALA D 246 -26.34 -13.40 18.47
N TYR D 247 -27.09 -12.49 19.07
CA TYR D 247 -27.81 -12.83 20.28
C TYR D 247 -28.94 -13.82 20.01
N ILE D 248 -29.82 -13.51 19.05
CA ILE D 248 -31.09 -14.21 18.95
C ILE D 248 -30.88 -15.64 18.49
N LEU D 249 -30.09 -15.85 17.45
CA LEU D 249 -29.94 -17.19 16.91
C LEU D 249 -29.24 -18.13 17.88
N GLN D 250 -28.45 -17.61 18.80
CA GLN D 250 -27.69 -18.39 19.77
C GLN D 250 -28.20 -18.15 21.18
N ARG D 251 -29.49 -17.87 21.31
CA ARG D 251 -30.06 -17.54 22.61
C ARG D 251 -30.29 -18.80 23.43
N GLU D 252 -29.84 -18.77 24.68
CA GLU D 252 -30.03 -19.87 25.62
C GLU D 252 -30.35 -19.29 26.99
N ILE D 253 -31.40 -19.81 27.62
CA ILE D 253 -31.88 -19.32 28.91
C ILE D 253 -31.72 -20.45 29.92
N HIS D 254 -30.88 -20.22 30.92
CA HIS D 254 -30.67 -21.16 32.03
C HIS D 254 -31.52 -20.74 33.23
N GLU D 255 -32.83 -20.88 33.07
CA GLU D 255 -33.79 -20.56 34.12
C GLU D 255 -34.98 -21.48 33.86
N PRO D 256 -35.59 -22.11 34.87
CA PRO D 256 -36.78 -22.91 34.61
C PRO D 256 -38.01 -22.02 34.40
N GLU D 257 -39.05 -22.63 33.83
CA GLU D 257 -40.34 -22.03 33.49
C GLU D 257 -40.28 -21.08 32.30
N CYS D 258 -39.11 -20.87 31.70
CA CYS D 258 -38.99 -20.04 30.50
C CYS D 258 -37.98 -20.62 29.51
N ARG D 259 -37.61 -21.89 29.64
CA ARG D 259 -36.66 -22.49 28.71
C ARG D 259 -37.24 -22.64 27.32
N HIS D 260 -38.58 -22.70 27.20
CA HIS D 260 -39.20 -22.81 25.88
C HIS D 260 -38.94 -21.59 25.01
N LEU D 261 -38.53 -20.46 25.59
CA LEU D 261 -38.12 -19.31 24.82
C LEU D 261 -36.74 -19.46 24.19
N SER D 262 -35.92 -20.38 24.66
CA SER D 262 -34.58 -20.51 24.11
C SER D 262 -34.64 -21.10 22.70
N ARG D 263 -33.70 -20.67 21.86
CA ARG D 263 -33.52 -21.20 20.52
C ARG D 263 -32.34 -22.12 20.39
N LYS D 264 -31.27 -21.85 21.13
CA LYS D 264 -30.14 -22.76 21.24
C LYS D 264 -30.38 -23.66 22.43
N PHE D 265 -30.08 -24.94 22.26
CA PHE D 265 -30.16 -25.93 23.33
C PHE D 265 -28.94 -26.82 23.26
N THR D 266 -28.24 -26.96 24.38
CA THR D 266 -26.98 -27.70 24.41
C THR D 266 -27.27 -29.16 24.75
N GLU D 267 -26.81 -30.07 23.90
CA GLU D 267 -27.00 -31.50 24.13
C GLU D 267 -25.86 -32.12 24.91
N TRP D 268 -24.61 -31.82 24.57
CA TRP D 268 -23.51 -32.33 25.39
C TRP D 268 -22.26 -31.52 25.11
N ALA D 269 -21.26 -31.74 25.96
CA ALA D 269 -19.98 -31.06 25.85
C ALA D 269 -18.86 -31.97 26.32
N TYR D 270 -17.75 -31.92 25.61
CA TYR D 270 -16.48 -32.53 25.97
C TYR D 270 -15.47 -31.39 26.08
N GLY D 271 -14.19 -31.73 26.22
CA GLY D 271 -13.13 -30.78 26.47
C GLY D 271 -13.09 -29.58 25.52
N PRO D 272 -12.79 -29.83 24.24
CA PRO D 272 -12.87 -28.76 23.24
C PRO D 272 -14.15 -28.76 22.40
N VAL D 273 -14.93 -29.84 22.41
CA VAL D 273 -16.02 -30.05 21.48
C VAL D 273 -17.33 -30.04 22.26
N HIS D 274 -18.38 -29.51 21.63
CA HIS D 274 -19.71 -29.62 22.20
C HIS D 274 -20.74 -29.58 21.09
N SER D 275 -21.87 -30.24 21.36
CA SER D 275 -22.97 -30.36 20.40
C SER D 275 -24.21 -29.75 20.99
N SER D 276 -24.88 -28.93 20.20
CA SER D 276 -26.11 -28.24 20.56
C SER D 276 -27.12 -28.42 19.46
N LEU D 277 -28.38 -28.15 19.80
CA LEU D 277 -29.48 -28.11 18.86
C LEU D 277 -29.96 -26.68 18.70
N TYR D 278 -30.16 -26.25 17.46
CA TYR D 278 -30.65 -24.92 17.13
C TYR D 278 -32.06 -25.03 16.57
N ASP D 279 -32.88 -24.05 16.93
CA ASP D 279 -34.31 -24.15 16.69
C ASP D 279 -34.65 -24.20 15.20
N LEU D 280 -33.99 -23.36 14.40
CA LEU D 280 -34.11 -23.37 12.94
C LEU D 280 -35.46 -22.89 12.41
N SER D 281 -36.42 -22.53 13.25
CA SER D 281 -37.69 -22.08 12.75
C SER D 281 -37.56 -20.70 12.12
N CYS D 282 -38.14 -20.53 10.94
CA CYS D 282 -38.11 -19.26 10.21
C CYS D 282 -36.69 -18.83 9.88
N ILE D 283 -35.79 -19.78 9.69
CA ILE D 283 -34.51 -19.55 9.02
C ILE D 283 -34.65 -19.78 7.53
N ASP D 284 -35.27 -20.91 7.17
CA ASP D 284 -35.41 -21.37 5.80
C ASP D 284 -36.83 -21.69 5.41
N THR D 285 -37.66 -22.17 6.32
CA THR D 285 -39.05 -22.55 6.06
C THR D 285 -39.92 -21.70 6.97
N CYS D 286 -40.48 -20.64 6.40
CA CYS D 286 -41.33 -19.68 7.11
C CYS D 286 -42.64 -19.38 6.41
N GLU D 287 -42.70 -19.46 5.08
CA GLU D 287 -43.83 -19.16 4.21
C GLU D 287 -44.16 -17.67 4.10
N LYS D 288 -43.55 -16.79 4.91
CA LYS D 288 -43.77 -15.35 4.80
C LYS D 288 -42.49 -14.61 4.42
N ASN D 289 -41.47 -14.65 5.26
CA ASN D 289 -40.22 -13.95 4.97
C ASN D 289 -39.15 -14.54 5.89
N SER D 290 -38.30 -15.40 5.34
CA SER D 290 -37.30 -16.10 6.14
C SER D 290 -36.06 -15.26 6.32
N VAL D 291 -35.18 -15.70 7.22
CA VAL D 291 -33.94 -14.96 7.45
C VAL D 291 -33.05 -15.00 6.22
N LEU D 292 -32.92 -16.18 5.61
CA LEU D 292 -32.02 -16.32 4.48
C LEU D 292 -32.51 -15.53 3.27
N GLU D 293 -33.83 -15.48 3.08
CA GLU D 293 -34.39 -14.63 2.03
C GLU D 293 -34.03 -13.18 2.25
N VAL D 294 -34.14 -12.71 3.49
CA VAL D 294 -33.91 -11.31 3.78
C VAL D 294 -32.44 -10.98 3.62
N ILE D 295 -31.55 -11.87 4.06
CA ILE D 295 -30.12 -11.60 3.91
C ILE D 295 -29.74 -11.62 2.44
N ALA D 296 -30.21 -12.63 1.70
CA ALA D 296 -29.77 -12.79 0.32
C ALA D 296 -30.32 -11.69 -0.57
N TYR D 297 -31.62 -11.43 -0.48
CA TYR D 297 -32.28 -10.49 -1.37
C TYR D 297 -32.30 -9.08 -0.81
N SER D 298 -31.38 -8.74 0.08
CA SER D 298 -31.26 -7.37 0.53
C SER D 298 -30.73 -6.50 -0.59
N SER D 299 -30.88 -5.19 -0.43
CA SER D 299 -30.61 -4.24 -1.50
C SER D 299 -29.15 -3.81 -1.58
N SER D 300 -28.23 -4.53 -0.94
CA SER D 300 -26.79 -4.28 -0.99
C SER D 300 -26.35 -3.05 -0.19
N GLU D 301 -27.27 -2.31 0.40
CA GLU D 301 -26.95 -1.17 1.25
C GLU D 301 -26.72 -1.57 2.70
N THR D 302 -27.14 -2.76 3.10
CA THR D 302 -27.00 -3.23 4.46
C THR D 302 -25.50 -3.35 4.80
N PRO D 303 -24.98 -2.66 5.83
CA PRO D 303 -23.53 -2.67 6.03
C PRO D 303 -22.92 -4.03 6.31
N ASN D 304 -23.64 -4.91 7.02
CA ASN D 304 -23.11 -6.18 7.48
C ASN D 304 -23.70 -7.36 6.70
N ARG D 305 -24.07 -7.12 5.44
CA ARG D 305 -24.68 -8.15 4.62
C ARG D 305 -23.80 -9.38 4.48
N HIS D 306 -22.49 -9.16 4.43
CA HIS D 306 -21.57 -10.28 4.32
C HIS D 306 -21.38 -11.02 5.62
N ASP D 307 -21.33 -10.31 6.75
CA ASP D 307 -21.00 -10.94 8.01
C ASP D 307 -22.17 -11.71 8.59
N MET D 308 -23.40 -11.35 8.21
CA MET D 308 -24.56 -12.05 8.75
C MET D 308 -24.57 -13.52 8.38
N LEU D 309 -24.00 -13.89 7.24
CA LEU D 309 -23.91 -15.29 6.88
C LEU D 309 -22.86 -16.05 7.67
N LEU D 310 -22.00 -15.36 8.40
CA LEU D 310 -21.01 -16.02 9.24
C LEU D 310 -21.56 -16.43 10.60
N VAL D 311 -22.76 -15.99 10.97
CA VAL D 311 -23.35 -16.44 12.22
C VAL D 311 -23.65 -17.92 12.11
N GLU D 312 -23.21 -18.68 13.09
CA GLU D 312 -22.88 -20.11 12.99
C GLU D 312 -23.98 -21.00 12.45
N PRO D 313 -25.23 -20.91 12.95
CA PRO D 313 -26.31 -21.74 12.38
C PRO D 313 -26.50 -21.55 10.90
N LEU D 314 -26.43 -20.30 10.41
CA LEU D 314 -26.60 -20.07 8.99
C LEU D 314 -25.43 -20.65 8.20
N ASN D 315 -24.21 -20.49 8.73
CA ASN D 315 -23.03 -20.98 8.03
C ASN D 315 -23.08 -22.50 7.86
N ARG D 316 -23.37 -23.22 8.95
CA ARG D 316 -23.44 -24.67 8.84
C ARG D 316 -24.65 -25.11 8.03
N LEU D 317 -25.77 -24.41 8.16
CA LEU D 317 -26.96 -24.78 7.41
C LEU D 317 -26.71 -24.67 5.93
N LEU D 318 -26.11 -23.57 5.48
CA LEU D 318 -25.84 -23.40 4.06
C LEU D 318 -24.80 -24.39 3.58
N GLN D 319 -23.79 -24.69 4.41
CA GLN D 319 -22.80 -25.67 4.00
C GLN D 319 -23.42 -27.04 3.80
N ASP D 320 -24.30 -27.45 4.71
CA ASP D 320 -24.95 -28.74 4.53
C ASP D 320 -25.90 -28.72 3.36
N LYS D 321 -26.61 -27.61 3.14
CA LYS D 321 -27.50 -27.53 1.99
C LYS D 321 -26.71 -27.65 0.70
N TRP D 322 -25.55 -27.02 0.65
CA TRP D 322 -24.68 -27.14 -0.51
C TRP D 322 -24.25 -28.58 -0.72
N ASP D 323 -23.71 -29.20 0.32
CA ASP D 323 -23.20 -30.56 0.17
C ASP D 323 -24.30 -31.58 -0.07
N ARG D 324 -25.53 -31.29 0.30
CA ARG D 324 -26.57 -32.32 0.27
C ARG D 324 -27.04 -32.55 -1.16
N PHE D 325 -27.67 -31.54 -1.76
CA PHE D 325 -28.31 -31.67 -3.07
C PHE D 325 -28.04 -30.52 -4.02
N VAL D 326 -27.70 -29.32 -3.53
CA VAL D 326 -27.61 -28.17 -4.42
C VAL D 326 -26.39 -28.28 -5.33
N LYS D 327 -25.29 -28.82 -4.81
CA LYS D 327 -24.05 -28.90 -5.57
C LYS D 327 -24.23 -29.67 -6.88
N ARG D 328 -24.88 -30.83 -6.80
CA ARG D 328 -25.10 -31.63 -7.99
C ARG D 328 -26.00 -30.91 -8.98
N ILE D 329 -27.05 -30.24 -8.47
CA ILE D 329 -27.98 -29.56 -9.37
C ILE D 329 -27.28 -28.41 -10.06
N PHE D 330 -26.44 -27.67 -9.34
CA PHE D 330 -25.70 -26.57 -9.93
C PHE D 330 -24.78 -27.06 -11.03
N TYR D 331 -24.05 -28.15 -10.78
CA TYR D 331 -23.16 -28.67 -11.81
C TYR D 331 -23.95 -29.16 -13.01
N PHE D 332 -25.10 -29.77 -12.76
CA PHE D 332 -25.94 -30.23 -13.86
C PHE D 332 -26.41 -29.06 -14.71
N ASN D 333 -26.83 -27.97 -14.08
CA ASN D 333 -27.27 -26.81 -14.84
C ASN D 333 -26.13 -26.20 -15.62
N PHE D 334 -24.94 -26.16 -15.03
CA PHE D 334 -23.80 -25.63 -15.75
C PHE D 334 -23.48 -26.46 -16.98
N PHE D 335 -23.52 -27.79 -16.83
CA PHE D 335 -23.29 -28.67 -17.97
C PHE D 335 -24.34 -28.48 -19.05
N VAL D 336 -25.60 -28.36 -18.66
CA VAL D 336 -26.66 -28.18 -19.64
C VAL D 336 -26.50 -26.87 -20.38
N TYR D 337 -26.13 -25.82 -19.66
CA TYR D 337 -25.89 -24.54 -20.32
C TYR D 337 -24.75 -24.64 -21.31
N CYS D 338 -23.70 -25.37 -20.95
CA CYS D 338 -22.60 -25.56 -21.89
C CYS D 338 -23.06 -26.27 -23.15
N LEU D 339 -23.90 -27.30 -23.00
CA LEU D 339 -24.42 -27.99 -24.18
C LEU D 339 -25.27 -27.05 -25.02
N TYR D 340 -26.08 -26.23 -24.37
CA TYR D 340 -26.91 -25.26 -25.08
C TYR D 340 -26.06 -24.32 -25.90
N MET D 341 -25.02 -23.78 -25.29
CA MET D 341 -24.17 -22.83 -25.99
C MET D 341 -23.44 -23.49 -27.14
N ILE D 342 -23.02 -24.74 -26.98
CA ILE D 342 -22.35 -25.44 -28.07
C ILE D 342 -23.30 -25.62 -29.25
N ILE D 343 -24.54 -26.01 -28.96
CA ILE D 343 -25.52 -26.20 -30.03
C ILE D 343 -25.81 -24.88 -30.72
N PHE D 344 -25.97 -23.81 -29.95
CA PHE D 344 -26.25 -22.51 -30.55
C PHE D 344 -25.09 -22.07 -31.42
N THR D 345 -23.86 -22.29 -30.96
CA THR D 345 -22.69 -21.91 -31.74
C THR D 345 -22.63 -22.66 -33.05
N ALA D 346 -22.83 -23.98 -33.00
CA ALA D 346 -22.77 -24.78 -34.21
C ALA D 346 -23.87 -24.38 -35.19
N ALA D 347 -25.07 -24.15 -34.69
CA ALA D 347 -26.18 -23.76 -35.56
C ALA D 347 -25.92 -22.41 -36.19
N ALA D 348 -25.40 -21.45 -35.43
CA ALA D 348 -25.16 -20.13 -35.99
C ALA D 348 -24.06 -20.16 -37.04
N TYR D 349 -23.02 -20.95 -36.81
CA TYR D 349 -21.89 -20.97 -37.75
C TYR D 349 -22.32 -21.46 -39.13
N TYR D 350 -23.15 -22.49 -39.18
CA TYR D 350 -23.55 -23.12 -40.43
C TYR D 350 -24.83 -22.53 -41.02
N ARG D 351 -25.09 -21.25 -40.79
CA ARG D 351 -26.27 -20.64 -41.38
C ARG D 351 -26.12 -20.60 -42.91
N PRO D 352 -27.21 -20.60 -43.65
CA PRO D 352 -27.07 -20.48 -45.11
C PRO D 352 -26.75 -19.05 -45.51
N VAL D 353 -26.16 -18.91 -46.68
CA VAL D 353 -25.71 -17.63 -47.21
C VAL D 353 -26.66 -17.07 -48.27
N GLU D 354 -27.78 -17.73 -48.53
CA GLU D 354 -28.75 -17.21 -49.49
C GLU D 354 -29.54 -16.07 -48.86
N GLY D 355 -30.10 -15.23 -49.72
CA GLY D 355 -30.85 -14.09 -49.26
C GLY D 355 -32.28 -14.44 -48.91
N LEU D 356 -32.95 -13.47 -48.30
CA LEU D 356 -34.39 -13.54 -48.06
C LEU D 356 -34.78 -14.74 -47.20
N PRO D 357 -34.56 -14.73 -45.89
CA PRO D 357 -35.10 -15.77 -45.04
C PRO D 357 -36.61 -15.70 -45.02
N PRO D 358 -37.30 -16.74 -44.54
CA PRO D 358 -36.83 -18.04 -44.04
C PRO D 358 -36.37 -18.94 -45.16
N TYR D 359 -35.60 -19.97 -44.83
CA TYR D 359 -35.02 -20.89 -45.80
C TYR D 359 -35.72 -22.24 -45.70
N LYS D 360 -36.05 -22.80 -46.85
CA LYS D 360 -36.79 -24.05 -46.89
C LYS D 360 -35.86 -25.22 -46.59
N LEU D 361 -36.41 -26.24 -45.96
CA LEU D 361 -35.66 -27.43 -45.60
C LEU D 361 -35.62 -28.40 -46.77
N LYS D 362 -34.45 -28.98 -46.99
CA LYS D 362 -34.23 -30.04 -47.98
C LYS D 362 -34.15 -31.36 -47.24
N ASN D 363 -34.46 -32.44 -47.96
CA ASN D 363 -34.43 -33.78 -47.37
C ASN D 363 -32.97 -34.26 -47.30
N THR D 364 -32.25 -33.66 -46.36
CA THR D 364 -30.85 -33.99 -46.14
C THR D 364 -30.53 -33.80 -44.67
N VAL D 365 -29.52 -34.54 -44.20
CA VAL D 365 -29.19 -34.59 -42.78
C VAL D 365 -28.79 -33.21 -42.25
N GLY D 366 -28.06 -32.46 -43.08
CA GLY D 366 -27.59 -31.14 -42.66
C GLY D 366 -28.74 -30.21 -42.30
N ASP D 367 -29.78 -30.19 -43.12
CA ASP D 367 -30.92 -29.33 -42.82
C ASP D 367 -31.63 -29.74 -41.55
N TYR D 368 -31.76 -31.05 -41.31
CA TYR D 368 -32.46 -31.50 -40.13
C TYR D 368 -31.69 -31.14 -38.86
N PHE D 369 -30.39 -31.38 -38.85
CA PHE D 369 -29.62 -31.02 -37.65
C PHE D 369 -29.56 -29.51 -37.48
N ARG D 370 -29.49 -28.77 -38.59
CA ARG D 370 -29.46 -27.31 -38.50
C ARG D 370 -30.73 -26.76 -37.90
N VAL D 371 -31.89 -27.20 -38.41
CA VAL D 371 -33.14 -26.66 -37.89
C VAL D 371 -33.38 -27.15 -36.48
N THR D 372 -32.89 -28.35 -36.14
CA THR D 372 -32.92 -28.79 -34.75
C THR D 372 -32.15 -27.82 -33.85
N GLY D 373 -30.95 -27.44 -34.27
CA GLY D 373 -30.19 -26.48 -33.49
C GLY D 373 -30.89 -25.14 -33.38
N GLU D 374 -31.50 -24.69 -34.47
CA GLU D 374 -32.23 -23.43 -34.43
C GLU D 374 -33.38 -23.49 -33.44
N ILE D 375 -34.13 -24.59 -33.45
CA ILE D 375 -35.28 -24.73 -32.58
C ILE D 375 -34.84 -24.74 -31.12
N LEU D 376 -33.77 -25.48 -30.83
CA LEU D 376 -33.27 -25.52 -29.45
C LEU D 376 -32.77 -24.16 -29.01
N SER D 377 -32.09 -23.43 -29.90
CA SER D 377 -31.58 -22.12 -29.54
C SER D 377 -32.71 -21.16 -29.21
N VAL D 378 -33.75 -21.13 -30.04
CA VAL D 378 -34.87 -20.23 -29.78
C VAL D 378 -35.61 -20.66 -28.52
N SER D 379 -35.70 -21.97 -28.29
CA SER D 379 -36.32 -22.46 -27.07
C SER D 379 -35.60 -21.98 -25.83
N GLY D 380 -34.28 -22.06 -25.83
CA GLY D 380 -33.52 -21.58 -24.70
C GLY D 380 -33.68 -20.10 -24.49
N GLY D 381 -33.70 -19.33 -25.57
CA GLY D 381 -33.93 -17.91 -25.44
C GLY D 381 -35.28 -17.59 -24.81
N VAL D 382 -36.30 -18.33 -25.20
CA VAL D 382 -37.63 -18.13 -24.61
C VAL D 382 -37.61 -18.47 -23.12
N TYR D 383 -36.92 -19.56 -22.77
CA TYR D 383 -36.84 -19.96 -21.38
C TYR D 383 -36.22 -18.87 -20.51
N PHE D 384 -35.07 -18.35 -20.95
CA PHE D 384 -34.42 -17.29 -20.20
C PHE D 384 -35.28 -16.05 -20.14
N PHE D 385 -36.02 -15.76 -21.21
CA PHE D 385 -36.89 -14.60 -21.25
C PHE D 385 -37.94 -14.67 -20.14
N PHE D 386 -38.64 -15.81 -20.06
CA PHE D 386 -39.68 -15.89 -19.06
C PHE D 386 -39.10 -15.96 -17.65
N ARG D 387 -37.93 -16.57 -17.48
CA ARG D 387 -37.30 -16.57 -16.17
C ARG D 387 -36.96 -15.15 -15.74
N GLY D 388 -36.48 -14.32 -16.67
CA GLY D 388 -36.18 -12.95 -16.33
C GLY D 388 -37.41 -12.17 -15.92
N ILE D 389 -38.52 -12.37 -16.63
CA ILE D 389 -39.74 -11.66 -16.25
C ILE D 389 -40.21 -12.11 -14.87
N GLN D 390 -40.13 -13.41 -14.59
CA GLN D 390 -40.52 -13.91 -13.29
C GLN D 390 -39.66 -13.31 -12.19
N TYR D 391 -38.36 -13.18 -12.45
CA TYR D 391 -37.46 -12.58 -11.48
C TYR D 391 -37.84 -11.13 -11.20
N PHE D 392 -38.05 -10.34 -12.25
CA PHE D 392 -38.34 -8.93 -12.04
C PHE D 392 -39.69 -8.75 -11.35
N LEU D 393 -40.67 -9.56 -11.69
CA LEU D 393 -41.96 -9.45 -11.01
C LEU D 393 -41.85 -9.85 -9.55
N GLN D 394 -41.08 -10.89 -9.24
CA GLN D 394 -40.99 -11.34 -7.87
C GLN D 394 -40.22 -10.36 -7.00
N ARG D 395 -39.15 -9.77 -7.54
CA ARG D 395 -38.32 -8.86 -6.76
C ARG D 395 -38.83 -7.43 -6.77
N ARG D 396 -39.32 -6.94 -7.91
CA ARG D 396 -39.73 -5.55 -8.07
C ARG D 396 -38.62 -4.59 -7.70
N PRO D 397 -37.45 -4.68 -8.33
CA PRO D 397 -36.34 -3.80 -7.94
C PRO D 397 -36.56 -2.37 -8.38
N SER D 398 -36.01 -1.45 -7.61
CA SER D 398 -36.05 -0.03 -7.96
C SER D 398 -35.00 0.28 -9.01
N LEU D 399 -35.15 1.44 -9.65
CA LEU D 399 -34.23 1.83 -10.71
C LEU D 399 -32.83 2.05 -10.19
N LYS D 400 -32.69 2.71 -9.04
CA LYS D 400 -31.38 3.11 -8.56
C LYS D 400 -30.50 1.91 -8.22
N SER D 401 -31.11 0.85 -7.70
CA SER D 401 -30.44 -0.42 -7.46
C SER D 401 -30.71 -1.43 -8.55
N LEU D 402 -31.23 -1.00 -9.70
CA LEU D 402 -31.59 -1.96 -10.74
C LEU D 402 -30.37 -2.69 -11.28
N PHE D 403 -29.28 -1.97 -11.50
CA PHE D 403 -28.04 -2.55 -11.99
C PHE D 403 -27.06 -2.91 -10.89
N VAL D 404 -27.15 -2.25 -9.73
CA VAL D 404 -26.22 -2.55 -8.64
C VAL D 404 -26.44 -3.97 -8.15
N ASP D 405 -27.69 -4.36 -8.01
CA ASP D 405 -28.11 -5.74 -7.85
C ASP D 405 -28.62 -6.23 -9.20
N SER D 406 -28.94 -7.53 -9.29
CA SER D 406 -29.63 -8.08 -10.46
C SER D 406 -28.82 -7.95 -11.74
N TYR D 407 -27.49 -7.88 -11.62
CA TYR D 407 -26.65 -7.70 -12.80
C TYR D 407 -26.76 -8.89 -13.75
N SER D 408 -26.58 -10.10 -13.20
CA SER D 408 -26.55 -11.29 -14.04
C SER D 408 -27.90 -11.56 -14.67
N GLU D 409 -28.98 -11.30 -13.92
CA GLU D 409 -30.30 -11.48 -14.50
C GLU D 409 -30.53 -10.51 -15.65
N ILE D 410 -30.02 -9.29 -15.52
CA ILE D 410 -30.18 -8.33 -16.59
C ILE D 410 -29.45 -8.81 -17.83
N LEU D 411 -28.24 -9.34 -17.67
CA LEU D 411 -27.50 -9.77 -18.85
C LEU D 411 -28.14 -10.99 -19.50
N PHE D 412 -28.63 -11.95 -18.70
CA PHE D 412 -29.34 -13.07 -19.30
C PHE D 412 -30.59 -12.61 -20.02
N PHE D 413 -31.31 -11.66 -19.42
CA PHE D 413 -32.51 -11.15 -20.05
C PHE D 413 -32.20 -10.46 -21.37
N VAL D 414 -31.11 -9.69 -21.40
CA VAL D 414 -30.72 -9.00 -22.62
C VAL D 414 -30.34 -10.00 -23.71
N GLN D 415 -29.65 -11.08 -23.33
CA GLN D 415 -29.38 -12.15 -24.29
C GLN D 415 -30.68 -12.67 -24.88
N SER D 416 -31.66 -12.94 -24.04
CA SER D 416 -32.90 -13.50 -24.56
C SER D 416 -33.62 -12.49 -25.45
N LEU D 417 -33.53 -11.21 -25.13
CA LEU D 417 -34.14 -10.21 -25.99
C LEU D 417 -33.50 -10.21 -27.37
N PHE D 418 -32.17 -10.30 -27.43
CA PHE D 418 -31.52 -10.35 -28.73
C PHE D 418 -31.93 -11.59 -29.51
N MET D 419 -32.09 -12.72 -28.83
CA MET D 419 -32.56 -13.93 -29.52
C MET D 419 -33.95 -13.71 -30.10
N LEU D 420 -34.85 -13.09 -29.33
CA LEU D 420 -36.21 -12.91 -29.85
C LEU D 420 -36.23 -11.94 -31.01
N VAL D 421 -35.43 -10.87 -30.94
CA VAL D 421 -35.38 -9.91 -32.03
C VAL D 421 -34.83 -10.58 -33.28
N SER D 422 -33.86 -11.48 -33.10
CA SER D 422 -33.37 -12.27 -34.22
C SER D 422 -34.48 -13.11 -34.83
N VAL D 423 -35.32 -13.74 -33.99
CA VAL D 423 -36.41 -14.54 -34.53
C VAL D 423 -37.38 -13.68 -35.32
N VAL D 424 -37.70 -12.51 -34.79
CA VAL D 424 -38.67 -11.62 -35.43
C VAL D 424 -38.17 -11.19 -36.78
N LEU D 425 -36.90 -10.79 -36.86
CA LEU D 425 -36.34 -10.42 -38.16
C LEU D 425 -36.24 -11.61 -39.08
N TYR D 426 -36.00 -12.81 -38.54
CA TYR D 426 -35.90 -14.00 -39.37
C TYR D 426 -37.21 -14.27 -40.10
N PHE D 427 -38.33 -14.15 -39.39
CA PHE D 427 -39.63 -14.34 -40.02
C PHE D 427 -40.22 -13.07 -40.62
N SER D 428 -39.54 -11.92 -40.49
CA SER D 428 -39.93 -10.70 -41.18
C SER D 428 -39.30 -10.56 -42.57
N GLN D 429 -38.63 -11.60 -43.07
CA GLN D 429 -37.98 -11.56 -44.38
C GLN D 429 -36.91 -10.48 -44.44
N ARG D 430 -36.00 -10.51 -43.48
CA ARG D 430 -34.88 -9.58 -43.41
C ARG D 430 -33.60 -10.36 -43.16
N LYS D 431 -32.52 -9.93 -43.80
CA LYS D 431 -31.21 -10.51 -43.50
C LYS D 431 -30.68 -10.07 -42.14
N GLU D 432 -31.15 -8.93 -41.63
CA GLU D 432 -30.52 -8.30 -40.46
C GLU D 432 -30.67 -9.12 -39.19
N TYR D 433 -31.48 -10.18 -39.19
CA TYR D 433 -31.52 -11.11 -38.08
C TYR D 433 -30.13 -11.63 -37.72
N VAL D 434 -29.25 -11.78 -38.74
CA VAL D 434 -27.89 -12.25 -38.50
C VAL D 434 -27.21 -11.37 -37.47
N ALA D 435 -27.36 -10.06 -37.62
CA ALA D 435 -26.71 -9.12 -36.72
C ALA D 435 -27.16 -9.33 -35.29
N SER D 436 -28.48 -9.45 -35.09
CA SER D 436 -28.97 -9.66 -33.73
C SER D 436 -28.48 -10.97 -33.17
N MET D 437 -28.50 -12.02 -34.01
CA MET D 437 -28.06 -13.34 -33.58
C MET D 437 -26.63 -13.28 -33.11
N VAL D 438 -25.79 -12.52 -33.83
CA VAL D 438 -24.37 -12.48 -33.53
C VAL D 438 -24.16 -11.93 -32.13
N PHE D 439 -24.89 -10.85 -31.80
CA PHE D 439 -24.71 -10.23 -30.49
C PHE D 439 -25.09 -11.19 -29.39
N SER D 440 -26.19 -11.93 -29.58
CA SER D 440 -26.65 -12.85 -28.56
C SER D 440 -25.61 -13.93 -28.34
N LEU D 441 -25.01 -14.41 -29.44
CA LEU D 441 -24.03 -15.48 -29.34
C LEU D 441 -22.85 -15.03 -28.51
N ALA D 442 -22.40 -13.79 -28.72
CA ALA D 442 -21.26 -13.29 -27.94
C ALA D 442 -21.62 -13.25 -26.47
N MET D 443 -22.79 -12.71 -26.15
CA MET D 443 -23.23 -12.67 -24.77
C MET D 443 -23.41 -14.06 -24.24
N GLY D 444 -23.83 -14.98 -25.11
CA GLY D 444 -24.09 -16.33 -24.69
C GLY D 444 -22.85 -17.00 -24.12
N TRP D 445 -21.68 -16.65 -24.66
CA TRP D 445 -20.46 -17.21 -24.08
C TRP D 445 -20.04 -16.43 -22.85
N THR D 446 -20.16 -15.11 -22.91
CA THR D 446 -19.61 -14.28 -21.84
C THR D 446 -20.37 -14.50 -20.54
N ASN D 447 -21.68 -14.69 -20.63
CA ASN D 447 -22.47 -14.94 -19.44
C ASN D 447 -22.14 -16.27 -18.78
N MET D 448 -21.36 -17.13 -19.44
CA MET D 448 -20.81 -18.32 -18.78
C MET D 448 -20.05 -17.96 -17.52
N LEU D 449 -19.48 -16.76 -17.43
CA LEU D 449 -18.76 -16.38 -16.22
C LEU D 449 -19.65 -16.29 -15.01
N TYR D 450 -20.98 -16.22 -15.18
CA TYR D 450 -21.89 -16.31 -14.05
C TYR D 450 -21.65 -17.56 -13.25
N TYR D 451 -21.31 -18.66 -13.90
CA TYR D 451 -21.11 -19.90 -13.16
C TYR D 451 -19.80 -19.95 -12.41
N THR D 452 -18.89 -19.01 -12.62
CA THR D 452 -17.73 -18.97 -11.75
C THR D 452 -18.07 -18.46 -10.36
N ARG D 453 -19.15 -17.69 -10.23
CA ARG D 453 -19.62 -17.29 -8.92
C ARG D 453 -19.99 -18.52 -8.11
N GLY D 454 -19.51 -18.56 -6.86
CA GLY D 454 -19.69 -19.72 -6.00
C GLY D 454 -18.50 -20.63 -5.92
N PHE D 455 -17.39 -20.29 -6.55
CA PHE D 455 -16.09 -20.93 -6.33
C PHE D 455 -15.20 -19.91 -5.64
N GLN D 456 -14.39 -20.39 -4.69
CA GLN D 456 -13.52 -19.46 -3.97
C GLN D 456 -12.48 -18.84 -4.90
N GLN D 457 -12.00 -19.61 -5.88
CA GLN D 457 -10.93 -19.13 -6.74
C GLN D 457 -11.46 -18.34 -7.93
N MET D 458 -12.39 -18.91 -8.69
CA MET D 458 -12.82 -18.31 -9.95
C MET D 458 -13.94 -17.30 -9.78
N GLY D 459 -14.66 -17.31 -8.66
CA GLY D 459 -15.72 -16.35 -8.46
C GLY D 459 -15.23 -14.91 -8.36
N ILE D 460 -13.97 -14.71 -8.00
CA ILE D 460 -13.47 -13.35 -7.79
C ILE D 460 -13.45 -12.56 -9.08
N TYR D 461 -13.22 -13.22 -10.22
CA TYR D 461 -13.02 -12.49 -11.46
C TYR D 461 -14.32 -11.90 -11.98
N ALA D 462 -15.42 -12.64 -11.86
CA ALA D 462 -16.69 -12.12 -12.32
C ALA D 462 -17.12 -10.89 -11.54
N VAL D 463 -16.98 -10.93 -10.22
CA VAL D 463 -17.37 -9.77 -9.42
C VAL D 463 -16.43 -8.60 -9.68
N MET D 464 -15.13 -8.88 -9.92
CA MET D 464 -14.21 -7.80 -10.24
C MET D 464 -14.62 -7.10 -11.53
N ILE D 465 -14.99 -7.87 -12.54
CA ILE D 465 -15.43 -7.28 -13.79
C ILE D 465 -16.74 -6.51 -13.57
N GLU D 466 -17.62 -7.04 -12.73
CA GLU D 466 -18.89 -6.37 -12.45
C GLU D 466 -18.66 -5.00 -11.83
N LYS D 467 -17.86 -4.93 -10.78
CA LYS D 467 -17.58 -3.66 -10.14
C LYS D 467 -16.86 -2.71 -11.10
N MET D 468 -15.91 -3.22 -11.87
CA MET D 468 -15.15 -2.35 -12.75
C MET D 468 -16.00 -1.82 -13.89
N ILE D 469 -17.01 -2.56 -14.32
CA ILE D 469 -17.88 -2.04 -15.37
C ILE D 469 -18.87 -1.06 -14.79
N LEU D 470 -19.49 -1.39 -13.66
CA LEU D 470 -20.57 -0.55 -13.16
C LEU D 470 -20.05 0.75 -12.56
N ARG D 471 -18.92 0.72 -11.86
CA ARG D 471 -18.46 1.88 -11.13
C ARG D 471 -17.57 2.76 -11.99
N ASP D 472 -16.47 2.19 -12.50
CA ASP D 472 -15.39 3.02 -13.01
C ASP D 472 -15.65 3.51 -14.43
N LEU D 473 -15.94 2.59 -15.35
CA LEU D 473 -16.12 2.98 -16.74
C LEU D 473 -17.33 3.89 -16.91
N CYS D 474 -18.39 3.64 -16.15
CA CYS D 474 -19.60 4.45 -16.27
C CYS D 474 -19.34 5.89 -15.91
N ARG D 475 -18.54 6.14 -14.87
CA ARG D 475 -18.21 7.51 -14.51
C ARG D 475 -17.20 8.11 -15.48
N PHE D 476 -16.17 7.36 -15.83
CA PHE D 476 -15.09 7.90 -16.64
C PHE D 476 -15.53 8.15 -18.09
N MET D 477 -16.65 7.54 -18.51
CA MET D 477 -17.17 7.74 -19.85
C MET D 477 -17.42 9.21 -20.16
N PHE D 478 -17.97 9.96 -19.22
CA PHE D 478 -18.33 11.35 -19.53
C PHE D 478 -17.09 12.21 -19.73
N VAL D 479 -16.07 12.00 -18.90
CA VAL D 479 -14.83 12.76 -19.04
C VAL D 479 -14.17 12.44 -20.38
N TYR D 480 -14.09 11.16 -20.71
CA TYR D 480 -13.43 10.81 -21.96
C TYR D 480 -14.23 11.30 -23.16
N LEU D 481 -15.56 11.22 -23.09
CA LEU D 481 -16.35 11.73 -24.20
C LEU D 481 -16.23 13.23 -24.33
N VAL D 482 -16.07 13.95 -23.22
CA VAL D 482 -15.84 15.39 -23.29
C VAL D 482 -14.57 15.67 -24.07
N PHE D 483 -13.49 14.97 -23.72
CA PHE D 483 -12.23 15.19 -24.43
C PHE D 483 -12.35 14.78 -25.89
N LEU D 484 -12.95 13.62 -26.15
CA LEU D 484 -13.05 13.10 -27.51
C LEU D 484 -13.85 14.05 -28.39
N PHE D 485 -15.01 14.49 -27.91
CA PHE D 485 -15.85 15.34 -28.72
C PHE D 485 -15.21 16.71 -28.94
N GLY D 486 -14.60 17.27 -27.90
CA GLY D 486 -13.97 18.57 -28.05
C GLY D 486 -12.88 18.56 -29.09
N PHE D 487 -11.94 17.63 -28.98
CA PHE D 487 -10.84 17.61 -29.93
C PHE D 487 -11.30 17.15 -31.32
N SER D 488 -12.27 16.24 -31.39
CA SER D 488 -12.78 15.80 -32.68
C SER D 488 -13.42 16.94 -33.44
N THR D 489 -14.24 17.74 -32.76
CA THR D 489 -14.85 18.87 -33.44
C THR D 489 -13.82 19.92 -33.80
N ALA D 490 -12.78 20.08 -32.98
CA ALA D 490 -11.69 20.98 -33.36
C ALA D 490 -11.02 20.54 -34.65
N VAL D 491 -10.70 19.26 -34.74
CA VAL D 491 -9.98 18.75 -35.91
C VAL D 491 -10.86 18.86 -37.16
N VAL D 492 -12.13 18.44 -37.05
CA VAL D 492 -13.00 18.50 -38.20
C VAL D 492 -13.28 19.93 -38.60
N THR D 493 -13.22 20.87 -37.67
CA THR D 493 -13.27 22.26 -38.09
C THR D 493 -12.06 22.62 -38.90
N LEU D 494 -10.89 22.13 -38.51
CA LEU D 494 -9.66 22.63 -39.13
C LEU D 494 -9.50 22.12 -40.56
N ILE D 495 -9.67 20.82 -40.77
CA ILE D 495 -9.27 20.20 -42.03
C ILE D 495 -10.29 20.54 -43.10
N GLU D 496 -9.80 20.95 -44.27
CA GLU D 496 -10.61 21.23 -45.45
C GLU D 496 -10.37 20.12 -46.47
N ASP D 497 -11.30 19.17 -46.55
CA ASP D 497 -11.34 18.16 -47.61
C ASP D 497 -10.08 17.27 -47.57
N GLY D 498 -10.01 16.46 -46.52
CA GLY D 498 -9.02 15.42 -46.40
C GLY D 498 -9.67 14.13 -45.97
N LYS D 499 -8.87 13.20 -45.43
CA LYS D 499 -9.43 12.00 -44.81
C LYS D 499 -10.07 12.30 -43.48
N TYR D 500 -9.63 13.36 -42.80
CA TYR D 500 -10.13 13.69 -41.48
C TYR D 500 -11.51 14.33 -41.54
N ASN D 501 -11.82 15.08 -42.61
CA ASN D 501 -12.97 16.00 -42.59
C ASN D 501 -14.32 15.29 -42.56
N SER D 502 -14.56 14.55 -41.47
CA SER D 502 -15.82 13.85 -41.18
C SER D 502 -15.70 13.31 -39.76
N LEU D 503 -16.70 13.53 -38.91
CA LEU D 503 -16.54 13.21 -37.49
C LEU D 503 -16.41 11.71 -37.24
N TYR D 504 -16.88 10.87 -38.15
CA TYR D 504 -16.88 9.43 -37.91
C TYR D 504 -15.45 8.91 -37.92
N SER D 505 -14.76 9.11 -39.05
CA SER D 505 -13.38 8.66 -39.12
C SER D 505 -12.51 9.39 -38.12
N THR D 506 -12.79 10.67 -37.86
CA THR D 506 -11.99 11.39 -36.88
C THR D 506 -12.19 10.81 -35.48
N CYS D 507 -13.43 10.51 -35.10
CA CYS D 507 -13.69 9.93 -33.78
C CYS D 507 -13.04 8.56 -33.68
N LEU D 508 -13.15 7.74 -34.72
CA LEU D 508 -12.50 6.44 -34.71
C LEU D 508 -10.99 6.57 -34.58
N GLU D 509 -10.40 7.48 -35.35
CA GLU D 509 -8.96 7.62 -35.36
C GLU D 509 -8.46 8.14 -34.03
N LEU D 510 -9.15 9.12 -33.46
CA LEU D 510 -8.75 9.61 -32.15
C LEU D 510 -8.97 8.56 -31.07
N PHE D 511 -9.99 7.71 -31.21
CA PHE D 511 -10.11 6.62 -30.26
C PHE D 511 -8.93 5.68 -30.35
N LYS D 512 -8.49 5.37 -31.57
CA LYS D 512 -7.27 4.58 -31.73
C LYS D 512 -6.09 5.26 -31.07
N PHE D 513 -6.03 6.59 -31.14
CA PHE D 513 -4.96 7.30 -30.46
C PHE D 513 -5.07 7.18 -28.94
N THR D 514 -6.30 7.07 -28.42
CA THR D 514 -6.46 6.92 -26.97
C THR D 514 -5.84 5.63 -26.47
N ILE D 515 -6.03 4.53 -27.19
CA ILE D 515 -5.50 3.23 -26.79
C ILE D 515 -4.09 3.01 -27.36
N GLY D 516 -3.45 4.06 -27.85
CA GLY D 516 -2.08 3.92 -28.29
C GLY D 516 -1.92 3.06 -29.51
N MET D 517 -2.82 3.18 -30.47
CA MET D 517 -2.70 2.46 -31.72
C MET D 517 -3.02 3.40 -32.88
N GLY D 518 -2.46 4.60 -32.84
CA GLY D 518 -2.50 5.52 -33.95
C GLY D 518 -1.39 5.25 -34.94
N ASP D 519 -1.24 6.19 -35.88
CA ASP D 519 -0.22 6.12 -36.93
C ASP D 519 0.72 7.31 -36.89
N LEU D 520 0.21 8.54 -36.82
CA LEU D 520 1.03 9.75 -36.83
C LEU D 520 1.87 9.87 -38.09
N GLU D 521 1.21 9.85 -39.26
CA GLU D 521 1.87 10.05 -40.55
C GLU D 521 1.63 11.48 -41.02
N PHE D 522 2.51 12.38 -40.58
CA PHE D 522 2.48 13.78 -41.02
C PHE D 522 3.35 13.97 -42.26
N THR D 523 2.85 13.49 -43.39
CA THR D 523 3.48 13.72 -44.70
C THR D 523 2.42 14.12 -45.71
N GLU D 524 1.50 14.97 -45.29
CA GLU D 524 0.36 15.41 -46.06
C GLU D 524 0.59 16.85 -46.53
N ASN D 525 -0.38 17.36 -47.29
CA ASN D 525 -0.25 18.63 -48.01
C ASN D 525 -1.31 19.65 -47.61
N TYR D 526 -1.99 19.44 -46.49
CA TYR D 526 -2.96 20.42 -46.01
C TYR D 526 -2.24 21.56 -45.31
N ASP D 527 -2.81 22.75 -45.42
CA ASP D 527 -2.26 23.89 -44.71
C ASP D 527 -2.64 23.78 -43.24
N PHE D 528 -2.11 24.71 -42.43
CA PHE D 528 -2.26 24.68 -40.99
C PHE D 528 -1.77 23.35 -40.41
N LYS D 529 -0.67 22.86 -40.98
CA LYS D 529 -0.12 21.58 -40.50
C LYS D 529 0.39 21.69 -39.08
N ALA D 530 1.08 22.79 -38.77
CA ALA D 530 1.67 22.94 -37.45
C ALA D 530 0.60 23.03 -36.37
N VAL D 531 -0.49 23.74 -36.66
CA VAL D 531 -1.60 23.84 -35.73
C VAL D 531 -2.22 22.47 -35.50
N PHE D 532 -2.37 21.68 -36.57
CA PHE D 532 -2.91 20.34 -36.44
C PHE D 532 -2.01 19.47 -35.58
N ILE D 533 -0.70 19.57 -35.79
CA ILE D 533 0.23 18.75 -35.03
C ILE D 533 0.18 19.11 -33.56
N ILE D 534 0.09 20.41 -33.27
CA ILE D 534 -0.01 20.83 -31.88
C ILE D 534 -1.28 20.26 -31.24
N LEU D 535 -2.40 20.33 -31.96
CA LEU D 535 -3.65 19.82 -31.40
C LEU D 535 -3.59 18.31 -31.17
N LEU D 536 -3.09 17.57 -32.15
CA LEU D 536 -3.12 16.13 -32.04
C LEU D 536 -2.15 15.64 -30.98
N LEU D 537 -0.98 16.26 -30.88
CA LEU D 537 -0.06 15.89 -29.82
C LEU D 537 -0.61 16.24 -28.45
N ALA D 538 -1.32 17.38 -28.35
CA ALA D 538 -1.95 17.72 -27.08
C ALA D 538 -2.99 16.68 -26.69
N TYR D 539 -3.81 16.26 -27.66
CA TYR D 539 -4.79 15.21 -27.38
C TYR D 539 -4.10 13.93 -26.96
N VAL D 540 -3.04 13.56 -27.67
CA VAL D 540 -2.38 12.28 -27.42
C VAL D 540 -1.78 12.27 -26.03
N ILE D 541 -1.13 13.37 -25.64
CA ILE D 541 -0.58 13.45 -24.30
C ILE D 541 -1.69 13.41 -23.27
N LEU D 542 -2.76 14.17 -23.51
CA LEU D 542 -3.81 14.28 -22.50
C LEU D 542 -4.54 12.96 -22.30
N THR D 543 -4.79 12.21 -23.37
CA THR D 543 -5.56 10.99 -23.24
C THR D 543 -4.70 9.78 -22.95
N TYR D 544 -3.64 9.56 -23.72
CA TYR D 544 -2.92 8.31 -23.64
C TYR D 544 -2.03 8.24 -22.40
N ILE D 545 -1.44 9.36 -22.00
CA ILE D 545 -0.54 9.38 -20.85
C ILE D 545 -1.29 9.65 -19.56
N LEU D 546 -2.10 10.70 -19.55
CA LEU D 546 -2.67 11.22 -18.31
C LEU D 546 -3.98 10.54 -17.95
N LEU D 547 -4.96 10.56 -18.85
CA LEU D 547 -6.28 10.05 -18.51
C LEU D 547 -6.28 8.54 -18.38
N LEU D 548 -5.68 7.84 -19.33
CA LEU D 548 -5.78 6.39 -19.35
C LEU D 548 -5.11 5.79 -18.14
N ASN D 549 -3.97 6.32 -17.73
CA ASN D 549 -3.30 5.80 -16.54
C ASN D 549 -4.03 6.18 -15.27
N MET D 550 -4.74 7.31 -15.28
CA MET D 550 -5.62 7.62 -14.15
C MET D 550 -6.71 6.56 -14.02
N LEU D 551 -7.31 6.19 -15.16
CA LEU D 551 -8.30 5.12 -15.16
C LEU D 551 -7.70 3.83 -14.66
N ILE D 552 -6.50 3.50 -15.10
CA ILE D 552 -5.90 2.22 -14.75
C ILE D 552 -5.54 2.19 -13.28
N ALA D 553 -5.08 3.30 -12.73
CA ALA D 553 -4.82 3.35 -11.29
C ALA D 553 -6.09 3.15 -10.49
N LEU D 554 -7.18 3.78 -10.93
CA LEU D 554 -8.44 3.60 -10.20
C LEU D 554 -8.94 2.16 -10.31
N MET D 555 -8.82 1.56 -11.50
CA MET D 555 -9.23 0.17 -11.65
C MET D 555 -8.37 -0.75 -10.78
N GLY D 556 -7.07 -0.46 -10.67
CA GLY D 556 -6.24 -1.24 -9.78
C GLY D 556 -6.66 -1.10 -8.32
N GLU D 557 -7.04 0.11 -7.94
CA GLU D 557 -7.56 0.32 -6.59
C GLU D 557 -8.80 -0.52 -6.35
N THR D 558 -9.70 -0.54 -7.33
CA THR D 558 -10.89 -1.39 -7.23
C THR D 558 -10.51 -2.86 -7.15
N VAL D 559 -9.51 -3.27 -7.92
CA VAL D 559 -9.13 -4.68 -7.99
C VAL D 559 -8.61 -5.16 -6.66
N ASN D 560 -7.67 -4.43 -6.08
CA ASN D 560 -7.11 -4.84 -4.79
C ASN D 560 -8.07 -4.59 -3.64
N LYS D 561 -9.05 -3.72 -3.82
CA LYS D 561 -9.96 -3.44 -2.72
C LYS D 561 -10.83 -4.63 -2.38
N ILE D 562 -11.05 -5.55 -3.33
CA ILE D 562 -11.86 -6.74 -3.12
C ILE D 562 -11.08 -8.03 -3.34
N ALA D 563 -9.75 -7.97 -3.47
CA ALA D 563 -9.01 -9.21 -3.59
C ALA D 563 -9.07 -10.00 -2.30
N GLN D 564 -8.97 -9.31 -1.16
CA GLN D 564 -9.05 -9.99 0.13
C GLN D 564 -10.48 -10.31 0.56
N GLU D 565 -11.48 -9.71 -0.07
CA GLU D 565 -12.88 -9.92 0.29
C GLU D 565 -13.48 -11.14 -0.40
N SER D 566 -12.66 -12.00 -1.00
CA SER D 566 -13.17 -13.12 -1.79
C SER D 566 -14.01 -14.08 -0.95
N LYS D 567 -13.65 -14.26 0.31
CA LYS D 567 -14.37 -15.17 1.19
C LYS D 567 -15.83 -14.75 1.33
N ASN D 568 -16.05 -13.49 1.69
CA ASN D 568 -17.39 -12.98 1.91
C ASN D 568 -18.24 -13.03 0.65
N ILE D 569 -17.64 -12.61 -0.46
CA ILE D 569 -18.37 -12.54 -1.72
C ILE D 569 -18.75 -13.93 -2.17
N TRP D 570 -17.83 -14.88 -2.01
CA TRP D 570 -18.12 -16.28 -2.29
C TRP D 570 -19.29 -16.79 -1.45
N LYS D 571 -19.29 -16.46 -0.15
CA LYS D 571 -20.37 -16.91 0.72
C LYS D 571 -21.73 -16.36 0.28
N LEU D 572 -21.77 -15.07 -0.06
CA LEU D 572 -23.05 -14.48 -0.44
C LEU D 572 -23.56 -15.07 -1.74
N GLN D 573 -22.68 -15.27 -2.72
CA GLN D 573 -23.08 -15.90 -3.96
C GLN D 573 -23.58 -17.32 -3.73
N ARG D 574 -22.91 -18.04 -2.83
CA ARG D 574 -23.32 -19.40 -2.50
C ARG D 574 -24.74 -19.41 -1.91
N ALA D 575 -25.03 -18.46 -1.03
CA ALA D 575 -26.36 -18.38 -0.43
C ALA D 575 -27.42 -18.08 -1.47
N ILE D 576 -27.14 -17.15 -2.38
CA ILE D 576 -28.14 -16.80 -3.39
C ILE D 576 -28.40 -17.98 -4.29
N THR D 577 -27.35 -18.70 -4.69
CA THR D 577 -27.53 -19.88 -5.53
C THR D 577 -28.37 -20.93 -4.82
N ILE D 578 -28.13 -21.15 -3.53
CA ILE D 578 -28.87 -22.17 -2.80
C ILE D 578 -30.35 -21.81 -2.75
N LEU D 579 -30.67 -20.56 -2.44
CA LEU D 579 -32.07 -20.17 -2.37
C LEU D 579 -32.74 -20.26 -3.73
N ASP D 580 -32.04 -19.86 -4.80
CA ASP D 580 -32.63 -19.97 -6.12
C ASP D 580 -32.88 -21.42 -6.51
N THR D 581 -31.96 -22.31 -6.15
CA THR D 581 -32.16 -23.73 -6.45
C THR D 581 -33.32 -24.29 -5.66
N GLU D 582 -33.45 -23.88 -4.39
CA GLU D 582 -34.57 -24.34 -3.59
C GLU D 582 -35.90 -23.82 -4.11
N LYS D 583 -35.91 -22.62 -4.68
CA LYS D 583 -37.19 -22.03 -5.06
C LYS D 583 -37.83 -22.76 -6.23
N SER D 584 -37.05 -23.04 -7.29
CA SER D 584 -37.67 -23.53 -8.51
C SER D 584 -37.78 -25.05 -8.53
N PHE D 585 -36.65 -25.74 -8.68
CA PHE D 585 -36.49 -27.18 -8.43
C PHE D 585 -37.24 -28.14 -9.35
N LEU D 586 -38.27 -27.68 -10.10
CA LEU D 586 -38.86 -28.35 -11.26
C LEU D 586 -39.28 -29.80 -10.97
N LYS D 587 -39.69 -30.09 -9.72
CA LYS D 587 -40.24 -31.38 -9.38
C LYS D 587 -41.37 -31.31 -8.35
N CYS D 588 -41.77 -30.11 -7.89
CA CYS D 588 -42.86 -29.86 -6.94
C CYS D 588 -42.57 -30.35 -5.52
N MET D 589 -41.40 -30.94 -5.25
CA MET D 589 -41.03 -31.42 -3.93
C MET D 589 -40.15 -30.37 -3.28
N ARG D 590 -40.23 -30.28 -1.95
CA ARG D 590 -39.43 -29.35 -1.16
C ARG D 590 -38.90 -30.03 0.08
N LYS D 591 -38.33 -31.23 -0.08
CA LYS D 591 -37.69 -31.97 1.01
C LYS D 591 -36.29 -31.42 1.22
N ALA D 592 -36.25 -30.18 1.72
CA ALA D 592 -35.02 -29.45 2.03
C ALA D 592 -34.86 -29.20 3.53
N PHE D 593 -35.58 -29.93 4.37
CA PHE D 593 -35.37 -29.80 5.80
C PHE D 593 -33.97 -30.28 6.16
N ARG D 594 -33.35 -29.60 7.11
CA ARG D 594 -31.99 -29.95 7.47
C ARG D 594 -31.94 -31.18 8.36
N SER D 595 -32.83 -31.28 9.34
CA SER D 595 -32.84 -32.41 10.26
C SER D 595 -34.26 -32.71 10.68
N GLY D 596 -34.42 -33.64 11.61
CA GLY D 596 -35.71 -34.19 11.92
C GLY D 596 -36.56 -33.27 12.76
N LYS D 597 -37.81 -33.67 12.93
CA LYS D 597 -38.77 -32.94 13.74
C LYS D 597 -38.56 -33.35 15.19
N LEU D 598 -37.53 -32.77 15.80
CA LEU D 598 -37.06 -33.15 17.11
C LEU D 598 -37.71 -32.27 18.17
N LEU D 599 -37.72 -32.76 19.41
CA LEU D 599 -38.22 -32.01 20.55
C LEU D 599 -37.07 -31.34 21.29
N GLN D 600 -37.26 -30.06 21.61
CA GLN D 600 -36.24 -29.28 22.31
C GLN D 600 -36.43 -29.36 23.81
N VAL D 601 -37.58 -28.89 24.30
CA VAL D 601 -37.92 -28.88 25.72
C VAL D 601 -39.02 -29.88 26.02
N GLY D 602 -40.14 -29.78 25.30
CA GLY D 602 -41.27 -30.64 25.54
C GLY D 602 -42.15 -30.25 26.71
N PHE D 603 -41.85 -29.14 27.38
CA PHE D 603 -42.61 -28.69 28.55
C PHE D 603 -42.93 -27.21 28.32
N THR D 604 -44.04 -26.98 27.66
CA THR D 604 -44.55 -25.64 27.47
C THR D 604 -45.14 -25.14 28.78
N PRO D 605 -45.49 -23.85 28.86
CA PRO D 605 -46.28 -23.40 30.02
C PRO D 605 -47.59 -24.12 30.15
N ASP D 606 -48.19 -24.55 29.04
CA ASP D 606 -49.38 -25.39 29.05
C ASP D 606 -48.93 -26.84 28.96
N GLY D 607 -49.90 -27.76 28.90
CA GLY D 607 -49.62 -29.19 28.97
C GLY D 607 -49.12 -29.82 27.69
N LYS D 608 -48.87 -29.04 26.65
CA LYS D 608 -48.37 -29.54 25.40
C LYS D 608 -46.85 -29.69 25.45
N ASP D 609 -46.33 -30.43 24.47
CA ASP D 609 -44.91 -30.61 24.25
C ASP D 609 -44.60 -30.23 22.80
N ASP D 610 -43.48 -29.55 22.59
CA ASP D 610 -43.18 -28.92 21.31
C ASP D 610 -42.08 -29.67 20.56
N TYR D 611 -42.29 -29.81 19.26
CA TYR D 611 -41.27 -30.21 18.31
C TYR D 611 -41.10 -29.06 17.32
N ARG D 612 -39.84 -28.75 16.96
CA ARG D 612 -39.53 -27.51 16.28
C ARG D 612 -38.51 -27.65 15.15
N TRP D 613 -38.31 -28.85 14.60
CA TRP D 613 -37.39 -29.06 13.49
C TRP D 613 -35.98 -28.62 13.85
N CYS D 614 -35.49 -29.14 14.96
CA CYS D 614 -34.20 -28.71 15.47
C CYS D 614 -33.07 -29.23 14.58
N PHE D 615 -31.93 -28.57 14.67
CA PHE D 615 -30.77 -28.79 13.82
C PHE D 615 -29.58 -29.00 14.74
N ARG D 616 -28.94 -30.16 14.61
CA ARG D 616 -27.81 -30.51 15.45
C ARG D 616 -26.52 -29.98 14.85
N VAL D 617 -25.71 -29.33 15.68
CA VAL D 617 -24.44 -28.75 15.27
C VAL D 617 -23.41 -29.06 16.33
N ASP D 618 -22.25 -29.55 15.90
CA ASP D 618 -21.12 -29.82 16.77
C ASP D 618 -20.03 -28.82 16.44
N GLU D 619 -19.48 -28.18 17.48
CA GLU D 619 -18.48 -27.13 17.31
C GLU D 619 -17.30 -27.36 18.24
N VAL D 620 -16.14 -26.88 17.79
CA VAL D 620 -14.86 -27.07 18.45
C VAL D 620 -14.28 -25.70 18.77
N ASN D 621 -13.83 -25.54 20.01
CA ASN D 621 -13.16 -24.30 20.43
C ASN D 621 -12.06 -24.67 21.40
N TRP D 622 -10.84 -24.25 21.08
CA TRP D 622 -9.66 -24.59 21.86
C TRP D 622 -9.35 -23.54 22.92
N THR D 623 -10.29 -22.66 23.25
CA THR D 623 -10.03 -21.67 24.28
C THR D 623 -9.95 -22.34 25.64
N THR D 624 -8.85 -22.07 26.35
CA THR D 624 -8.59 -22.62 27.68
C THR D 624 -8.60 -24.14 27.67
#